data_2CX6
# 
_entry.id   2CX6 
# 
_audit_conform.dict_name       mmcif_pdbx.dic 
_audit_conform.dict_version    5.397 
_audit_conform.dict_location   http://mmcif.pdb.org/dictionaries/ascii/mmcif_pdbx.dic 
# 
loop_
_database_2.database_id 
_database_2.database_code 
_database_2.pdbx_database_accession 
_database_2.pdbx_DOI 
PDB   2CX6         pdb_00002cx6 10.2210/pdb2cx6/pdb 
RCSB  RCSB024726   ?            ?                   
WWPDB D_1000024726 ?            ?                   
# 
loop_
_pdbx_audit_revision_history.ordinal 
_pdbx_audit_revision_history.data_content_type 
_pdbx_audit_revision_history.major_revision 
_pdbx_audit_revision_history.minor_revision 
_pdbx_audit_revision_history.revision_date 
1 'Structure model' 1 0 2005-12-28 
2 'Structure model' 1 1 2008-04-30 
3 'Structure model' 1 2 2011-07-13 
4 'Structure model' 1 3 2024-10-16 
# 
_pdbx_audit_revision_details.ordinal             1 
_pdbx_audit_revision_details.revision_ordinal    1 
_pdbx_audit_revision_details.data_content_type   'Structure model' 
_pdbx_audit_revision_details.provider            repository 
_pdbx_audit_revision_details.type                'Initial release' 
_pdbx_audit_revision_details.description         ? 
_pdbx_audit_revision_details.details             ? 
# 
loop_
_pdbx_audit_revision_group.ordinal 
_pdbx_audit_revision_group.revision_ordinal 
_pdbx_audit_revision_group.data_content_type 
_pdbx_audit_revision_group.group 
1 2 'Structure model' 'Version format compliance' 
2 3 'Structure model' 'Source and taxonomy'       
3 3 'Structure model' 'Version format compliance' 
4 4 'Structure model' 'Data collection'           
5 4 'Structure model' 'Database references'       
6 4 'Structure model' 'Derived calculations'      
7 4 'Structure model' 'Structure summary'         
# 
loop_
_pdbx_audit_revision_category.ordinal 
_pdbx_audit_revision_category.revision_ordinal 
_pdbx_audit_revision_category.data_content_type 
_pdbx_audit_revision_category.category 
1 4 'Structure model' chem_comp_atom            
2 4 'Structure model' chem_comp_bond            
3 4 'Structure model' database_2                
4 4 'Structure model' pdbx_entry_details        
5 4 'Structure model' pdbx_modification_feature 
6 4 'Structure model' struct_conn               
7 4 'Structure model' struct_ref_seq_dif        
# 
loop_
_pdbx_audit_revision_item.ordinal 
_pdbx_audit_revision_item.revision_ordinal 
_pdbx_audit_revision_item.data_content_type 
_pdbx_audit_revision_item.item 
1 4 'Structure model' '_database_2.pdbx_DOI'                
2 4 'Structure model' '_database_2.pdbx_database_accession' 
3 4 'Structure model' '_struct_conn.pdbx_leaving_atom_flag' 
4 4 'Structure model' '_struct_ref_seq_dif.details'         
# 
_pdbx_database_status.status_code                     REL 
_pdbx_database_status.entry_id                        2CX6 
_pdbx_database_status.recvd_initial_deposition_date   2005-06-28 
_pdbx_database_status.deposit_site                    PDBJ 
_pdbx_database_status.process_site                    PDBJ 
_pdbx_database_status.status_code_sf                  REL 
_pdbx_database_status.status_code_mr                  ? 
_pdbx_database_status.SG_entry                        Y 
_pdbx_database_status.pdb_format_compatible           Y 
_pdbx_database_status.status_code_cs                  ? 
_pdbx_database_status.status_code_nmr_data            ? 
_pdbx_database_status.methods_development_category    ? 
# 
_pdbx_database_related.db_name        TargetDB 
_pdbx_database_related.db_id          eco002003208.1 
_pdbx_database_related.details        . 
_pdbx_database_related.content_type   unspecified 
# 
loop_
_audit_author.name 
_audit_author.pdbx_ordinal 
'Murayama, K.'                                           1 
'Kawazoe, M.'                                            2 
'Shirouzu, M.'                                           3 
'Yokoyama, S.'                                           4 
'RIKEN Structural Genomics/Proteomics Initiative (RSGI)' 5 
# 
_citation.id                        primary 
_citation.title                     'Crystal structure of ribonuclease inhibitor Barstar' 
_citation.journal_abbrev            'To be Published' 
_citation.journal_volume            ? 
_citation.page_first                ? 
_citation.page_last                 ? 
_citation.year                      ? 
_citation.journal_id_ASTM           ? 
_citation.country                   ? 
_citation.journal_id_ISSN           ? 
_citation.journal_id_CSD            0353 
_citation.book_publisher            ? 
_citation.pdbx_database_id_PubMed   ? 
_citation.pdbx_database_id_DOI      ? 
# 
loop_
_citation_author.citation_id 
_citation_author.name 
_citation_author.ordinal 
_citation_author.identifier_ORCID 
primary 'Murayama, K.' 1 ? 
primary 'Kawazoe, M.'  2 ? 
primary 'Shirouzu, M.' 3 ? 
primary 'Yokoyama, S.' 4 ? 
# 
loop_
_entity.id 
_entity.type 
_entity.src_method 
_entity.pdbx_description 
_entity.formula_weight 
_entity.pdbx_number_of_molecules 
_entity.pdbx_ec 
_entity.pdbx_mutation 
_entity.pdbx_fragment 
_entity.details 
1 polymer man 'Hypothetical protein yhcO' 10902.902 2  ? ? ? ? 
2 water   nat water                       18.015    34 ? ? ? ? 
# 
_entity_name_com.entity_id   1 
_entity_name_com.name        'nuclease inhibitor' 
# 
_entity_poly.entity_id                      1 
_entity_poly.type                           'polypeptide(L)' 
_entity_poly.nstd_linkage                   no 
_entity_poly.nstd_monomer                   yes 
_entity_poly.pdbx_seq_one_letter_code       
;(MSE)NIYTFDFDEIESQEDFYRDFSQTFGLAKDKVRDLDSLWDVL(MSE)NDVLPLPLEIEFVHLGEKTRRRFGALILL
FDEAEEELEGHLRFNVRH
;
_entity_poly.pdbx_seq_one_letter_code_can   
;MNIYTFDFDEIESQEDFYRDFSQTFGLAKDKVRDLDSLWDVLMNDVLPLPLEIEFVHLGEKTRRRFGALILLFDEAEEEL
EGHLRFNVRH
;
_entity_poly.pdbx_strand_id                 A,B 
_entity_poly.pdbx_target_identifier         eco002003208.1 
# 
_pdbx_entity_nonpoly.entity_id   2 
_pdbx_entity_nonpoly.name        water 
_pdbx_entity_nonpoly.comp_id     HOH 
# 
loop_
_entity_poly_seq.entity_id 
_entity_poly_seq.num 
_entity_poly_seq.mon_id 
_entity_poly_seq.hetero 
1 1  MSE n 
1 2  ASN n 
1 3  ILE n 
1 4  TYR n 
1 5  THR n 
1 6  PHE n 
1 7  ASP n 
1 8  PHE n 
1 9  ASP n 
1 10 GLU n 
1 11 ILE n 
1 12 GLU n 
1 13 SER n 
1 14 GLN n 
1 15 GLU n 
1 16 ASP n 
1 17 PHE n 
1 18 TYR n 
1 19 ARG n 
1 20 ASP n 
1 21 PHE n 
1 22 SER n 
1 23 GLN n 
1 24 THR n 
1 25 PHE n 
1 26 GLY n 
1 27 LEU n 
1 28 ALA n 
1 29 LYS n 
1 30 ASP n 
1 31 LYS n 
1 32 VAL n 
1 33 ARG n 
1 34 ASP n 
1 35 LEU n 
1 36 ASP n 
1 37 SER n 
1 38 LEU n 
1 39 TRP n 
1 40 ASP n 
1 41 VAL n 
1 42 LEU n 
1 43 MSE n 
1 44 ASN n 
1 45 ASP n 
1 46 VAL n 
1 47 LEU n 
1 48 PRO n 
1 49 LEU n 
1 50 PRO n 
1 51 LEU n 
1 52 GLU n 
1 53 ILE n 
1 54 GLU n 
1 55 PHE n 
1 56 VAL n 
1 57 HIS n 
1 58 LEU n 
1 59 GLY n 
1 60 GLU n 
1 61 LYS n 
1 62 THR n 
1 63 ARG n 
1 64 ARG n 
1 65 ARG n 
1 66 PHE n 
1 67 GLY n 
1 68 ALA n 
1 69 LEU n 
1 70 ILE n 
1 71 LEU n 
1 72 LEU n 
1 73 PHE n 
1 74 ASP n 
1 75 GLU n 
1 76 ALA n 
1 77 GLU n 
1 78 GLU n 
1 79 GLU n 
1 80 LEU n 
1 81 GLU n 
1 82 GLY n 
1 83 HIS n 
1 84 LEU n 
1 85 ARG n 
1 86 PHE n 
1 87 ASN n 
1 88 VAL n 
1 89 ARG n 
1 90 HIS n 
# 
_entity_src_gen.entity_id                          1 
_entity_src_gen.pdbx_src_id                        1 
_entity_src_gen.pdbx_alt_source_flag               sample 
_entity_src_gen.pdbx_seq_type                      ? 
_entity_src_gen.pdbx_beg_seq_num                   ? 
_entity_src_gen.pdbx_end_seq_num                   ? 
_entity_src_gen.gene_src_common_name               ? 
_entity_src_gen.gene_src_genus                     Escherichia 
_entity_src_gen.pdbx_gene_src_gene                 yhcO 
_entity_src_gen.gene_src_species                   'Escherichia coli' 
_entity_src_gen.gene_src_strain                    O157:H7 
_entity_src_gen.gene_src_tissue                    ? 
_entity_src_gen.gene_src_tissue_fraction           ? 
_entity_src_gen.gene_src_details                   ? 
_entity_src_gen.pdbx_gene_src_fragment             ? 
_entity_src_gen.pdbx_gene_src_scientific_name      'Escherichia coli' 
_entity_src_gen.pdbx_gene_src_ncbi_taxonomy_id     83334 
_entity_src_gen.pdbx_gene_src_variant              ? 
_entity_src_gen.pdbx_gene_src_cell_line            ? 
_entity_src_gen.pdbx_gene_src_atcc                 ? 
_entity_src_gen.pdbx_gene_src_organ                ? 
_entity_src_gen.pdbx_gene_src_organelle            ? 
_entity_src_gen.pdbx_gene_src_cell                 ? 
_entity_src_gen.pdbx_gene_src_cellular_location    ? 
_entity_src_gen.host_org_common_name               ? 
_entity_src_gen.pdbx_host_org_scientific_name      'Escherichia coli' 
_entity_src_gen.pdbx_host_org_ncbi_taxonomy_id     562 
_entity_src_gen.host_org_genus                     Escherichia 
_entity_src_gen.pdbx_host_org_gene                 ? 
_entity_src_gen.pdbx_host_org_organ                ? 
_entity_src_gen.host_org_species                   ? 
_entity_src_gen.pdbx_host_org_tissue               ? 
_entity_src_gen.pdbx_host_org_tissue_fraction      ? 
_entity_src_gen.pdbx_host_org_strain               'B834(DE3)' 
_entity_src_gen.pdbx_host_org_variant              ? 
_entity_src_gen.pdbx_host_org_cell_line            ? 
_entity_src_gen.pdbx_host_org_atcc                 ? 
_entity_src_gen.pdbx_host_org_culture_collection   ? 
_entity_src_gen.pdbx_host_org_cell                 ? 
_entity_src_gen.pdbx_host_org_organelle            ? 
_entity_src_gen.pdbx_host_org_cellular_location    ? 
_entity_src_gen.pdbx_host_org_vector_type          plasmid 
_entity_src_gen.pdbx_host_org_vector               ? 
_entity_src_gen.host_org_details                   ? 
_entity_src_gen.expression_system_id               ? 
_entity_src_gen.plasmid_name                       pET11a 
_entity_src_gen.plasmid_details                    ? 
_entity_src_gen.pdbx_description                   ? 
# 
loop_
_chem_comp.id 
_chem_comp.type 
_chem_comp.mon_nstd_flag 
_chem_comp.name 
_chem_comp.pdbx_synonyms 
_chem_comp.formula 
_chem_comp.formula_weight 
ALA 'L-peptide linking' y ALANINE          ? 'C3 H7 N O2'     89.093  
ARG 'L-peptide linking' y ARGININE         ? 'C6 H15 N4 O2 1' 175.209 
ASN 'L-peptide linking' y ASPARAGINE       ? 'C4 H8 N2 O3'    132.118 
ASP 'L-peptide linking' y 'ASPARTIC ACID'  ? 'C4 H7 N O4'     133.103 
GLN 'L-peptide linking' y GLUTAMINE        ? 'C5 H10 N2 O3'   146.144 
GLU 'L-peptide linking' y 'GLUTAMIC ACID'  ? 'C5 H9 N O4'     147.129 
GLY 'peptide linking'   y GLYCINE          ? 'C2 H5 N O2'     75.067  
HIS 'L-peptide linking' y HISTIDINE        ? 'C6 H10 N3 O2 1' 156.162 
HOH non-polymer         . WATER            ? 'H2 O'           18.015  
ILE 'L-peptide linking' y ISOLEUCINE       ? 'C6 H13 N O2'    131.173 
LEU 'L-peptide linking' y LEUCINE          ? 'C6 H13 N O2'    131.173 
LYS 'L-peptide linking' y LYSINE           ? 'C6 H15 N2 O2 1' 147.195 
MET 'L-peptide linking' y METHIONINE       ? 'C5 H11 N O2 S'  149.211 
MSE 'L-peptide linking' n SELENOMETHIONINE ? 'C5 H11 N O2 Se' 196.106 
PHE 'L-peptide linking' y PHENYLALANINE    ? 'C9 H11 N O2'    165.189 
PRO 'L-peptide linking' y PROLINE          ? 'C5 H9 N O2'     115.130 
SER 'L-peptide linking' y SERINE           ? 'C3 H7 N O3'     105.093 
THR 'L-peptide linking' y THREONINE        ? 'C4 H9 N O3'     119.119 
TRP 'L-peptide linking' y TRYPTOPHAN       ? 'C11 H12 N2 O2'  204.225 
TYR 'L-peptide linking' y TYROSINE         ? 'C9 H11 N O3'    181.189 
VAL 'L-peptide linking' y VALINE           ? 'C5 H11 N O2'    117.146 
# 
loop_
_pdbx_poly_seq_scheme.asym_id 
_pdbx_poly_seq_scheme.entity_id 
_pdbx_poly_seq_scheme.seq_id 
_pdbx_poly_seq_scheme.mon_id 
_pdbx_poly_seq_scheme.ndb_seq_num 
_pdbx_poly_seq_scheme.pdb_seq_num 
_pdbx_poly_seq_scheme.auth_seq_num 
_pdbx_poly_seq_scheme.pdb_mon_id 
_pdbx_poly_seq_scheme.auth_mon_id 
_pdbx_poly_seq_scheme.pdb_strand_id 
_pdbx_poly_seq_scheme.pdb_ins_code 
_pdbx_poly_seq_scheme.hetero 
A 1 1  MSE 1  1  1  MSE MSE A . n 
A 1 2  ASN 2  2  2  ASN ASN A . n 
A 1 3  ILE 3  3  3  ILE ILE A . n 
A 1 4  TYR 4  4  4  TYR TYR A . n 
A 1 5  THR 5  5  5  THR THR A . n 
A 1 6  PHE 6  6  6  PHE PHE A . n 
A 1 7  ASP 7  7  7  ASP ASP A . n 
A 1 8  PHE 8  8  8  PHE PHE A . n 
A 1 9  ASP 9  9  9  ASP ASP A . n 
A 1 10 GLU 10 10 10 GLU GLU A . n 
A 1 11 ILE 11 11 11 ILE ILE A . n 
A 1 12 GLU 12 12 12 GLU GLU A . n 
A 1 13 SER 13 13 13 SER SER A . n 
A 1 14 GLN 14 14 14 GLN GLN A . n 
A 1 15 GLU 15 15 15 GLU GLU A . n 
A 1 16 ASP 16 16 16 ASP ASP A . n 
A 1 17 PHE 17 17 17 PHE PHE A . n 
A 1 18 TYR 18 18 18 TYR TYR A . n 
A 1 19 ARG 19 19 19 ARG ARG A . n 
A 1 20 ASP 20 20 20 ASP ASP A . n 
A 1 21 PHE 21 21 21 PHE PHE A . n 
A 1 22 SER 22 22 22 SER SER A . n 
A 1 23 GLN 23 23 23 GLN GLN A . n 
A 1 24 THR 24 24 24 THR THR A . n 
A 1 25 PHE 25 25 25 PHE PHE A . n 
A 1 26 GLY 26 26 26 GLY GLY A . n 
A 1 27 LEU 27 27 27 LEU LEU A . n 
A 1 28 ALA 28 28 28 ALA ALA A . n 
A 1 29 LYS 29 29 29 LYS LYS A . n 
A 1 30 ASP 30 30 30 ASP ASP A . n 
A 1 31 LYS 31 31 31 LYS LYS A . n 
A 1 32 VAL 32 32 32 VAL VAL A . n 
A 1 33 ARG 33 33 33 ARG ARG A . n 
A 1 34 ASP 34 34 34 ASP ASP A . n 
A 1 35 LEU 35 35 35 LEU LEU A . n 
A 1 36 ASP 36 36 36 ASP ASP A . n 
A 1 37 SER 37 37 37 SER SER A . n 
A 1 38 LEU 38 38 38 LEU LEU A . n 
A 1 39 TRP 39 39 39 TRP TRP A . n 
A 1 40 ASP 40 40 40 ASP ASP A . n 
A 1 41 VAL 41 41 41 VAL VAL A . n 
A 1 42 LEU 42 42 42 LEU LEU A . n 
A 1 43 MSE 43 43 43 MSE MSE A . n 
A 1 44 ASN 44 44 44 ASN ASN A . n 
A 1 45 ASP 45 45 45 ASP ASP A . n 
A 1 46 VAL 46 46 46 VAL VAL A . n 
A 1 47 LEU 47 47 47 LEU LEU A . n 
A 1 48 PRO 48 48 48 PRO PRO A . n 
A 1 49 LEU 49 49 49 LEU LEU A . n 
A 1 50 PRO 50 50 50 PRO PRO A . n 
A 1 51 LEU 51 51 51 LEU LEU A . n 
A 1 52 GLU 52 52 52 GLU GLU A . n 
A 1 53 ILE 53 53 53 ILE ILE A . n 
A 1 54 GLU 54 54 54 GLU GLU A . n 
A 1 55 PHE 55 55 55 PHE PHE A . n 
A 1 56 VAL 56 56 56 VAL VAL A . n 
A 1 57 HIS 57 57 57 HIS HIS A . n 
A 1 58 LEU 58 58 58 LEU LEU A . n 
A 1 59 GLY 59 59 59 GLY GLY A . n 
A 1 60 GLU 60 60 60 GLU GLU A . n 
A 1 61 LYS 61 61 61 LYS LYS A . n 
A 1 62 THR 62 62 62 THR THR A . n 
A 1 63 ARG 63 63 63 ARG ARG A . n 
A 1 64 ARG 64 64 64 ARG ARG A . n 
A 1 65 ARG 65 65 65 ARG ARG A . n 
A 1 66 PHE 66 66 66 PHE PHE A . n 
A 1 67 GLY 67 67 67 GLY GLY A . n 
A 1 68 ALA 68 68 68 ALA ALA A . n 
A 1 69 LEU 69 69 69 LEU LEU A . n 
A 1 70 ILE 70 70 70 ILE ILE A . n 
A 1 71 LEU 71 71 71 LEU LEU A . n 
A 1 72 LEU 72 72 72 LEU LEU A . n 
A 1 73 PHE 73 73 73 PHE PHE A . n 
A 1 74 ASP 74 74 74 ASP ASP A . n 
A 1 75 GLU 75 75 75 GLU GLU A . n 
A 1 76 ALA 76 76 76 ALA ALA A . n 
A 1 77 GLU 77 77 77 GLU GLU A . n 
A 1 78 GLU 78 78 78 GLU GLU A . n 
A 1 79 GLU 79 79 79 GLU GLU A . n 
A 1 80 LEU 80 80 80 LEU LEU A . n 
A 1 81 GLU 81 81 81 GLU GLU A . n 
A 1 82 GLY 82 82 82 GLY GLY A . n 
A 1 83 HIS 83 83 83 HIS HIS A . n 
A 1 84 LEU 84 84 84 LEU LEU A . n 
A 1 85 ARG 85 85 85 ARG ARG A . n 
A 1 86 PHE 86 86 86 PHE PHE A . n 
A 1 87 ASN 87 87 87 ASN ASN A . n 
A 1 88 VAL 88 88 88 VAL VAL A . n 
A 1 89 ARG 89 89 89 ARG ARG A . n 
A 1 90 HIS 90 90 90 HIS HIS A . n 
B 1 1  MSE 1  1  1  MSE MSE B . n 
B 1 2  ASN 2  2  2  ASN ASN B . n 
B 1 3  ILE 3  3  3  ILE ILE B . n 
B 1 4  TYR 4  4  4  TYR TYR B . n 
B 1 5  THR 5  5  5  THR THR B . n 
B 1 6  PHE 6  6  6  PHE PHE B . n 
B 1 7  ASP 7  7  7  ASP ASP B . n 
B 1 8  PHE 8  8  8  PHE PHE B . n 
B 1 9  ASP 9  9  9  ASP ASP B . n 
B 1 10 GLU 10 10 10 GLU GLU B . n 
B 1 11 ILE 11 11 11 ILE ILE B . n 
B 1 12 GLU 12 12 12 GLU GLU B . n 
B 1 13 SER 13 13 13 SER SER B . n 
B 1 14 GLN 14 14 14 GLN GLN B . n 
B 1 15 GLU 15 15 15 GLU GLU B . n 
B 1 16 ASP 16 16 16 ASP ASP B . n 
B 1 17 PHE 17 17 17 PHE PHE B . n 
B 1 18 TYR 18 18 18 TYR TYR B . n 
B 1 19 ARG 19 19 19 ARG ARG B . n 
B 1 20 ASP 20 20 20 ASP ASP B . n 
B 1 21 PHE 21 21 21 PHE PHE B . n 
B 1 22 SER 22 22 22 SER SER B . n 
B 1 23 GLN 23 23 23 GLN GLN B . n 
B 1 24 THR 24 24 24 THR THR B . n 
B 1 25 PHE 25 25 25 PHE PHE B . n 
B 1 26 GLY 26 26 26 GLY GLY B . n 
B 1 27 LEU 27 27 27 LEU LEU B . n 
B 1 28 ALA 28 28 28 ALA ALA B . n 
B 1 29 LYS 29 29 29 LYS LYS B . n 
B 1 30 ASP 30 30 30 ASP ASP B . n 
B 1 31 LYS 31 31 31 LYS LYS B . n 
B 1 32 VAL 32 32 32 VAL VAL B . n 
B 1 33 ARG 33 33 33 ARG ARG B . n 
B 1 34 ASP 34 34 34 ASP ASP B . n 
B 1 35 LEU 35 35 35 LEU LEU B . n 
B 1 36 ASP 36 36 36 ASP ASP B . n 
B 1 37 SER 37 37 37 SER SER B . n 
B 1 38 LEU 38 38 38 LEU LEU B . n 
B 1 39 TRP 39 39 39 TRP TRP B . n 
B 1 40 ASP 40 40 40 ASP ASP B . n 
B 1 41 VAL 41 41 41 VAL VAL B . n 
B 1 42 LEU 42 42 42 LEU LEU B . n 
B 1 43 MSE 43 43 43 MSE MSE B . n 
B 1 44 ASN 44 44 44 ASN ASN B . n 
B 1 45 ASP 45 45 45 ASP ASP B . n 
B 1 46 VAL 46 46 46 VAL VAL B . n 
B 1 47 LEU 47 47 47 LEU LEU B . n 
B 1 48 PRO 48 48 48 PRO PRO B . n 
B 1 49 LEU 49 49 49 LEU LEU B . n 
B 1 50 PRO 50 50 50 PRO PRO B . n 
B 1 51 LEU 51 51 51 LEU LEU B . n 
B 1 52 GLU 52 52 52 GLU GLU B . n 
B 1 53 ILE 53 53 53 ILE ILE B . n 
B 1 54 GLU 54 54 54 GLU GLU B . n 
B 1 55 PHE 55 55 55 PHE PHE B . n 
B 1 56 VAL 56 56 56 VAL VAL B . n 
B 1 57 HIS 57 57 57 HIS HIS B . n 
B 1 58 LEU 58 58 58 LEU LEU B . n 
B 1 59 GLY 59 59 59 GLY GLY B . n 
B 1 60 GLU 60 60 60 GLU GLU B . n 
B 1 61 LYS 61 61 61 LYS LYS B . n 
B 1 62 THR 62 62 62 THR THR B . n 
B 1 63 ARG 63 63 63 ARG ARG B . n 
B 1 64 ARG 64 64 64 ARG ARG B . n 
B 1 65 ARG 65 65 65 ARG ARG B . n 
B 1 66 PHE 66 66 66 PHE PHE B . n 
B 1 67 GLY 67 67 67 GLY GLY B . n 
B 1 68 ALA 68 68 68 ALA ALA B . n 
B 1 69 LEU 69 69 69 LEU LEU B . n 
B 1 70 ILE 70 70 70 ILE ILE B . n 
B 1 71 LEU 71 71 71 LEU LEU B . n 
B 1 72 LEU 72 72 72 LEU LEU B . n 
B 1 73 PHE 73 73 73 PHE PHE B . n 
B 1 74 ASP 74 74 74 ASP ASP B . n 
B 1 75 GLU 75 75 75 GLU GLU B . n 
B 1 76 ALA 76 76 76 ALA ALA B . n 
B 1 77 GLU 77 77 77 GLU GLU B . n 
B 1 78 GLU 78 78 78 GLU GLU B . n 
B 1 79 GLU 79 79 79 GLU GLU B . n 
B 1 80 LEU 80 80 80 LEU LEU B . n 
B 1 81 GLU 81 81 81 GLU GLU B . n 
B 1 82 GLY 82 82 82 GLY GLY B . n 
B 1 83 HIS 83 83 83 HIS HIS B . n 
B 1 84 LEU 84 84 84 LEU LEU B . n 
B 1 85 ARG 85 85 85 ARG ARG B . n 
B 1 86 PHE 86 86 86 PHE PHE B . n 
B 1 87 ASN 87 87 87 ASN ASN B . n 
B 1 88 VAL 88 88 88 VAL VAL B . n 
B 1 89 ARG 89 89 89 ARG ARG B . n 
B 1 90 HIS 90 90 90 HIS HIS B . n 
# 
loop_
_pdbx_nonpoly_scheme.asym_id 
_pdbx_nonpoly_scheme.entity_id 
_pdbx_nonpoly_scheme.mon_id 
_pdbx_nonpoly_scheme.ndb_seq_num 
_pdbx_nonpoly_scheme.pdb_seq_num 
_pdbx_nonpoly_scheme.auth_seq_num 
_pdbx_nonpoly_scheme.pdb_mon_id 
_pdbx_nonpoly_scheme.auth_mon_id 
_pdbx_nonpoly_scheme.pdb_strand_id 
_pdbx_nonpoly_scheme.pdb_ins_code 
C 2 HOH 1  91  1  HOH HOH A . 
C 2 HOH 2  92  8  HOH HOH A . 
C 2 HOH 3  93  9  HOH HOH A . 
C 2 HOH 4  94  11 HOH HOH A . 
C 2 HOH 5  95  13 HOH HOH A . 
C 2 HOH 6  96  17 HOH HOH A . 
C 2 HOH 7  97  20 HOH HOH A . 
C 2 HOH 8  98  24 HOH HOH A . 
C 2 HOH 9  99  25 HOH HOH A . 
C 2 HOH 10 100 26 HOH HOH A . 
C 2 HOH 11 101 27 HOH HOH A . 
C 2 HOH 12 102 28 HOH HOH A . 
C 2 HOH 13 103 32 HOH HOH A . 
C 2 HOH 14 104 33 HOH HOH A . 
C 2 HOH 15 105 34 HOH HOH A . 
D 2 HOH 1  91  2  HOH HOH B . 
D 2 HOH 2  92  3  HOH HOH B . 
D 2 HOH 3  93  4  HOH HOH B . 
D 2 HOH 4  94  5  HOH HOH B . 
D 2 HOH 5  95  6  HOH HOH B . 
D 2 HOH 6  96  7  HOH HOH B . 
D 2 HOH 7  97  10 HOH HOH B . 
D 2 HOH 8  98  12 HOH HOH B . 
D 2 HOH 9  99  14 HOH HOH B . 
D 2 HOH 10 100 15 HOH HOH B . 
D 2 HOH 11 101 16 HOH HOH B . 
D 2 HOH 12 102 18 HOH HOH B . 
D 2 HOH 13 103 19 HOH HOH B . 
D 2 HOH 14 104 21 HOH HOH B . 
D 2 HOH 15 105 22 HOH HOH B . 
D 2 HOH 16 106 23 HOH HOH B . 
D 2 HOH 17 107 29 HOH HOH B . 
D 2 HOH 18 108 30 HOH HOH B . 
D 2 HOH 19 109 31 HOH HOH B . 
# 
loop_
_software.name 
_software.classification 
_software.version 
_software.citation_id 
_software.pdbx_ordinal 
CNS       refinement       1.1 ? 1 
HKL-2000  'data reduction' .   ? 2 
SCALEPACK 'data scaling'   .   ? 3 
SOLVE     phasing          .   ? 4 
# 
_cell.entry_id           2CX6 
_cell.length_a           51.064 
_cell.length_b           51.064 
_cell.length_c           180.042 
_cell.angle_alpha        90.00 
_cell.angle_beta         90.00 
_cell.angle_gamma        90.00 
_cell.Z_PDB              16 
_cell.pdbx_unique_axis   ? 
# 
_symmetry.entry_id                         2CX6 
_symmetry.space_group_name_H-M             'P 41 21 2' 
_symmetry.pdbx_full_space_group_name_H-M   ? 
_symmetry.cell_setting                     ? 
_symmetry.Int_Tables_number                92 
_symmetry.space_group_name_Hall            ? 
# 
_exptl.entry_id          2CX6 
_exptl.method            'X-RAY DIFFRACTION' 
_exptl.crystals_number   1 
# 
_exptl_crystal.id                    1 
_exptl_crystal.density_meas          ? 
_exptl_crystal.density_Matthews      2.69 
_exptl_crystal.density_percent_sol   54.29 
_exptl_crystal.description           ? 
_exptl_crystal.F_000                 ? 
_exptl_crystal.preparation           ? 
# 
_exptl_crystal_grow.crystal_id      1 
_exptl_crystal_grow.method          'VAPOR DIFFUSION, HANGING DROP' 
_exptl_crystal_grow.temp            293 
_exptl_crystal_grow.temp_details    ? 
_exptl_crystal_grow.pH              5.6 
_exptl_crystal_grow.pdbx_details    
'1.7M Sodium formate, 0.1M Sodium acetate, pH 5.6, VAPOR DIFFUSION, HANGING DROP, temperature 293K' 
_exptl_crystal_grow.pdbx_pH_range   . 
# 
_diffrn.id                     1 
_diffrn.ambient_temp           100 
_diffrn.ambient_temp_details   ? 
_diffrn.crystal_id             1 
# 
_diffrn_detector.diffrn_id              1 
_diffrn_detector.detector               'IMAGE PLATE' 
_diffrn_detector.type                   RIGAKU 
_diffrn_detector.pdbx_collection_date   2004-07-24 
_diffrn_detector.details                ? 
# 
_diffrn_radiation.diffrn_id                        1 
_diffrn_radiation.wavelength_id                    1 
_diffrn_radiation.pdbx_monochromatic_or_laue_m_l   M 
_diffrn_radiation.monochromator                    'Si 111 CHANNEL' 
_diffrn_radiation.pdbx_diffrn_protocol             MAD 
_diffrn_radiation.pdbx_scattering_type             x-ray 
# 
loop_
_diffrn_radiation_wavelength.id 
_diffrn_radiation_wavelength.wavelength 
_diffrn_radiation_wavelength.wt 
1 0.9792 1.0 
2 0.9795 1.0 
3 0.964  1.0 
# 
_diffrn_source.diffrn_id                   1 
_diffrn_source.source                      SYNCHROTRON 
_diffrn_source.type                        'SPRING-8 BEAMLINE BL26B2' 
_diffrn_source.pdbx_synchrotron_site       SPring-8 
_diffrn_source.pdbx_synchrotron_beamline   BL26B2 
_diffrn_source.pdbx_wavelength             ? 
_diffrn_source.pdbx_wavelength_list        '0.9792, 0.9795, 0.964' 
# 
_reflns.entry_id                     2CX6 
_reflns.observed_criterion_sigma_I   -3 
_reflns.observed_criterion_sigma_F   ? 
_reflns.d_resolution_low             50 
_reflns.d_resolution_high            2.43 
_reflns.number_obs                   9619 
_reflns.number_all                   ? 
_reflns.percent_possible_obs         99.3 
_reflns.pdbx_Rmerge_I_obs            ? 
_reflns.pdbx_Rsym_value              0.062 
_reflns.pdbx_netI_over_sigmaI        27.7 
_reflns.B_iso_Wilson_estimate        29.4 
_reflns.pdbx_redundancy              8.9 
_reflns.R_free_details               ? 
_reflns.limit_h_max                  ? 
_reflns.limit_h_min                  ? 
_reflns.limit_k_max                  ? 
_reflns.limit_k_min                  ? 
_reflns.limit_l_max                  ? 
_reflns.limit_l_min                  ? 
_reflns.observed_criterion_F_max     ? 
_reflns.observed_criterion_F_min     ? 
_reflns.pdbx_chi_squared             ? 
_reflns.pdbx_scaling_rejects         ? 
_reflns.pdbx_ordinal                 1 
_reflns.pdbx_diffrn_id               1 
# 
_reflns_shell.d_res_high             2.43 
_reflns_shell.d_res_low              2.52 
_reflns_shell.percent_possible_all   100 
_reflns_shell.Rmerge_I_obs           ? 
_reflns_shell.pdbx_Rsym_value        0.232 
_reflns_shell.meanI_over_sigI_obs    ? 
_reflns_shell.pdbx_redundancy        ? 
_reflns_shell.percent_possible_obs   ? 
_reflns_shell.number_unique_all      ? 
_reflns_shell.number_measured_all    ? 
_reflns_shell.number_measured_obs    ? 
_reflns_shell.number_unique_obs      ? 
_reflns_shell.pdbx_chi_squared       ? 
_reflns_shell.pdbx_ordinal           1 
_reflns_shell.pdbx_diffrn_id         1 
# 
_refine.entry_id                                 2CX6 
_refine.ls_number_reflns_obs                     9593 
_refine.ls_number_reflns_all                     ? 
_refine.pdbx_ls_sigma_I                          ? 
_refine.pdbx_ls_sigma_F                          0.0 
_refine.pdbx_data_cutoff_high_absF               1287230.85 
_refine.pdbx_data_cutoff_low_absF                0.000000 
_refine.pdbx_data_cutoff_high_rms_absF           ? 
_refine.ls_d_res_low                             49.13 
_refine.ls_d_res_high                            2.43 
_refine.ls_percent_reflns_obs                    99.6 
_refine.ls_R_factor_obs                          0.229 
_refine.ls_R_factor_all                          ? 
_refine.ls_R_factor_R_work                       0.229 
_refine.ls_R_factor_R_free                       0.295 
_refine.ls_R_factor_R_free_error                 0.009 
_refine.ls_R_factor_R_free_error_details         ? 
_refine.ls_percent_reflns_R_free                 10.3 
_refine.ls_number_reflns_R_free                  991 
_refine.ls_number_parameters                     ? 
_refine.ls_number_restraints                     ? 
_refine.occupancy_min                            ? 
_refine.occupancy_max                            ? 
_refine.correlation_coeff_Fo_to_Fc               ? 
_refine.correlation_coeff_Fo_to_Fc_free          ? 
_refine.B_iso_mean                               45.5 
_refine.aniso_B[1][1]                            4.20 
_refine.aniso_B[2][2]                            4.20 
_refine.aniso_B[3][3]                            -8.41 
_refine.aniso_B[1][2]                            0.00 
_refine.aniso_B[1][3]                            0.00 
_refine.aniso_B[2][3]                            0.00 
_refine.solvent_model_details                    'FLAT MODEL' 
_refine.solvent_model_param_ksol                 0.362069 
_refine.solvent_model_param_bsol                 36.8107 
_refine.pdbx_solvent_vdw_probe_radii             ? 
_refine.pdbx_solvent_ion_probe_radii             ? 
_refine.pdbx_solvent_shrinkage_radii             ? 
_refine.pdbx_ls_cross_valid_method               THROUGHOUT 
_refine.details                                  ? 
_refine.pdbx_starting_model                      ? 
_refine.pdbx_method_to_determine_struct          MAD 
_refine.pdbx_isotropic_thermal_model             RESTRAINED 
_refine.pdbx_stereochemistry_target_values       ? 
_refine.pdbx_stereochem_target_val_spec_case     ? 
_refine.pdbx_R_Free_selection_details            RANDOM 
_refine.pdbx_overall_ESU_R                       ? 
_refine.pdbx_overall_ESU_R_Free                  ? 
_refine.overall_SU_ML                            ? 
_refine.overall_SU_B                             ? 
_refine.ls_redundancy_reflns_obs                 ? 
_refine.B_iso_min                                ? 
_refine.B_iso_max                                ? 
_refine.overall_SU_R_Cruickshank_DPI             ? 
_refine.overall_SU_R_free                        ? 
_refine.ls_wR_factor_R_free                      ? 
_refine.ls_wR_factor_R_work                      ? 
_refine.overall_FOM_free_R_set                   ? 
_refine.overall_FOM_work_R_set                   ? 
_refine.pdbx_refine_id                           'X-RAY DIFFRACTION' 
_refine.pdbx_diffrn_id                           1 
_refine.pdbx_TLS_residual_ADP_flag               ? 
_refine.pdbx_overall_phase_error                 ? 
_refine.pdbx_overall_SU_R_free_Cruickshank_DPI   ? 
_refine.pdbx_overall_SU_R_Blow_DPI               ? 
_refine.pdbx_overall_SU_R_free_Blow_DPI          ? 
# 
_refine_analyze.entry_id                        2CX6 
_refine_analyze.Luzzati_coordinate_error_obs    0.32 
_refine_analyze.Luzzati_sigma_a_obs             0.24 
_refine_analyze.Luzzati_d_res_low_obs           5.00 
_refine_analyze.Luzzati_coordinate_error_free   0.50 
_refine_analyze.Luzzati_sigma_a_free            0.36 
_refine_analyze.Luzzati_d_res_low_free          ? 
_refine_analyze.number_disordered_residues      ? 
_refine_analyze.occupancy_sum_hydrogen          ? 
_refine_analyze.occupancy_sum_non_hydrogen      ? 
_refine_analyze.pdbx_Luzzati_d_res_high_obs     ? 
_refine_analyze.pdbx_refine_id                  'X-RAY DIFFRACTION' 
# 
_refine_hist.pdbx_refine_id                   'X-RAY DIFFRACTION' 
_refine_hist.cycle_id                         LAST 
_refine_hist.pdbx_number_atoms_protein        1528 
_refine_hist.pdbx_number_atoms_nucleic_acid   0 
_refine_hist.pdbx_number_atoms_ligand         0 
_refine_hist.number_atoms_solvent             34 
_refine_hist.number_atoms_total               1562 
_refine_hist.d_res_high                       2.43 
_refine_hist.d_res_low                        49.13 
# 
loop_
_refine_ls_restr.type 
_refine_ls_restr.dev_ideal 
_refine_ls_restr.dev_ideal_target 
_refine_ls_restr.weight 
_refine_ls_restr.number 
_refine_ls_restr.pdbx_refine_id 
_refine_ls_restr.pdbx_restraint_function 
c_bond_d           0.011 ?    ? ? 'X-RAY DIFFRACTION' ? 
c_angle_deg        1.6   ?    ? ? 'X-RAY DIFFRACTION' ? 
c_dihedral_angle_d 23.7  ?    ? ? 'X-RAY DIFFRACTION' ? 
c_improper_angle_d 0.94  ?    ? ? 'X-RAY DIFFRACTION' ? 
c_mcbond_it        5.31  1.50 ? ? 'X-RAY DIFFRACTION' ? 
c_mcangle_it       7.11  2.00 ? ? 'X-RAY DIFFRACTION' ? 
c_scbond_it        8.61  2.00 ? ? 'X-RAY DIFFRACTION' ? 
c_scangle_it       10.65 2.50 ? ? 'X-RAY DIFFRACTION' ? 
# 
_refine_ls_shell.pdbx_total_number_of_bins_used   6 
_refine_ls_shell.d_res_high                       2.43 
_refine_ls_shell.d_res_low                        2.58 
_refine_ls_shell.number_reflns_R_work             1370 
_refine_ls_shell.R_factor_R_work                  0.29 
_refine_ls_shell.percent_reflns_obs               98.4 
_refine_ls_shell.R_factor_R_free                  0.429 
_refine_ls_shell.R_factor_R_free_error            0.035 
_refine_ls_shell.percent_reflns_R_free            9.7 
_refine_ls_shell.number_reflns_R_free             147 
_refine_ls_shell.number_reflns_obs                ? 
_refine_ls_shell.redundancy_reflns_obs            ? 
_refine_ls_shell.number_reflns_all                ? 
_refine_ls_shell.R_factor_all                     ? 
_refine_ls_shell.pdbx_refine_id                   'X-RAY DIFFRACTION' 
# 
loop_
_pdbx_xplor_file.serial_no 
_pdbx_xplor_file.param_file 
_pdbx_xplor_file.topol_file 
_pdbx_xplor_file.pdbx_refine_id 
1 protein_rep.param protein.top 'X-RAY DIFFRACTION' 
2 water_rep.param   ?           'X-RAY DIFFRACTION' 
# 
_struct.entry_id                  2CX6 
_struct.title                     'Crystal structure of ribonuclease inhibitor Barstar' 
_struct.pdbx_model_details        ? 
_struct.pdbx_CASP_flag            ? 
_struct.pdbx_model_type_details   ? 
# 
_struct_keywords.entry_id        2CX6 
_struct_keywords.pdbx_keywords   'HYDROLASE INHIBITOR' 
_struct_keywords.text            
;Barstar, ribonuclease inhibitor, RSGI, Structural Genomics, NPPSFA, National Project on Protein Structural and Functional Analyses, RIKEN Structural Genomics/Proteomics Initiative, HYDROLASE INHIBITOR
;
# 
loop_
_struct_asym.id 
_struct_asym.pdbx_blank_PDB_chainid_flag 
_struct_asym.pdbx_modified 
_struct_asym.entity_id 
_struct_asym.details 
A N N 1 ? 
B N N 1 ? 
C N N 2 ? 
D N N 2 ? 
# 
_struct_ref.id                         1 
_struct_ref.db_name                    UNP 
_struct_ref.db_code                    YHCO_ECO57 
_struct_ref.pdbx_db_accession          P64618 
_struct_ref.entity_id                  1 
_struct_ref.pdbx_seq_one_letter_code   
;MNIYTFDFDEIESQEDFYRDFSQTFGLAKDKVRDLDSLWDVLMNDVLPLPLEIEFVHLGEKTRRRFGALILLFDEAEEEL
EGHLRFNVRH
;
_struct_ref.pdbx_align_begin           1 
_struct_ref.pdbx_db_isoform            ? 
# 
loop_
_struct_ref_seq.align_id 
_struct_ref_seq.ref_id 
_struct_ref_seq.pdbx_PDB_id_code 
_struct_ref_seq.pdbx_strand_id 
_struct_ref_seq.seq_align_beg 
_struct_ref_seq.pdbx_seq_align_beg_ins_code 
_struct_ref_seq.seq_align_end 
_struct_ref_seq.pdbx_seq_align_end_ins_code 
_struct_ref_seq.pdbx_db_accession 
_struct_ref_seq.db_align_beg 
_struct_ref_seq.pdbx_db_align_beg_ins_code 
_struct_ref_seq.db_align_end 
_struct_ref_seq.pdbx_db_align_end_ins_code 
_struct_ref_seq.pdbx_auth_seq_align_beg 
_struct_ref_seq.pdbx_auth_seq_align_end 
1 1 2CX6 A 1 ? 90 ? P64618 1 ? 90 ? 1 90 
2 1 2CX6 B 1 ? 90 ? P64618 1 ? 90 ? 1 90 
# 
loop_
_struct_ref_seq_dif.align_id 
_struct_ref_seq_dif.pdbx_pdb_id_code 
_struct_ref_seq_dif.mon_id 
_struct_ref_seq_dif.pdbx_pdb_strand_id 
_struct_ref_seq_dif.seq_num 
_struct_ref_seq_dif.pdbx_pdb_ins_code 
_struct_ref_seq_dif.pdbx_seq_db_name 
_struct_ref_seq_dif.pdbx_seq_db_accession_code 
_struct_ref_seq_dif.db_mon_id 
_struct_ref_seq_dif.pdbx_seq_db_seq_num 
_struct_ref_seq_dif.details 
_struct_ref_seq_dif.pdbx_auth_seq_num 
_struct_ref_seq_dif.pdbx_ordinal 
1 2CX6 MSE A 1  ? UNP P64618 MET 1  'modified residue' 1  1 
1 2CX6 MSE A 43 ? UNP P64618 MET 43 'modified residue' 43 2 
2 2CX6 MSE B 1  ? UNP P64618 MET 1  'modified residue' 1  3 
2 2CX6 MSE B 43 ? UNP P64618 MET 43 'modified residue' 43 4 
# 
loop_
_pdbx_struct_assembly.id 
_pdbx_struct_assembly.details 
_pdbx_struct_assembly.method_details 
_pdbx_struct_assembly.oligomeric_details 
_pdbx_struct_assembly.oligomeric_count 
1 author_defined_assembly ? monomeric 1 
2 author_defined_assembly ? monomeric 1 
# 
loop_
_pdbx_struct_assembly_gen.assembly_id 
_pdbx_struct_assembly_gen.oper_expression 
_pdbx_struct_assembly_gen.asym_id_list 
1 1 A,C 
2 1 B,D 
# 
_pdbx_struct_oper_list.id                   1 
_pdbx_struct_oper_list.type                 'identity operation' 
_pdbx_struct_oper_list.name                 1_555 
_pdbx_struct_oper_list.symmetry_operation   x,y,z 
_pdbx_struct_oper_list.matrix[1][1]         1.0000000000 
_pdbx_struct_oper_list.matrix[1][2]         0.0000000000 
_pdbx_struct_oper_list.matrix[1][3]         0.0000000000 
_pdbx_struct_oper_list.vector[1]            0.0000000000 
_pdbx_struct_oper_list.matrix[2][1]         0.0000000000 
_pdbx_struct_oper_list.matrix[2][2]         1.0000000000 
_pdbx_struct_oper_list.matrix[2][3]         0.0000000000 
_pdbx_struct_oper_list.vector[2]            0.0000000000 
_pdbx_struct_oper_list.matrix[3][1]         0.0000000000 
_pdbx_struct_oper_list.matrix[3][2]         0.0000000000 
_pdbx_struct_oper_list.matrix[3][3]         1.0000000000 
_pdbx_struct_oper_list.vector[3]            0.0000000000 
# 
_struct_biol.id   1 
# 
loop_
_struct_conf.conf_type_id 
_struct_conf.id 
_struct_conf.pdbx_PDB_helix_id 
_struct_conf.beg_label_comp_id 
_struct_conf.beg_label_asym_id 
_struct_conf.beg_label_seq_id 
_struct_conf.pdbx_beg_PDB_ins_code 
_struct_conf.end_label_comp_id 
_struct_conf.end_label_asym_id 
_struct_conf.end_label_seq_id 
_struct_conf.pdbx_end_PDB_ins_code 
_struct_conf.beg_auth_comp_id 
_struct_conf.beg_auth_asym_id 
_struct_conf.beg_auth_seq_id 
_struct_conf.end_auth_comp_id 
_struct_conf.end_auth_asym_id 
_struct_conf.end_auth_seq_id 
_struct_conf.pdbx_PDB_helix_class 
_struct_conf.details 
_struct_conf.pdbx_PDB_helix_length 
HELX_P HELX_P1 1 SER A 13 ? PHE A 25 ? SER A 13 PHE A 25 1 ? 13 
HELX_P HELX_P2 2 ASP A 34 ? ASN A 44 ? ASP A 34 ASN A 44 1 ? 11 
HELX_P HELX_P3 3 GLY A 59 ? PHE A 66 ? GLY A 59 PHE A 66 1 ? 8  
HELX_P HELX_P4 4 PHE A 66 ? LEU A 80 ? PHE A 66 LEU A 80 1 ? 15 
HELX_P HELX_P5 5 SER B 13 ? PHE B 25 ? SER B 13 PHE B 25 1 ? 13 
HELX_P HELX_P6 6 ASP B 34 ? ASN B 44 ? ASP B 34 ASN B 44 1 ? 11 
HELX_P HELX_P7 7 GLY B 59 ? PHE B 66 ? GLY B 59 PHE B 66 1 ? 8  
HELX_P HELX_P8 8 PHE B 66 ? LEU B 80 ? PHE B 66 LEU B 80 1 ? 15 
# 
_struct_conf_type.id          HELX_P 
_struct_conf_type.criteria    ? 
_struct_conf_type.reference   ? 
# 
loop_
_struct_conn.id 
_struct_conn.conn_type_id 
_struct_conn.pdbx_leaving_atom_flag 
_struct_conn.pdbx_PDB_id 
_struct_conn.ptnr1_label_asym_id 
_struct_conn.ptnr1_label_comp_id 
_struct_conn.ptnr1_label_seq_id 
_struct_conn.ptnr1_label_atom_id 
_struct_conn.pdbx_ptnr1_label_alt_id 
_struct_conn.pdbx_ptnr1_PDB_ins_code 
_struct_conn.pdbx_ptnr1_standard_comp_id 
_struct_conn.ptnr1_symmetry 
_struct_conn.ptnr2_label_asym_id 
_struct_conn.ptnr2_label_comp_id 
_struct_conn.ptnr2_label_seq_id 
_struct_conn.ptnr2_label_atom_id 
_struct_conn.pdbx_ptnr2_label_alt_id 
_struct_conn.pdbx_ptnr2_PDB_ins_code 
_struct_conn.ptnr1_auth_asym_id 
_struct_conn.ptnr1_auth_comp_id 
_struct_conn.ptnr1_auth_seq_id 
_struct_conn.ptnr2_auth_asym_id 
_struct_conn.ptnr2_auth_comp_id 
_struct_conn.ptnr2_auth_seq_id 
_struct_conn.ptnr2_symmetry 
_struct_conn.pdbx_ptnr3_label_atom_id 
_struct_conn.pdbx_ptnr3_label_seq_id 
_struct_conn.pdbx_ptnr3_label_comp_id 
_struct_conn.pdbx_ptnr3_label_asym_id 
_struct_conn.pdbx_ptnr3_label_alt_id 
_struct_conn.pdbx_ptnr3_PDB_ins_code 
_struct_conn.details 
_struct_conn.pdbx_dist_value 
_struct_conn.pdbx_value_order 
_struct_conn.pdbx_role 
covale1 covale both ? A MSE 1  C ? ? ? 1_555 A ASN 2  N ? ? A MSE 1  A ASN 2  1_555 ? ? ? ? ? ? ? 1.338 ? ? 
covale2 covale both ? A LEU 42 C ? ? ? 1_555 A MSE 43 N ? ? A LEU 42 A MSE 43 1_555 ? ? ? ? ? ? ? 1.317 ? ? 
covale3 covale both ? A MSE 43 C ? ? ? 1_555 A ASN 44 N ? ? A MSE 43 A ASN 44 1_555 ? ? ? ? ? ? ? 1.327 ? ? 
covale4 covale both ? B MSE 1  C ? ? ? 1_555 B ASN 2  N ? ? B MSE 1  B ASN 2  1_555 ? ? ? ? ? ? ? 1.333 ? ? 
covale5 covale both ? B LEU 42 C ? ? ? 1_555 B MSE 43 N ? ? B LEU 42 B MSE 43 1_555 ? ? ? ? ? ? ? 1.318 ? ? 
covale6 covale both ? B MSE 43 C ? ? ? 1_555 B ASN 44 N ? ? B MSE 43 B ASN 44 1_555 ? ? ? ? ? ? ? 1.333 ? ? 
# 
_struct_conn_type.id          covale 
_struct_conn_type.criteria    ? 
_struct_conn_type.reference   ? 
# 
loop_
_pdbx_modification_feature.ordinal 
_pdbx_modification_feature.label_comp_id 
_pdbx_modification_feature.label_asym_id 
_pdbx_modification_feature.label_seq_id 
_pdbx_modification_feature.label_alt_id 
_pdbx_modification_feature.modified_residue_label_comp_id 
_pdbx_modification_feature.modified_residue_label_asym_id 
_pdbx_modification_feature.modified_residue_label_seq_id 
_pdbx_modification_feature.modified_residue_label_alt_id 
_pdbx_modification_feature.auth_comp_id 
_pdbx_modification_feature.auth_asym_id 
_pdbx_modification_feature.auth_seq_id 
_pdbx_modification_feature.PDB_ins_code 
_pdbx_modification_feature.symmetry 
_pdbx_modification_feature.modified_residue_auth_comp_id 
_pdbx_modification_feature.modified_residue_auth_asym_id 
_pdbx_modification_feature.modified_residue_auth_seq_id 
_pdbx_modification_feature.modified_residue_PDB_ins_code 
_pdbx_modification_feature.modified_residue_symmetry 
_pdbx_modification_feature.comp_id_linking_atom 
_pdbx_modification_feature.modified_residue_id_linking_atom 
_pdbx_modification_feature.modified_residue_id 
_pdbx_modification_feature.ref_pcm_id 
_pdbx_modification_feature.ref_comp_id 
_pdbx_modification_feature.type 
_pdbx_modification_feature.category 
1 MSE A 1  ? . . . . MSE A 1  ? 1_555 . . . . . . . MET 1 MSE Selenomethionine 'Named protein modification' 
2 MSE A 43 ? . . . . MSE A 43 ? 1_555 . . . . . . . MET 1 MSE Selenomethionine 'Named protein modification' 
3 MSE B 1  ? . . . . MSE B 1  ? 1_555 . . . . . . . MET 1 MSE Selenomethionine 'Named protein modification' 
4 MSE B 43 ? . . . . MSE B 43 ? 1_555 . . . . . . . MET 1 MSE Selenomethionine 'Named protein modification' 
# 
loop_
_struct_mon_prot_cis.pdbx_id 
_struct_mon_prot_cis.label_comp_id 
_struct_mon_prot_cis.label_seq_id 
_struct_mon_prot_cis.label_asym_id 
_struct_mon_prot_cis.label_alt_id 
_struct_mon_prot_cis.pdbx_PDB_ins_code 
_struct_mon_prot_cis.auth_comp_id 
_struct_mon_prot_cis.auth_seq_id 
_struct_mon_prot_cis.auth_asym_id 
_struct_mon_prot_cis.pdbx_label_comp_id_2 
_struct_mon_prot_cis.pdbx_label_seq_id_2 
_struct_mon_prot_cis.pdbx_label_asym_id_2 
_struct_mon_prot_cis.pdbx_PDB_ins_code_2 
_struct_mon_prot_cis.pdbx_auth_comp_id_2 
_struct_mon_prot_cis.pdbx_auth_seq_id_2 
_struct_mon_prot_cis.pdbx_auth_asym_id_2 
_struct_mon_prot_cis.pdbx_PDB_model_num 
_struct_mon_prot_cis.pdbx_omega_angle 
1 LEU 49 A . ? LEU 49 A PRO 50 A ? PRO 50 A 1 -0.03 
2 LEU 49 B . ? LEU 49 B PRO 50 B ? PRO 50 B 1 -0.23 
# 
loop_
_struct_sheet.id 
_struct_sheet.type 
_struct_sheet.number_strands 
_struct_sheet.details 
A ? 3 ? 
B ? 3 ? 
# 
loop_
_struct_sheet_order.sheet_id 
_struct_sheet_order.range_id_1 
_struct_sheet_order.range_id_2 
_struct_sheet_order.offset 
_struct_sheet_order.sense 
A 1 2 ? parallel 
A 2 3 ? parallel 
B 1 2 ? parallel 
B 2 3 ? parallel 
# 
loop_
_struct_sheet_range.sheet_id 
_struct_sheet_range.id 
_struct_sheet_range.beg_label_comp_id 
_struct_sheet_range.beg_label_asym_id 
_struct_sheet_range.beg_label_seq_id 
_struct_sheet_range.pdbx_beg_PDB_ins_code 
_struct_sheet_range.end_label_comp_id 
_struct_sheet_range.end_label_asym_id 
_struct_sheet_range.end_label_seq_id 
_struct_sheet_range.pdbx_end_PDB_ins_code 
_struct_sheet_range.beg_auth_comp_id 
_struct_sheet_range.beg_auth_asym_id 
_struct_sheet_range.beg_auth_seq_id 
_struct_sheet_range.end_auth_comp_id 
_struct_sheet_range.end_auth_asym_id 
_struct_sheet_range.end_auth_seq_id 
A 1 ASN A 2  ? ASP A 7  ? ASN A 2  ASP A 7  
A 2 LEU A 51 ? VAL A 56 ? LEU A 51 VAL A 56 
A 3 LEU A 84 ? VAL A 88 ? LEU A 84 VAL A 88 
B 1 ASN B 2  ? ASP B 7  ? ASN B 2  ASP B 7  
B 2 LEU B 51 ? VAL B 56 ? LEU B 51 VAL B 56 
B 3 LEU B 84 ? VAL B 88 ? LEU B 84 VAL B 88 
# 
loop_
_pdbx_struct_sheet_hbond.sheet_id 
_pdbx_struct_sheet_hbond.range_id_1 
_pdbx_struct_sheet_hbond.range_id_2 
_pdbx_struct_sheet_hbond.range_1_label_atom_id 
_pdbx_struct_sheet_hbond.range_1_label_comp_id 
_pdbx_struct_sheet_hbond.range_1_label_asym_id 
_pdbx_struct_sheet_hbond.range_1_label_seq_id 
_pdbx_struct_sheet_hbond.range_1_PDB_ins_code 
_pdbx_struct_sheet_hbond.range_1_auth_atom_id 
_pdbx_struct_sheet_hbond.range_1_auth_comp_id 
_pdbx_struct_sheet_hbond.range_1_auth_asym_id 
_pdbx_struct_sheet_hbond.range_1_auth_seq_id 
_pdbx_struct_sheet_hbond.range_2_label_atom_id 
_pdbx_struct_sheet_hbond.range_2_label_comp_id 
_pdbx_struct_sheet_hbond.range_2_label_asym_id 
_pdbx_struct_sheet_hbond.range_2_label_seq_id 
_pdbx_struct_sheet_hbond.range_2_PDB_ins_code 
_pdbx_struct_sheet_hbond.range_2_auth_atom_id 
_pdbx_struct_sheet_hbond.range_2_auth_comp_id 
_pdbx_struct_sheet_hbond.range_2_auth_asym_id 
_pdbx_struct_sheet_hbond.range_2_auth_seq_id 
A 1 2 N PHE A 6  ? N PHE A 6  O VAL A 56 ? O VAL A 56 
A 2 3 N ILE A 53 ? N ILE A 53 O ARG A 85 ? O ARG A 85 
B 1 2 N TYR B 4  ? N TYR B 4  O GLU B 52 ? O GLU B 52 
B 2 3 N ILE B 53 ? N ILE B 53 O ARG B 85 ? O ARG B 85 
# 
_pdbx_entry_details.entry_id                   2CX6 
_pdbx_entry_details.compound_details           ? 
_pdbx_entry_details.source_details             ? 
_pdbx_entry_details.nonpolymer_details         ? 
_pdbx_entry_details.sequence_details           ? 
_pdbx_entry_details.has_ligand_of_interest     ? 
_pdbx_entry_details.has_protein_modification   Y 
# 
loop_
_pdbx_validate_torsion.id 
_pdbx_validate_torsion.PDB_model_num 
_pdbx_validate_torsion.auth_comp_id 
_pdbx_validate_torsion.auth_asym_id 
_pdbx_validate_torsion.auth_seq_id 
_pdbx_validate_torsion.PDB_ins_code 
_pdbx_validate_torsion.label_alt_id 
_pdbx_validate_torsion.phi 
_pdbx_validate_torsion.psi 
1  1 LYS A 29 ? ? -17.76  -85.48 
2  1 ASN A 44 ? ? -98.33  31.68  
3  1 PRO A 48 ? ? -65.20  62.72  
4  1 GLU A 60 ? ? -28.12  -73.80 
5  1 LEU A 80 ? ? -98.72  37.39  
6  1 GLU A 81 ? ? 32.17   56.86  
7  1 ARG A 89 ? ? -0.99   -99.76 
8  1 ASP B 30 ? ? 67.89   -1.99  
9  1 ARG B 33 ? ? -140.56 -4.91  
10 1 PRO B 48 ? ? -62.97  53.81  
11 1 GLU B 81 ? ? 31.03   64.88  
# 
_pdbx_SG_project.id                    1 
_pdbx_SG_project.project_name          'NPPSFA, National Project on Protein Structural and Functional Analyses' 
_pdbx_SG_project.full_name_of_center   'RIKEN Structural Genomics/Proteomics Initiative' 
_pdbx_SG_project.initial_of_center     RSGI 
# 
loop_
_pdbx_struct_mod_residue.id 
_pdbx_struct_mod_residue.label_asym_id 
_pdbx_struct_mod_residue.label_comp_id 
_pdbx_struct_mod_residue.label_seq_id 
_pdbx_struct_mod_residue.auth_asym_id 
_pdbx_struct_mod_residue.auth_comp_id 
_pdbx_struct_mod_residue.auth_seq_id 
_pdbx_struct_mod_residue.PDB_ins_code 
_pdbx_struct_mod_residue.parent_comp_id 
_pdbx_struct_mod_residue.details 
1 A MSE 1  A MSE 1  ? MET SELENOMETHIONINE 
2 A MSE 43 A MSE 43 ? MET SELENOMETHIONINE 
3 B MSE 1  B MSE 1  ? MET SELENOMETHIONINE 
4 B MSE 43 B MSE 43 ? MET SELENOMETHIONINE 
# 
loop_
_chem_comp_atom.comp_id 
_chem_comp_atom.atom_id 
_chem_comp_atom.type_symbol 
_chem_comp_atom.pdbx_aromatic_flag 
_chem_comp_atom.pdbx_stereo_config 
_chem_comp_atom.pdbx_ordinal 
ALA N    N  N N 1   
ALA CA   C  N S 2   
ALA C    C  N N 3   
ALA O    O  N N 4   
ALA CB   C  N N 5   
ALA OXT  O  N N 6   
ALA H    H  N N 7   
ALA H2   H  N N 8   
ALA HA   H  N N 9   
ALA HB1  H  N N 10  
ALA HB2  H  N N 11  
ALA HB3  H  N N 12  
ALA HXT  H  N N 13  
ARG N    N  N N 14  
ARG CA   C  N S 15  
ARG C    C  N N 16  
ARG O    O  N N 17  
ARG CB   C  N N 18  
ARG CG   C  N N 19  
ARG CD   C  N N 20  
ARG NE   N  N N 21  
ARG CZ   C  N N 22  
ARG NH1  N  N N 23  
ARG NH2  N  N N 24  
ARG OXT  O  N N 25  
ARG H    H  N N 26  
ARG H2   H  N N 27  
ARG HA   H  N N 28  
ARG HB2  H  N N 29  
ARG HB3  H  N N 30  
ARG HG2  H  N N 31  
ARG HG3  H  N N 32  
ARG HD2  H  N N 33  
ARG HD3  H  N N 34  
ARG HE   H  N N 35  
ARG HH11 H  N N 36  
ARG HH12 H  N N 37  
ARG HH21 H  N N 38  
ARG HH22 H  N N 39  
ARG HXT  H  N N 40  
ASN N    N  N N 41  
ASN CA   C  N S 42  
ASN C    C  N N 43  
ASN O    O  N N 44  
ASN CB   C  N N 45  
ASN CG   C  N N 46  
ASN OD1  O  N N 47  
ASN ND2  N  N N 48  
ASN OXT  O  N N 49  
ASN H    H  N N 50  
ASN H2   H  N N 51  
ASN HA   H  N N 52  
ASN HB2  H  N N 53  
ASN HB3  H  N N 54  
ASN HD21 H  N N 55  
ASN HD22 H  N N 56  
ASN HXT  H  N N 57  
ASP N    N  N N 58  
ASP CA   C  N S 59  
ASP C    C  N N 60  
ASP O    O  N N 61  
ASP CB   C  N N 62  
ASP CG   C  N N 63  
ASP OD1  O  N N 64  
ASP OD2  O  N N 65  
ASP OXT  O  N N 66  
ASP H    H  N N 67  
ASP H2   H  N N 68  
ASP HA   H  N N 69  
ASP HB2  H  N N 70  
ASP HB3  H  N N 71  
ASP HD2  H  N N 72  
ASP HXT  H  N N 73  
GLN N    N  N N 74  
GLN CA   C  N S 75  
GLN C    C  N N 76  
GLN O    O  N N 77  
GLN CB   C  N N 78  
GLN CG   C  N N 79  
GLN CD   C  N N 80  
GLN OE1  O  N N 81  
GLN NE2  N  N N 82  
GLN OXT  O  N N 83  
GLN H    H  N N 84  
GLN H2   H  N N 85  
GLN HA   H  N N 86  
GLN HB2  H  N N 87  
GLN HB3  H  N N 88  
GLN HG2  H  N N 89  
GLN HG3  H  N N 90  
GLN HE21 H  N N 91  
GLN HE22 H  N N 92  
GLN HXT  H  N N 93  
GLU N    N  N N 94  
GLU CA   C  N S 95  
GLU C    C  N N 96  
GLU O    O  N N 97  
GLU CB   C  N N 98  
GLU CG   C  N N 99  
GLU CD   C  N N 100 
GLU OE1  O  N N 101 
GLU OE2  O  N N 102 
GLU OXT  O  N N 103 
GLU H    H  N N 104 
GLU H2   H  N N 105 
GLU HA   H  N N 106 
GLU HB2  H  N N 107 
GLU HB3  H  N N 108 
GLU HG2  H  N N 109 
GLU HG3  H  N N 110 
GLU HE2  H  N N 111 
GLU HXT  H  N N 112 
GLY N    N  N N 113 
GLY CA   C  N N 114 
GLY C    C  N N 115 
GLY O    O  N N 116 
GLY OXT  O  N N 117 
GLY H    H  N N 118 
GLY H2   H  N N 119 
GLY HA2  H  N N 120 
GLY HA3  H  N N 121 
GLY HXT  H  N N 122 
HIS N    N  N N 123 
HIS CA   C  N S 124 
HIS C    C  N N 125 
HIS O    O  N N 126 
HIS CB   C  N N 127 
HIS CG   C  Y N 128 
HIS ND1  N  Y N 129 
HIS CD2  C  Y N 130 
HIS CE1  C  Y N 131 
HIS NE2  N  Y N 132 
HIS OXT  O  N N 133 
HIS H    H  N N 134 
HIS H2   H  N N 135 
HIS HA   H  N N 136 
HIS HB2  H  N N 137 
HIS HB3  H  N N 138 
HIS HD1  H  N N 139 
HIS HD2  H  N N 140 
HIS HE1  H  N N 141 
HIS HE2  H  N N 142 
HIS HXT  H  N N 143 
HOH O    O  N N 144 
HOH H1   H  N N 145 
HOH H2   H  N N 146 
ILE N    N  N N 147 
ILE CA   C  N S 148 
ILE C    C  N N 149 
ILE O    O  N N 150 
ILE CB   C  N S 151 
ILE CG1  C  N N 152 
ILE CG2  C  N N 153 
ILE CD1  C  N N 154 
ILE OXT  O  N N 155 
ILE H    H  N N 156 
ILE H2   H  N N 157 
ILE HA   H  N N 158 
ILE HB   H  N N 159 
ILE HG12 H  N N 160 
ILE HG13 H  N N 161 
ILE HG21 H  N N 162 
ILE HG22 H  N N 163 
ILE HG23 H  N N 164 
ILE HD11 H  N N 165 
ILE HD12 H  N N 166 
ILE HD13 H  N N 167 
ILE HXT  H  N N 168 
LEU N    N  N N 169 
LEU CA   C  N S 170 
LEU C    C  N N 171 
LEU O    O  N N 172 
LEU CB   C  N N 173 
LEU CG   C  N N 174 
LEU CD1  C  N N 175 
LEU CD2  C  N N 176 
LEU OXT  O  N N 177 
LEU H    H  N N 178 
LEU H2   H  N N 179 
LEU HA   H  N N 180 
LEU HB2  H  N N 181 
LEU HB3  H  N N 182 
LEU HG   H  N N 183 
LEU HD11 H  N N 184 
LEU HD12 H  N N 185 
LEU HD13 H  N N 186 
LEU HD21 H  N N 187 
LEU HD22 H  N N 188 
LEU HD23 H  N N 189 
LEU HXT  H  N N 190 
LYS N    N  N N 191 
LYS CA   C  N S 192 
LYS C    C  N N 193 
LYS O    O  N N 194 
LYS CB   C  N N 195 
LYS CG   C  N N 196 
LYS CD   C  N N 197 
LYS CE   C  N N 198 
LYS NZ   N  N N 199 
LYS OXT  O  N N 200 
LYS H    H  N N 201 
LYS H2   H  N N 202 
LYS HA   H  N N 203 
LYS HB2  H  N N 204 
LYS HB3  H  N N 205 
LYS HG2  H  N N 206 
LYS HG3  H  N N 207 
LYS HD2  H  N N 208 
LYS HD3  H  N N 209 
LYS HE2  H  N N 210 
LYS HE3  H  N N 211 
LYS HZ1  H  N N 212 
LYS HZ2  H  N N 213 
LYS HZ3  H  N N 214 
LYS HXT  H  N N 215 
MET N    N  N N 216 
MET CA   C  N S 217 
MET C    C  N N 218 
MET O    O  N N 219 
MET CB   C  N N 220 
MET CG   C  N N 221 
MET SD   S  N N 222 
MET CE   C  N N 223 
MET OXT  O  N N 224 
MET H    H  N N 225 
MET H2   H  N N 226 
MET HA   H  N N 227 
MET HB2  H  N N 228 
MET HB3  H  N N 229 
MET HG2  H  N N 230 
MET HG3  H  N N 231 
MET HE1  H  N N 232 
MET HE2  H  N N 233 
MET HE3  H  N N 234 
MET HXT  H  N N 235 
MSE N    N  N N 236 
MSE CA   C  N S 237 
MSE C    C  N N 238 
MSE O    O  N N 239 
MSE OXT  O  N N 240 
MSE CB   C  N N 241 
MSE CG   C  N N 242 
MSE SE   SE N N 243 
MSE CE   C  N N 244 
MSE H    H  N N 245 
MSE H2   H  N N 246 
MSE HA   H  N N 247 
MSE HXT  H  N N 248 
MSE HB2  H  N N 249 
MSE HB3  H  N N 250 
MSE HG2  H  N N 251 
MSE HG3  H  N N 252 
MSE HE1  H  N N 253 
MSE HE2  H  N N 254 
MSE HE3  H  N N 255 
PHE N    N  N N 256 
PHE CA   C  N S 257 
PHE C    C  N N 258 
PHE O    O  N N 259 
PHE CB   C  N N 260 
PHE CG   C  Y N 261 
PHE CD1  C  Y N 262 
PHE CD2  C  Y N 263 
PHE CE1  C  Y N 264 
PHE CE2  C  Y N 265 
PHE CZ   C  Y N 266 
PHE OXT  O  N N 267 
PHE H    H  N N 268 
PHE H2   H  N N 269 
PHE HA   H  N N 270 
PHE HB2  H  N N 271 
PHE HB3  H  N N 272 
PHE HD1  H  N N 273 
PHE HD2  H  N N 274 
PHE HE1  H  N N 275 
PHE HE2  H  N N 276 
PHE HZ   H  N N 277 
PHE HXT  H  N N 278 
PRO N    N  N N 279 
PRO CA   C  N S 280 
PRO C    C  N N 281 
PRO O    O  N N 282 
PRO CB   C  N N 283 
PRO CG   C  N N 284 
PRO CD   C  N N 285 
PRO OXT  O  N N 286 
PRO H    H  N N 287 
PRO HA   H  N N 288 
PRO HB2  H  N N 289 
PRO HB3  H  N N 290 
PRO HG2  H  N N 291 
PRO HG3  H  N N 292 
PRO HD2  H  N N 293 
PRO HD3  H  N N 294 
PRO HXT  H  N N 295 
SER N    N  N N 296 
SER CA   C  N S 297 
SER C    C  N N 298 
SER O    O  N N 299 
SER CB   C  N N 300 
SER OG   O  N N 301 
SER OXT  O  N N 302 
SER H    H  N N 303 
SER H2   H  N N 304 
SER HA   H  N N 305 
SER HB2  H  N N 306 
SER HB3  H  N N 307 
SER HG   H  N N 308 
SER HXT  H  N N 309 
THR N    N  N N 310 
THR CA   C  N S 311 
THR C    C  N N 312 
THR O    O  N N 313 
THR CB   C  N R 314 
THR OG1  O  N N 315 
THR CG2  C  N N 316 
THR OXT  O  N N 317 
THR H    H  N N 318 
THR H2   H  N N 319 
THR HA   H  N N 320 
THR HB   H  N N 321 
THR HG1  H  N N 322 
THR HG21 H  N N 323 
THR HG22 H  N N 324 
THR HG23 H  N N 325 
THR HXT  H  N N 326 
TRP N    N  N N 327 
TRP CA   C  N S 328 
TRP C    C  N N 329 
TRP O    O  N N 330 
TRP CB   C  N N 331 
TRP CG   C  Y N 332 
TRP CD1  C  Y N 333 
TRP CD2  C  Y N 334 
TRP NE1  N  Y N 335 
TRP CE2  C  Y N 336 
TRP CE3  C  Y N 337 
TRP CZ2  C  Y N 338 
TRP CZ3  C  Y N 339 
TRP CH2  C  Y N 340 
TRP OXT  O  N N 341 
TRP H    H  N N 342 
TRP H2   H  N N 343 
TRP HA   H  N N 344 
TRP HB2  H  N N 345 
TRP HB3  H  N N 346 
TRP HD1  H  N N 347 
TRP HE1  H  N N 348 
TRP HE3  H  N N 349 
TRP HZ2  H  N N 350 
TRP HZ3  H  N N 351 
TRP HH2  H  N N 352 
TRP HXT  H  N N 353 
TYR N    N  N N 354 
TYR CA   C  N S 355 
TYR C    C  N N 356 
TYR O    O  N N 357 
TYR CB   C  N N 358 
TYR CG   C  Y N 359 
TYR CD1  C  Y N 360 
TYR CD2  C  Y N 361 
TYR CE1  C  Y N 362 
TYR CE2  C  Y N 363 
TYR CZ   C  Y N 364 
TYR OH   O  N N 365 
TYR OXT  O  N N 366 
TYR H    H  N N 367 
TYR H2   H  N N 368 
TYR HA   H  N N 369 
TYR HB2  H  N N 370 
TYR HB3  H  N N 371 
TYR HD1  H  N N 372 
TYR HD2  H  N N 373 
TYR HE1  H  N N 374 
TYR HE2  H  N N 375 
TYR HH   H  N N 376 
TYR HXT  H  N N 377 
VAL N    N  N N 378 
VAL CA   C  N S 379 
VAL C    C  N N 380 
VAL O    O  N N 381 
VAL CB   C  N N 382 
VAL CG1  C  N N 383 
VAL CG2  C  N N 384 
VAL OXT  O  N N 385 
VAL H    H  N N 386 
VAL H2   H  N N 387 
VAL HA   H  N N 388 
VAL HB   H  N N 389 
VAL HG11 H  N N 390 
VAL HG12 H  N N 391 
VAL HG13 H  N N 392 
VAL HG21 H  N N 393 
VAL HG22 H  N N 394 
VAL HG23 H  N N 395 
VAL HXT  H  N N 396 
# 
loop_
_chem_comp_bond.comp_id 
_chem_comp_bond.atom_id_1 
_chem_comp_bond.atom_id_2 
_chem_comp_bond.value_order 
_chem_comp_bond.pdbx_aromatic_flag 
_chem_comp_bond.pdbx_stereo_config 
_chem_comp_bond.pdbx_ordinal 
ALA N   CA   sing N N 1   
ALA N   H    sing N N 2   
ALA N   H2   sing N N 3   
ALA CA  C    sing N N 4   
ALA CA  CB   sing N N 5   
ALA CA  HA   sing N N 6   
ALA C   O    doub N N 7   
ALA C   OXT  sing N N 8   
ALA CB  HB1  sing N N 9   
ALA CB  HB2  sing N N 10  
ALA CB  HB3  sing N N 11  
ALA OXT HXT  sing N N 12  
ARG N   CA   sing N N 13  
ARG N   H    sing N N 14  
ARG N   H2   sing N N 15  
ARG CA  C    sing N N 16  
ARG CA  CB   sing N N 17  
ARG CA  HA   sing N N 18  
ARG C   O    doub N N 19  
ARG C   OXT  sing N N 20  
ARG CB  CG   sing N N 21  
ARG CB  HB2  sing N N 22  
ARG CB  HB3  sing N N 23  
ARG CG  CD   sing N N 24  
ARG CG  HG2  sing N N 25  
ARG CG  HG3  sing N N 26  
ARG CD  NE   sing N N 27  
ARG CD  HD2  sing N N 28  
ARG CD  HD3  sing N N 29  
ARG NE  CZ   sing N N 30  
ARG NE  HE   sing N N 31  
ARG CZ  NH1  sing N N 32  
ARG CZ  NH2  doub N N 33  
ARG NH1 HH11 sing N N 34  
ARG NH1 HH12 sing N N 35  
ARG NH2 HH21 sing N N 36  
ARG NH2 HH22 sing N N 37  
ARG OXT HXT  sing N N 38  
ASN N   CA   sing N N 39  
ASN N   H    sing N N 40  
ASN N   H2   sing N N 41  
ASN CA  C    sing N N 42  
ASN CA  CB   sing N N 43  
ASN CA  HA   sing N N 44  
ASN C   O    doub N N 45  
ASN C   OXT  sing N N 46  
ASN CB  CG   sing N N 47  
ASN CB  HB2  sing N N 48  
ASN CB  HB3  sing N N 49  
ASN CG  OD1  doub N N 50  
ASN CG  ND2  sing N N 51  
ASN ND2 HD21 sing N N 52  
ASN ND2 HD22 sing N N 53  
ASN OXT HXT  sing N N 54  
ASP N   CA   sing N N 55  
ASP N   H    sing N N 56  
ASP N   H2   sing N N 57  
ASP CA  C    sing N N 58  
ASP CA  CB   sing N N 59  
ASP CA  HA   sing N N 60  
ASP C   O    doub N N 61  
ASP C   OXT  sing N N 62  
ASP CB  CG   sing N N 63  
ASP CB  HB2  sing N N 64  
ASP CB  HB3  sing N N 65  
ASP CG  OD1  doub N N 66  
ASP CG  OD2  sing N N 67  
ASP OD2 HD2  sing N N 68  
ASP OXT HXT  sing N N 69  
GLN N   CA   sing N N 70  
GLN N   H    sing N N 71  
GLN N   H2   sing N N 72  
GLN CA  C    sing N N 73  
GLN CA  CB   sing N N 74  
GLN CA  HA   sing N N 75  
GLN C   O    doub N N 76  
GLN C   OXT  sing N N 77  
GLN CB  CG   sing N N 78  
GLN CB  HB2  sing N N 79  
GLN CB  HB3  sing N N 80  
GLN CG  CD   sing N N 81  
GLN CG  HG2  sing N N 82  
GLN CG  HG3  sing N N 83  
GLN CD  OE1  doub N N 84  
GLN CD  NE2  sing N N 85  
GLN NE2 HE21 sing N N 86  
GLN NE2 HE22 sing N N 87  
GLN OXT HXT  sing N N 88  
GLU N   CA   sing N N 89  
GLU N   H    sing N N 90  
GLU N   H2   sing N N 91  
GLU CA  C    sing N N 92  
GLU CA  CB   sing N N 93  
GLU CA  HA   sing N N 94  
GLU C   O    doub N N 95  
GLU C   OXT  sing N N 96  
GLU CB  CG   sing N N 97  
GLU CB  HB2  sing N N 98  
GLU CB  HB3  sing N N 99  
GLU CG  CD   sing N N 100 
GLU CG  HG2  sing N N 101 
GLU CG  HG3  sing N N 102 
GLU CD  OE1  doub N N 103 
GLU CD  OE2  sing N N 104 
GLU OE2 HE2  sing N N 105 
GLU OXT HXT  sing N N 106 
GLY N   CA   sing N N 107 
GLY N   H    sing N N 108 
GLY N   H2   sing N N 109 
GLY CA  C    sing N N 110 
GLY CA  HA2  sing N N 111 
GLY CA  HA3  sing N N 112 
GLY C   O    doub N N 113 
GLY C   OXT  sing N N 114 
GLY OXT HXT  sing N N 115 
HIS N   CA   sing N N 116 
HIS N   H    sing N N 117 
HIS N   H2   sing N N 118 
HIS CA  C    sing N N 119 
HIS CA  CB   sing N N 120 
HIS CA  HA   sing N N 121 
HIS C   O    doub N N 122 
HIS C   OXT  sing N N 123 
HIS CB  CG   sing N N 124 
HIS CB  HB2  sing N N 125 
HIS CB  HB3  sing N N 126 
HIS CG  ND1  sing Y N 127 
HIS CG  CD2  doub Y N 128 
HIS ND1 CE1  doub Y N 129 
HIS ND1 HD1  sing N N 130 
HIS CD2 NE2  sing Y N 131 
HIS CD2 HD2  sing N N 132 
HIS CE1 NE2  sing Y N 133 
HIS CE1 HE1  sing N N 134 
HIS NE2 HE2  sing N N 135 
HIS OXT HXT  sing N N 136 
HOH O   H1   sing N N 137 
HOH O   H2   sing N N 138 
ILE N   CA   sing N N 139 
ILE N   H    sing N N 140 
ILE N   H2   sing N N 141 
ILE CA  C    sing N N 142 
ILE CA  CB   sing N N 143 
ILE CA  HA   sing N N 144 
ILE C   O    doub N N 145 
ILE C   OXT  sing N N 146 
ILE CB  CG1  sing N N 147 
ILE CB  CG2  sing N N 148 
ILE CB  HB   sing N N 149 
ILE CG1 CD1  sing N N 150 
ILE CG1 HG12 sing N N 151 
ILE CG1 HG13 sing N N 152 
ILE CG2 HG21 sing N N 153 
ILE CG2 HG22 sing N N 154 
ILE CG2 HG23 sing N N 155 
ILE CD1 HD11 sing N N 156 
ILE CD1 HD12 sing N N 157 
ILE CD1 HD13 sing N N 158 
ILE OXT HXT  sing N N 159 
LEU N   CA   sing N N 160 
LEU N   H    sing N N 161 
LEU N   H2   sing N N 162 
LEU CA  C    sing N N 163 
LEU CA  CB   sing N N 164 
LEU CA  HA   sing N N 165 
LEU C   O    doub N N 166 
LEU C   OXT  sing N N 167 
LEU CB  CG   sing N N 168 
LEU CB  HB2  sing N N 169 
LEU CB  HB3  sing N N 170 
LEU CG  CD1  sing N N 171 
LEU CG  CD2  sing N N 172 
LEU CG  HG   sing N N 173 
LEU CD1 HD11 sing N N 174 
LEU CD1 HD12 sing N N 175 
LEU CD1 HD13 sing N N 176 
LEU CD2 HD21 sing N N 177 
LEU CD2 HD22 sing N N 178 
LEU CD2 HD23 sing N N 179 
LEU OXT HXT  sing N N 180 
LYS N   CA   sing N N 181 
LYS N   H    sing N N 182 
LYS N   H2   sing N N 183 
LYS CA  C    sing N N 184 
LYS CA  CB   sing N N 185 
LYS CA  HA   sing N N 186 
LYS C   O    doub N N 187 
LYS C   OXT  sing N N 188 
LYS CB  CG   sing N N 189 
LYS CB  HB2  sing N N 190 
LYS CB  HB3  sing N N 191 
LYS CG  CD   sing N N 192 
LYS CG  HG2  sing N N 193 
LYS CG  HG3  sing N N 194 
LYS CD  CE   sing N N 195 
LYS CD  HD2  sing N N 196 
LYS CD  HD3  sing N N 197 
LYS CE  NZ   sing N N 198 
LYS CE  HE2  sing N N 199 
LYS CE  HE3  sing N N 200 
LYS NZ  HZ1  sing N N 201 
LYS NZ  HZ2  sing N N 202 
LYS NZ  HZ3  sing N N 203 
LYS OXT HXT  sing N N 204 
MET N   CA   sing N N 205 
MET N   H    sing N N 206 
MET N   H2   sing N N 207 
MET CA  C    sing N N 208 
MET CA  CB   sing N N 209 
MET CA  HA   sing N N 210 
MET C   O    doub N N 211 
MET C   OXT  sing N N 212 
MET CB  CG   sing N N 213 
MET CB  HB2  sing N N 214 
MET CB  HB3  sing N N 215 
MET CG  SD   sing N N 216 
MET CG  HG2  sing N N 217 
MET CG  HG3  sing N N 218 
MET SD  CE   sing N N 219 
MET CE  HE1  sing N N 220 
MET CE  HE2  sing N N 221 
MET CE  HE3  sing N N 222 
MET OXT HXT  sing N N 223 
MSE N   CA   sing N N 224 
MSE N   H    sing N N 225 
MSE N   H2   sing N N 226 
MSE CA  C    sing N N 227 
MSE CA  CB   sing N N 228 
MSE CA  HA   sing N N 229 
MSE C   O    doub N N 230 
MSE C   OXT  sing N N 231 
MSE OXT HXT  sing N N 232 
MSE CB  CG   sing N N 233 
MSE CB  HB2  sing N N 234 
MSE CB  HB3  sing N N 235 
MSE CG  SE   sing N N 236 
MSE CG  HG2  sing N N 237 
MSE CG  HG3  sing N N 238 
MSE SE  CE   sing N N 239 
MSE CE  HE1  sing N N 240 
MSE CE  HE2  sing N N 241 
MSE CE  HE3  sing N N 242 
PHE N   CA   sing N N 243 
PHE N   H    sing N N 244 
PHE N   H2   sing N N 245 
PHE CA  C    sing N N 246 
PHE CA  CB   sing N N 247 
PHE CA  HA   sing N N 248 
PHE C   O    doub N N 249 
PHE C   OXT  sing N N 250 
PHE CB  CG   sing N N 251 
PHE CB  HB2  sing N N 252 
PHE CB  HB3  sing N N 253 
PHE CG  CD1  doub Y N 254 
PHE CG  CD2  sing Y N 255 
PHE CD1 CE1  sing Y N 256 
PHE CD1 HD1  sing N N 257 
PHE CD2 CE2  doub Y N 258 
PHE CD2 HD2  sing N N 259 
PHE CE1 CZ   doub Y N 260 
PHE CE1 HE1  sing N N 261 
PHE CE2 CZ   sing Y N 262 
PHE CE2 HE2  sing N N 263 
PHE CZ  HZ   sing N N 264 
PHE OXT HXT  sing N N 265 
PRO N   CA   sing N N 266 
PRO N   CD   sing N N 267 
PRO N   H    sing N N 268 
PRO CA  C    sing N N 269 
PRO CA  CB   sing N N 270 
PRO CA  HA   sing N N 271 
PRO C   O    doub N N 272 
PRO C   OXT  sing N N 273 
PRO CB  CG   sing N N 274 
PRO CB  HB2  sing N N 275 
PRO CB  HB3  sing N N 276 
PRO CG  CD   sing N N 277 
PRO CG  HG2  sing N N 278 
PRO CG  HG3  sing N N 279 
PRO CD  HD2  sing N N 280 
PRO CD  HD3  sing N N 281 
PRO OXT HXT  sing N N 282 
SER N   CA   sing N N 283 
SER N   H    sing N N 284 
SER N   H2   sing N N 285 
SER CA  C    sing N N 286 
SER CA  CB   sing N N 287 
SER CA  HA   sing N N 288 
SER C   O    doub N N 289 
SER C   OXT  sing N N 290 
SER CB  OG   sing N N 291 
SER CB  HB2  sing N N 292 
SER CB  HB3  sing N N 293 
SER OG  HG   sing N N 294 
SER OXT HXT  sing N N 295 
THR N   CA   sing N N 296 
THR N   H    sing N N 297 
THR N   H2   sing N N 298 
THR CA  C    sing N N 299 
THR CA  CB   sing N N 300 
THR CA  HA   sing N N 301 
THR C   O    doub N N 302 
THR C   OXT  sing N N 303 
THR CB  OG1  sing N N 304 
THR CB  CG2  sing N N 305 
THR CB  HB   sing N N 306 
THR OG1 HG1  sing N N 307 
THR CG2 HG21 sing N N 308 
THR CG2 HG22 sing N N 309 
THR CG2 HG23 sing N N 310 
THR OXT HXT  sing N N 311 
TRP N   CA   sing N N 312 
TRP N   H    sing N N 313 
TRP N   H2   sing N N 314 
TRP CA  C    sing N N 315 
TRP CA  CB   sing N N 316 
TRP CA  HA   sing N N 317 
TRP C   O    doub N N 318 
TRP C   OXT  sing N N 319 
TRP CB  CG   sing N N 320 
TRP CB  HB2  sing N N 321 
TRP CB  HB3  sing N N 322 
TRP CG  CD1  doub Y N 323 
TRP CG  CD2  sing Y N 324 
TRP CD1 NE1  sing Y N 325 
TRP CD1 HD1  sing N N 326 
TRP CD2 CE2  doub Y N 327 
TRP CD2 CE3  sing Y N 328 
TRP NE1 CE2  sing Y N 329 
TRP NE1 HE1  sing N N 330 
TRP CE2 CZ2  sing Y N 331 
TRP CE3 CZ3  doub Y N 332 
TRP CE3 HE3  sing N N 333 
TRP CZ2 CH2  doub Y N 334 
TRP CZ2 HZ2  sing N N 335 
TRP CZ3 CH2  sing Y N 336 
TRP CZ3 HZ3  sing N N 337 
TRP CH2 HH2  sing N N 338 
TRP OXT HXT  sing N N 339 
TYR N   CA   sing N N 340 
TYR N   H    sing N N 341 
TYR N   H2   sing N N 342 
TYR CA  C    sing N N 343 
TYR CA  CB   sing N N 344 
TYR CA  HA   sing N N 345 
TYR C   O    doub N N 346 
TYR C   OXT  sing N N 347 
TYR CB  CG   sing N N 348 
TYR CB  HB2  sing N N 349 
TYR CB  HB3  sing N N 350 
TYR CG  CD1  doub Y N 351 
TYR CG  CD2  sing Y N 352 
TYR CD1 CE1  sing Y N 353 
TYR CD1 HD1  sing N N 354 
TYR CD2 CE2  doub Y N 355 
TYR CD2 HD2  sing N N 356 
TYR CE1 CZ   doub Y N 357 
TYR CE1 HE1  sing N N 358 
TYR CE2 CZ   sing Y N 359 
TYR CE2 HE2  sing N N 360 
TYR CZ  OH   sing N N 361 
TYR OH  HH   sing N N 362 
TYR OXT HXT  sing N N 363 
VAL N   CA   sing N N 364 
VAL N   H    sing N N 365 
VAL N   H2   sing N N 366 
VAL CA  C    sing N N 367 
VAL CA  CB   sing N N 368 
VAL CA  HA   sing N N 369 
VAL C   O    doub N N 370 
VAL C   OXT  sing N N 371 
VAL CB  CG1  sing N N 372 
VAL CB  CG2  sing N N 373 
VAL CB  HB   sing N N 374 
VAL CG1 HG11 sing N N 375 
VAL CG1 HG12 sing N N 376 
VAL CG1 HG13 sing N N 377 
VAL CG2 HG21 sing N N 378 
VAL CG2 HG22 sing N N 379 
VAL CG2 HG23 sing N N 380 
VAL OXT HXT  sing N N 381 
# 
_atom_sites.entry_id                    2CX6 
_atom_sites.fract_transf_matrix[1][1]   -0.01331310 
_atom_sites.fract_transf_matrix[1][2]   0.00667905 
_atom_sites.fract_transf_matrix[1][3]   0.01271399 
_atom_sites.fract_transf_matrix[2][1]   0.00072215 
_atom_sites.fract_transf_matrix[2][2]   0.01762579 
_atom_sites.fract_transf_matrix[2][3]   -0.00850318 
_atom_sites.fract_transf_matrix[3][1]   -0.00406799 
_atom_sites.fract_transf_matrix[3][2]   -0.00150652 
_atom_sites.fract_transf_matrix[3][3]   -0.00346826 
_atom_sites.fract_transf_vector[1]      0.526231 
_atom_sites.fract_transf_vector[2]      0.126449 
_atom_sites.fract_transf_vector[3]      0.427675 
# 
loop_
_atom_type.symbol 
C  
N  
O  
SE 
# 
loop_
_atom_site.group_PDB 
_atom_site.id 
_atom_site.type_symbol 
_atom_site.label_atom_id 
_atom_site.label_alt_id 
_atom_site.label_comp_id 
_atom_site.label_asym_id 
_atom_site.label_entity_id 
_atom_site.label_seq_id 
_atom_site.pdbx_PDB_ins_code 
_atom_site.Cartn_x 
_atom_site.Cartn_y 
_atom_site.Cartn_z 
_atom_site.occupancy 
_atom_site.B_iso_or_equiv 
_atom_site.pdbx_formal_charge 
_atom_site.auth_seq_id 
_atom_site.auth_comp_id 
_atom_site.auth_asym_id 
_atom_site.auth_atom_id 
_atom_site.pdbx_PDB_model_num 
HETATM 1    N  N   . MSE A 1 1  ? -3.227  -7.966  -4.635  1.00 53.32  ? 1   MSE A N   1 
HETATM 2    C  CA  . MSE A 1 1  ? -4.598  -8.195  -4.109  1.00 41.91  ? 1   MSE A CA  1 
HETATM 3    C  C   . MSE A 1 1  ? -4.505  -8.747  -2.685  1.00 37.28  ? 1   MSE A C   1 
HETATM 4    O  O   . MSE A 1 1  ? -5.169  -8.219  -1.804  1.00 39.70  ? 1   MSE A O   1 
HETATM 5    C  CB  . MSE A 1 1  ? -5.367  -9.122  -5.058  1.00 57.99  ? 1   MSE A CB  1 
HETATM 6    C  CG  . MSE A 1 1  ? -5.378  -8.649  -6.542  1.00 73.44  ? 1   MSE A CG  1 
HETATM 7    SE SE  . MSE A 1 1  ? -6.391  -6.997  -7.053  1.00 114.74 ? 1   MSE A SE  1 
HETATM 8    C  CE  . MSE A 1 1  ? -5.035  -5.905  -7.952  1.00 67.68  ? 1   MSE A CE  1 
ATOM   9    N  N   . ASN A 1 2  ? -3.696  -9.782  -2.431  1.00 28.76  ? 2   ASN A N   1 
ATOM   10   C  CA  . ASN A 1 2  ? -3.549  -10.268 -1.028  1.00 31.27  ? 2   ASN A CA  1 
ATOM   11   C  C   . ASN A 1 2  ? -2.614  -9.296  -0.288  1.00 32.74  ? 2   ASN A C   1 
ATOM   12   O  O   . ASN A 1 2  ? -1.490  -9.025  -0.742  1.00 24.62  ? 2   ASN A O   1 
ATOM   13   C  CB  . ASN A 1 2  ? -2.925  -11.667 -0.948  1.00 37.08  ? 2   ASN A CB  1 
ATOM   14   C  CG  . ASN A 1 2  ? -3.826  -12.748 -1.513  1.00 46.73  ? 2   ASN A CG  1 
ATOM   15   O  OD1 . ASN A 1 2  ? -4.818  -13.139 -0.889  1.00 43.19  ? 2   ASN A OD1 1 
ATOM   16   N  ND2 . ASN A 1 2  ? -3.485  -13.236 -2.708  1.00 35.84  ? 2   ASN A ND2 1 
ATOM   17   N  N   . ILE A 1 3  ? -3.085  -8.780  0.843   1.00 34.45  ? 3   ILE A N   1 
ATOM   18   C  CA  . ILE A 1 3  ? -2.338  -7.804  1.644   1.00 33.63  ? 3   ILE A CA  1 
ATOM   19   C  C   . ILE A 1 3  ? -1.767  -8.444  2.894   1.00 37.77  ? 3   ILE A C   1 
ATOM   20   O  O   . ILE A 1 3  ? -2.491  -9.069  3.669   1.00 33.51  ? 3   ILE A O   1 
ATOM   21   C  CB  . ILE A 1 3  ? -3.254  -6.644  2.094   1.00 37.08  ? 3   ILE A CB  1 
ATOM   22   C  CG1 . ILE A 1 3  ? -3.981  -6.069  0.884   1.00 38.56  ? 3   ILE A CG1 1 
ATOM   23   C  CG2 . ILE A 1 3  ? -2.451  -5.554  2.775   1.00 31.99  ? 3   ILE A CG2 1 
ATOM   24   C  CD1 . ILE A 1 3  ? -3.049  -5.623  -0.196  1.00 36.47  ? 3   ILE A CD1 1 
ATOM   25   N  N   . TYR A 1 4  ? -0.464  -8.287  3.097   1.00 31.90  ? 4   TYR A N   1 
ATOM   26   C  CA  . TYR A 1 4  ? 0.154   -8.873  4.266   1.00 31.58  ? 4   TYR A CA  1 
ATOM   27   C  C   . TYR A 1 4  ? 0.889   -7.781  4.985   1.00 28.08  ? 4   TYR A C   1 
ATOM   28   O  O   . TYR A 1 4  ? 1.507   -6.932  4.361   1.00 30.59  ? 4   TYR A O   1 
ATOM   29   C  CB  . TYR A 1 4  ? 1.128   -9.967  3.850   1.00 34.30  ? 4   TYR A CB  1 
ATOM   30   C  CG  . TYR A 1 4  ? 0.458   -11.106 3.145   1.00 31.27  ? 4   TYR A CG  1 
ATOM   31   C  CD1 . TYR A 1 4  ? 0.476   -11.197 1.755   1.00 37.75  ? 4   TYR A CD1 1 
ATOM   32   C  CD2 . TYR A 1 4  ? -0.206  -12.091 3.863   1.00 28.96  ? 4   TYR A CD2 1 
ATOM   33   C  CE1 . TYR A 1 4  ? -0.155  -12.249 1.091   1.00 26.19  ? 4   TYR A CE1 1 
ATOM   34   C  CE2 . TYR A 1 4  ? -0.844  -13.147 3.212   1.00 25.93  ? 4   TYR A CE2 1 
ATOM   35   C  CZ  . TYR A 1 4  ? -0.815  -13.213 1.829   1.00 38.78  ? 4   TYR A CZ  1 
ATOM   36   O  OH  . TYR A 1 4  ? -1.473  -14.236 1.183   1.00 43.63  ? 4   TYR A OH  1 
ATOM   37   N  N   . THR A 1 5  ? 0.848   -7.821  6.303   1.00 25.02  ? 5   THR A N   1 
ATOM   38   C  CA  . THR A 1 5  ? 1.501   -6.795  7.086   1.00 39.47  ? 5   THR A CA  1 
ATOM   39   C  C   . THR A 1 5  ? 2.591   -7.308  8.031   1.00 45.71  ? 5   THR A C   1 
ATOM   40   O  O   . THR A 1 5  ? 2.456   -8.367  8.664   1.00 38.33  ? 5   THR A O   1 
ATOM   41   C  CB  . THR A 1 5  ? 0.451   -6.003  7.922   1.00 46.46  ? 5   THR A CB  1 
ATOM   42   O  OG1 . THR A 1 5  ? -0.565  -5.478  7.057   1.00 45.71  ? 5   THR A OG1 1 
ATOM   43   C  CG2 . THR A 1 5  ? 1.107   -4.860  8.652   1.00 38.57  ? 5   THR A CG2 1 
ATOM   44   N  N   . PHE A 1 6  ? 3.681   -6.543  8.112   1.00 42.97  ? 6   PHE A N   1 
ATOM   45   C  CA  . PHE A 1 6  ? 4.767   -6.876  9.010   1.00 35.60  ? 6   PHE A CA  1 
ATOM   46   C  C   . PHE A 1 6  ? 4.910   -5.710  9.951   1.00 33.22  ? 6   PHE A C   1 
ATOM   47   O  O   . PHE A 1 6  ? 5.250   -4.591  9.565   1.00 30.69  ? 6   PHE A O   1 
ATOM   48   C  CB  . PHE A 1 6  ? 6.040   -7.182  8.228   1.00 22.43  ? 6   PHE A CB  1 
ATOM   49   C  CG  . PHE A 1 6  ? 5.910   -8.413  7.412   1.00 28.01  ? 6   PHE A CG  1 
ATOM   50   C  CD1 . PHE A 1 6  ? 5.280   -8.376  6.173   1.00 25.67  ? 6   PHE A CD1 1 
ATOM   51   C  CD2 . PHE A 1 6  ? 6.229   -9.649  7.958   1.00 29.78  ? 6   PHE A CD2 1 
ATOM   52   C  CE1 . PHE A 1 6  ? 4.956   -9.568  5.500   1.00 31.63  ? 6   PHE A CE1 1 
ATOM   53   C  CE2 . PHE A 1 6  ? 5.907   -10.833 7.291   1.00 25.71  ? 6   PHE A CE2 1 
ATOM   54   C  CZ  . PHE A 1 6  ? 5.271   -10.791 6.070   1.00 22.64  ? 6   PHE A CZ  1 
ATOM   55   N  N   . ASP A 1 7  ? 4.576   -5.994  11.199  1.00 36.23  ? 7   ASP A N   1 
ATOM   56   C  CA  . ASP A 1 7  ? 4.609   -4.997  12.245  1.00 39.17  ? 7   ASP A CA  1 
ATOM   57   C  C   . ASP A 1 7  ? 5.981   -5.014  12.859  1.00 39.95  ? 7   ASP A C   1 
ATOM   58   O  O   . ASP A 1 7  ? 6.334   -5.965  13.549  1.00 35.43  ? 7   ASP A O   1 
ATOM   59   C  CB  . ASP A 1 7  ? 3.580   -5.348  13.311  1.00 47.11  ? 7   ASP A CB  1 
ATOM   60   C  CG  . ASP A 1 7  ? 3.131   -4.138  14.102  1.00 56.69  ? 7   ASP A CG  1 
ATOM   61   O  OD1 . ASP A 1 7  ? 3.999   -3.351  14.544  1.00 56.42  ? 7   ASP A OD1 1 
ATOM   62   O  OD2 . ASP A 1 7  ? 1.902   -3.981  14.279  1.00 66.46  ? 7   ASP A OD2 1 
ATOM   63   N  N   . PHE A 1 8  ? 6.773   -3.981  12.634  1.00 39.16  ? 8   PHE A N   1 
ATOM   64   C  CA  . PHE A 1 8  ? 8.093   -4.037  13.233  1.00 42.33  ? 8   PHE A CA  1 
ATOM   65   C  C   . PHE A 1 8  ? 8.193   -3.775  14.735  1.00 46.39  ? 8   PHE A C   1 
ATOM   66   O  O   . PHE A 1 8  ? 9.293   -3.774  15.287  1.00 44.89  ? 8   PHE A O   1 
ATOM   67   C  CB  . PHE A 1 8  ? 9.069   -3.170  12.459  1.00 31.64  ? 8   PHE A CB  1 
ATOM   68   C  CG  . PHE A 1 8  ? 9.607   -3.859  11.234  1.00 38.99  ? 8   PHE A CG  1 
ATOM   69   C  CD1 . PHE A 1 8  ? 8.816   -4.015  10.105  1.00 20.48  ? 8   PHE A CD1 1 
ATOM   70   C  CD2 . PHE A 1 8  ? 10.866  -4.432  11.249  1.00 29.78  ? 8   PHE A CD2 1 
ATOM   71   C  CE1 . PHE A 1 8  ? 9.268   -4.738  9.017   1.00 44.07  ? 8   PHE A CE1 1 
ATOM   72   C  CE2 . PHE A 1 8  ? 11.341  -5.165  10.160  1.00 32.18  ? 8   PHE A CE2 1 
ATOM   73   C  CZ  . PHE A 1 8  ? 10.546  -5.323  9.045   1.00 35.39  ? 8   PHE A CZ  1 
ATOM   74   N  N   . ASP A 1 9  ? 7.063   -3.572  15.413  1.00 46.98  ? 9   ASP A N   1 
ATOM   75   C  CA  . ASP A 1 9  ? 7.139   -3.380  16.856  1.00 51.41  ? 9   ASP A CA  1 
ATOM   76   C  C   . ASP A 1 9  ? 7.423   -4.768  17.434  1.00 56.00  ? 9   ASP A C   1 
ATOM   77   O  O   . ASP A 1 9  ? 7.871   -4.900  18.571  1.00 58.03  ? 9   ASP A O   1 
ATOM   78   C  CB  . ASP A 1 9  ? 5.822   -2.848  17.447  1.00 56.62  ? 9   ASP A CB  1 
ATOM   79   C  CG  . ASP A 1 9  ? 5.541   -1.398  17.077  1.00 54.30  ? 9   ASP A CG  1 
ATOM   80   O  OD1 . ASP A 1 9  ? 6.487   -0.590  16.973  1.00 60.79  ? 9   ASP A OD1 1 
ATOM   81   O  OD2 . ASP A 1 9  ? 4.357   -1.060  16.916  1.00 57.29  ? 9   ASP A OD2 1 
ATOM   82   N  N   . GLU A 1 10 ? 7.191   -5.802  16.624  1.00 53.38  ? 10  GLU A N   1 
ATOM   83   C  CA  . GLU A 1 10 ? 7.392   -7.181  17.059  1.00 54.10  ? 10  GLU A CA  1 
ATOM   84   C  C   . GLU A 1 10 ? 8.545   -7.903  16.356  1.00 47.67  ? 10  GLU A C   1 
ATOM   85   O  O   . GLU A 1 10 ? 8.750   -9.083  16.576  1.00 40.60  ? 10  GLU A O   1 
ATOM   86   C  CB  . GLU A 1 10 ? 6.099   -7.974  16.844  1.00 59.58  ? 10  GLU A CB  1 
ATOM   87   C  CG  . GLU A 1 10 ? 4.844   -7.200  17.214  1.00 74.61  ? 10  GLU A CG  1 
ATOM   88   C  CD  . GLU A 1 10 ? 3.557   -7.910  16.798  1.00 85.83  ? 10  GLU A CD  1 
ATOM   89   O  OE1 . GLU A 1 10 ? 3.490   -8.398  15.646  1.00 80.91  ? 10  GLU A OE1 1 
ATOM   90   O  OE2 . GLU A 1 10 ? 2.610   -7.960  17.620  1.00 88.17  ? 10  GLU A OE2 1 
ATOM   91   N  N   . ILE A 1 11 ? 9.284   -7.205  15.505  1.00 44.89  ? 11  ILE A N   1 
ATOM   92   C  CA  . ILE A 1 11 ? 10.408  -7.810  14.787  1.00 45.24  ? 11  ILE A CA  1 
ATOM   93   C  C   . ILE A 1 11 ? 11.616  -7.008  15.213  1.00 51.90  ? 11  ILE A C   1 
ATOM   94   O  O   . ILE A 1 11 ? 11.598  -5.781  15.103  1.00 53.93  ? 11  ILE A O   1 
ATOM   95   C  CB  . ILE A 1 11 ? 10.254  -7.666  13.238  1.00 43.36  ? 11  ILE A CB  1 
ATOM   96   C  CG1 . ILE A 1 11 ? 8.918   -8.264  12.793  1.00 41.42  ? 11  ILE A CG1 1 
ATOM   97   C  CG2 . ILE A 1 11 ? 11.442  -8.336  12.503  1.00 30.05  ? 11  ILE A CG2 1 
ATOM   98   C  CD1 . ILE A 1 11 ? 8.549   -7.943  11.367  1.00 31.19  ? 11  ILE A CD1 1 
ATOM   99   N  N   . GLU A 1 12 ? 12.661  -7.683  15.692  1.00 51.32  ? 12  GLU A N   1 
ATOM   100  C  CA  . GLU A 1 12 ? 13.852  -6.978  16.129  1.00 53.61  ? 12  GLU A CA  1 
ATOM   101  C  C   . GLU A 1 12 ? 15.149  -7.360  15.416  1.00 56.80  ? 12  GLU A C   1 
ATOM   102  O  O   . GLU A 1 12 ? 16.112  -6.589  15.405  1.00 61.72  ? 12  GLU A O   1 
ATOM   103  C  CB  . GLU A 1 12 ? 13.989  -7.098  17.651  1.00 66.70  ? 12  GLU A CB  1 
ATOM   104  C  CG  . GLU A 1 12 ? 13.030  -6.152  18.412  1.00 73.37  ? 12  GLU A CG  1 
ATOM   105  C  CD  . GLU A 1 12 ? 13.379  -4.652  18.247  1.00 81.43  ? 12  GLU A CD  1 
ATOM   106  O  OE1 . GLU A 1 12 ? 13.566  -4.168  17.099  1.00 80.54  ? 12  GLU A OE1 1 
ATOM   107  O  OE2 . GLU A 1 12 ? 13.458  -3.951  19.281  1.00 77.94  ? 12  GLU A OE2 1 
ATOM   108  N  N   . SER A 1 13 ? 15.189  -8.540  14.817  1.00 48.02  ? 13  SER A N   1 
ATOM   109  C  CA  . SER A 1 13 ? 16.372  -8.936  14.057  1.00 44.47  ? 13  SER A CA  1 
ATOM   110  C  C   . SER A 1 13 ? 15.882  -9.353  12.680  1.00 45.90  ? 13  SER A C   1 
ATOM   111  O  O   . SER A 1 13 ? 14.681  -9.473  12.472  1.00 43.76  ? 13  SER A O   1 
ATOM   112  C  CB  . SER A 1 13 ? 17.059  -10.117 14.714  1.00 35.12  ? 13  SER A CB  1 
ATOM   113  O  OG  . SER A 1 13 ? 16.159  -11.210 14.825  1.00 48.71  ? 13  SER A OG  1 
ATOM   114  N  N   . GLN A 1 14 ? 16.797  -9.560  11.738  1.00 48.39  ? 14  GLN A N   1 
ATOM   115  C  CA  . GLN A 1 14 ? 16.388  -10.010 10.420  1.00 55.42  ? 14  GLN A CA  1 
ATOM   116  C  C   . GLN A 1 14 ? 15.899  -11.448 10.596  1.00 58.27  ? 14  GLN A C   1 
ATOM   117  O  O   . GLN A 1 14 ? 14.991  -11.894 9.890   1.00 60.66  ? 14  GLN A O   1 
ATOM   118  C  CB  . GLN A 1 14 ? 17.549  -9.965  9.415   1.00 57.02  ? 14  GLN A CB  1 
ATOM   119  C  CG  . GLN A 1 14 ? 18.053  -8.557  9.085   1.00 62.64  ? 14  GLN A CG  1 
ATOM   120  C  CD  . GLN A 1 14 ? 18.447  -8.406  7.617   1.00 65.63  ? 14  GLN A CD  1 
ATOM   121  O  OE1 . GLN A 1 14 ? 19.179  -9.236  7.059   1.00 52.45  ? 14  GLN A OE1 1 
ATOM   122  N  NE2 . GLN A 1 14 ? 17.964  -7.336  6.984   1.00 59.17  ? 14  GLN A NE2 1 
ATOM   123  N  N   . GLU A 1 15 ? 16.489  -12.156 11.559  1.00 52.51  ? 15  GLU A N   1 
ATOM   124  C  CA  . GLU A 1 15 ? 16.111  -13.544 11.839  1.00 54.13  ? 15  GLU A CA  1 
ATOM   125  C  C   . GLU A 1 15 ? 14.644  -13.603 12.247  1.00 45.04  ? 15  GLU A C   1 
ATOM   126  O  O   . GLU A 1 15 ? 13.943  -14.560 11.931  1.00 41.17  ? 15  GLU A O   1 
ATOM   127  C  CB  . GLU A 1 15 ? 16.973  -14.142 12.963  1.00 62.71  ? 15  GLU A CB  1 
ATOM   128  C  CG  . GLU A 1 15 ? 18.055  -13.212 13.531  1.00 75.46  ? 15  GLU A CG  1 
ATOM   129  C  CD  . GLU A 1 15 ? 19.254  -13.017 12.598  1.00 75.30  ? 15  GLU A CD  1 
ATOM   130  O  OE1 . GLU A 1 15 ? 19.854  -14.032 12.177  1.00 81.28  ? 15  GLU A OE1 1 
ATOM   131  O  OE2 . GLU A 1 15 ? 19.603  -11.850 12.296  1.00 66.87  ? 15  GLU A OE2 1 
ATOM   132  N  N   . ASP A 1 16 ? 14.192  -12.578 12.962  1.00 44.20  ? 16  ASP A N   1 
ATOM   133  C  CA  . ASP A 1 16 ? 12.802  -12.508 13.378  1.00 40.39  ? 16  ASP A CA  1 
ATOM   134  C  C   . ASP A 1 16 ? 11.928  -12.375 12.132  1.00 43.24  ? 16  ASP A C   1 
ATOM   135  O  O   . ASP A 1 16 ? 10.827  -12.924 12.052  1.00 41.21  ? 16  ASP A O   1 
ATOM   136  C  CB  . ASP A 1 16 ? 12.554  -11.292 14.269  1.00 44.09  ? 16  ASP A CB  1 
ATOM   137  C  CG  . ASP A 1 16 ? 12.991  -11.510 15.699  1.00 61.67  ? 16  ASP A CG  1 
ATOM   138  O  OD1 . ASP A 1 16 ? 12.938  -12.675 16.149  1.00 63.58  ? 16  ASP A OD1 1 
ATOM   139  O  OD2 . ASP A 1 16 ? 13.362  -10.518 16.377  1.00 66.43  ? 16  ASP A OD2 1 
ATOM   140  N  N   . PHE A 1 17 ? 12.425  -11.635 11.157  1.00 32.47  ? 17  PHE A N   1 
ATOM   141  C  CA  . PHE A 1 17 ? 11.654  -11.427 9.966   1.00 31.69  ? 17  PHE A CA  1 
ATOM   142  C  C   . PHE A 1 17 ? 11.419  -12.720 9.212   1.00 32.16  ? 17  PHE A C   1 
ATOM   143  O  O   . PHE A 1 17 ? 10.269  -13.115 9.002   1.00 37.51  ? 17  PHE A O   1 
ATOM   144  C  CB  . PHE A 1 17 ? 12.346  -10.429 9.051   1.00 34.97  ? 17  PHE A CB  1 
ATOM   145  C  CG  . PHE A 1 17 ? 11.538  -10.091 7.858   1.00 37.79  ? 17  PHE A CG  1 
ATOM   146  C  CD1 . PHE A 1 17 ? 10.461  -9.215  7.963   1.00 33.98  ? 17  PHE A CD1 1 
ATOM   147  C  CD2 . PHE A 1 17 ? 11.784  -10.714 6.640   1.00 29.09  ? 17  PHE A CD2 1 
ATOM   148  C  CE1 . PHE A 1 17 ? 9.635   -8.973  6.870   1.00 26.51  ? 17  PHE A CE1 1 
ATOM   149  C  CE2 . PHE A 1 17 ? 10.953  -10.467 5.537   1.00 29.61  ? 17  PHE A CE2 1 
ATOM   150  C  CZ  . PHE A 1 17 ? 9.882   -9.600  5.659   1.00 31.73  ? 17  PHE A CZ  1 
ATOM   151  N  N   . TYR A 1 18 ? 12.508  -13.376 8.811   1.00 28.78  ? 18  TYR A N   1 
ATOM   152  C  CA  . TYR A 1 18 ? 12.446  -14.635 8.071   1.00 26.38  ? 18  TYR A CA  1 
ATOM   153  C  C   . TYR A 1 18 ? 11.433  -15.624 8.632   1.00 33.70  ? 18  TYR A C   1 
ATOM   154  O  O   . TYR A 1 18 ? 10.706  -16.299 7.892   1.00 40.42  ? 18  TYR A O   1 
ATOM   155  C  CB  . TYR A 1 18 ? 13.825  -15.270 8.051   1.00 32.81  ? 18  TYR A CB  1 
ATOM   156  C  CG  . TYR A 1 18 ? 14.858  -14.397 7.374   1.00 40.53  ? 18  TYR A CG  1 
ATOM   157  C  CD1 . TYR A 1 18 ? 16.184  -14.374 7.810   1.00 40.32  ? 18  TYR A CD1 1 
ATOM   158  C  CD2 . TYR A 1 18 ? 14.505  -13.574 6.309   1.00 32.60  ? 18  TYR A CD2 1 
ATOM   159  C  CE1 . TYR A 1 18 ? 17.131  -13.540 7.199   1.00 46.48  ? 18  TYR A CE1 1 
ATOM   160  C  CE2 . TYR A 1 18 ? 15.443  -12.743 5.690   1.00 42.54  ? 18  TYR A CE2 1 
ATOM   161  C  CZ  . TYR A 1 18 ? 16.751  -12.727 6.140   1.00 42.18  ? 18  TYR A CZ  1 
ATOM   162  O  OH  . TYR A 1 18 ? 17.663  -11.883 5.534   1.00 56.14  ? 18  TYR A OH  1 
ATOM   163  N  N   . ARG A 1 19 ? 11.390  -15.699 9.949   1.00 28.17  ? 19  ARG A N   1 
ATOM   164  C  CA  . ARG A 1 19 ? 10.492  -16.588 10.636  1.00 37.25  ? 19  ARG A CA  1 
ATOM   165  C  C   . ARG A 1 19 ? 9.063   -16.068 10.552  1.00 40.91  ? 19  ARG A C   1 
ATOM   166  O  O   . ARG A 1 19 ? 8.143   -16.836 10.297  1.00 39.88  ? 19  ARG A O   1 
ATOM   167  C  CB  . ARG A 1 19 ? 10.977  -16.734 12.078  1.00 44.33  ? 19  ARG A CB  1 
ATOM   168  C  CG  . ARG A 1 19 ? 9.940   -17.074 13.120  1.00 58.62  ? 19  ARG A CG  1 
ATOM   169  C  CD  . ARG A 1 19 ? 10.654  -17.307 14.461  1.00 73.22  ? 19  ARG A CD  1 
ATOM   170  N  NE  . ARG A 1 19 ? 10.023  -16.629 15.600  1.00 80.21  ? 19  ARG A NE  1 
ATOM   171  C  CZ  . ARG A 1 19 ? 10.098  -15.323 15.851  1.00 78.74  ? 19  ARG A CZ  1 
ATOM   172  N  NH1 . ARG A 1 19 ? 10.777  -14.519 15.048  1.00 80.48  ? 19  ARG A NH1 1 
ATOM   173  N  NH2 . ARG A 1 19 ? 9.500   -14.821 16.924  1.00 78.40  ? 19  ARG A NH2 1 
ATOM   174  N  N   . ASP A 1 20 ? 8.870   -14.769 10.738  1.00 29.57  ? 20  ASP A N   1 
ATOM   175  C  CA  . ASP A 1 20 ? 7.529   -14.224 10.660  1.00 29.68  ? 20  ASP A CA  1 
ATOM   176  C  C   . ASP A 1 20 ? 7.005   -14.329 9.195   1.00 36.26  ? 20  ASP A C   1 
ATOM   177  O  O   . ASP A 1 20 ? 5.813   -14.558 8.945   1.00 33.61  ? 20  ASP A O   1 
ATOM   178  C  CB  . ASP A 1 20 ? 7.549   -12.779 11.178  1.00 34.73  ? 20  ASP A CB  1 
ATOM   179  C  CG  . ASP A 1 20 ? 6.159   -12.145 11.226  1.00 62.45  ? 20  ASP A CG  1 
ATOM   180  O  OD1 . ASP A 1 20 ? 5.139   -12.875 11.281  1.00 66.88  ? 20  ASP A OD1 1 
ATOM   181  O  OD2 . ASP A 1 20 ? 6.083   -10.895 11.225  1.00 71.97  ? 20  ASP A OD2 1 
ATOM   182  N  N   . PHE A 1 21 ? 7.916   -14.181 8.242   1.00 26.19  ? 21  PHE A N   1 
ATOM   183  C  CA  . PHE A 1 21 ? 7.605   -14.262 6.840   1.00 19.18  ? 21  PHE A CA  1 
ATOM   184  C  C   . PHE A 1 21 ? 7.169   -15.705 6.534   1.00 30.51  ? 21  PHE A C   1 
ATOM   185  O  O   . PHE A 1 21 ? 6.093   -15.953 5.983   1.00 32.86  ? 21  PHE A O   1 
ATOM   186  C  CB  . PHE A 1 21 ? 8.861   -13.922 6.038   1.00 33.65  ? 21  PHE A CB  1 
ATOM   187  C  CG  . PHE A 1 21 ? 8.633   -13.837 4.562   1.00 25.69  ? 21  PHE A CG  1 
ATOM   188  C  CD1 . PHE A 1 21 ? 8.123   -12.662 3.986   1.00 20.21  ? 21  PHE A CD1 1 
ATOM   189  C  CD2 . PHE A 1 21 ? 8.892   -14.947 3.743   1.00 26.35  ? 21  PHE A CD2 1 
ATOM   190  C  CE1 . PHE A 1 21 ? 7.870   -12.593 2.597   1.00 18.36  ? 21  PHE A CE1 1 
ATOM   191  C  CE2 . PHE A 1 21 ? 8.643   -14.894 2.356   1.00 19.47  ? 21  PHE A CE2 1 
ATOM   192  C  CZ  . PHE A 1 21 ? 8.134   -13.720 1.785   1.00 24.80  ? 21  PHE A CZ  1 
ATOM   193  N  N   . SER A 1 22 ? 8.007   -16.662 6.902   1.00 28.26  ? 22  SER A N   1 
ATOM   194  C  CA  . SER A 1 22 ? 7.686   -18.067 6.659   1.00 31.01  ? 22  SER A CA  1 
ATOM   195  C  C   . SER A 1 22 ? 6.362   -18.450 7.296   1.00 37.83  ? 22  SER A C   1 
ATOM   196  O  O   . SER A 1 22 ? 5.548   -19.143 6.684   1.00 38.47  ? 22  SER A O   1 
ATOM   197  C  CB  . SER A 1 22 ? 8.798   -18.959 7.196   1.00 34.81  ? 22  SER A CB  1 
ATOM   198  O  OG  . SER A 1 22 ? 10.018  -18.619 6.567   1.00 34.96  ? 22  SER A OG  1 
ATOM   199  N  N   . GLN A 1 23 ? 6.166   -18.004 8.534   1.00 45.80  ? 23  GLN A N   1 
ATOM   200  C  CA  . GLN A 1 23 ? 4.936   -18.236 9.275   1.00 34.73  ? 23  GLN A CA  1 
ATOM   201  C  C   . GLN A 1 23 ? 3.775   -17.615 8.520   1.00 44.74  ? 23  GLN A C   1 
ATOM   202  O  O   . GLN A 1 23 ? 2.720   -18.220 8.386   1.00 41.55  ? 23  GLN A O   1 
ATOM   203  C  CB  . GLN A 1 23 ? 4.987   -17.545 10.630  1.00 49.19  ? 23  GLN A CB  1 
ATOM   204  C  CG  . GLN A 1 23 ? 5.293   -18.412 11.828  1.00 63.90  ? 23  GLN A CG  1 
ATOM   205  C  CD  . GLN A 1 23 ? 5.217   -17.612 13.135  1.00 73.86  ? 23  GLN A CD  1 
ATOM   206  O  OE1 . GLN A 1 23 ? 4.255   -16.864 13.365  1.00 70.78  ? 23  GLN A OE1 1 
ATOM   207  N  NE2 . GLN A 1 23 ? 6.225   -17.770 13.991  1.00 66.98  ? 23  GLN A NE2 1 
ATOM   208  N  N   . THR A 1 24 ? 3.952   -16.396 8.023   1.00 40.48  ? 24  THR A N   1 
ATOM   209  C  CA  . THR A 1 24 ? 2.844   -15.750 7.336   1.00 37.26  ? 24  THR A CA  1 
ATOM   210  C  C   . THR A 1 24 ? 2.428   -16.402 6.000   1.00 44.29  ? 24  THR A C   1 
ATOM   211  O  O   . THR A 1 24 ? 1.240   -16.429 5.650   1.00 44.38  ? 24  THR A O   1 
ATOM   212  C  CB  . THR A 1 24 ? 3.156   -14.277 7.118   1.00 33.94  ? 24  THR A CB  1 
ATOM   213  O  OG1 . THR A 1 24 ? 2.981   -13.569 8.350   1.00 32.01  ? 24  THR A OG1 1 
ATOM   214  C  CG2 . THR A 1 24 ? 2.267   -13.697 6.030   1.00 31.79  ? 24  THR A CG2 1 
ATOM   215  N  N   . PHE A 1 25 ? 3.394   -16.918 5.251   1.00 32.73  ? 25  PHE A N   1 
ATOM   216  C  CA  . PHE A 1 25 ? 3.085   -17.533 3.972   1.00 38.68  ? 25  PHE A CA  1 
ATOM   217  C  C   . PHE A 1 25 ? 3.031   -19.044 4.059   1.00 32.82  ? 25  PHE A C   1 
ATOM   218  O  O   . PHE A 1 25 ? 3.075   -19.725 3.052   1.00 34.96  ? 25  PHE A O   1 
ATOM   219  C  CB  . PHE A 1 25 ? 4.111   -17.103 2.927   1.00 24.02  ? 25  PHE A CB  1 
ATOM   220  C  CG  . PHE A 1 25 ? 3.990   -15.671 2.539   1.00 29.88  ? 25  PHE A CG  1 
ATOM   221  C  CD1 . PHE A 1 25 ? 4.917   -14.733 2.983   1.00 28.31  ? 25  PHE A CD1 1 
ATOM   222  C  CD2 . PHE A 1 25 ? 2.884   -15.238 1.792   1.00 30.76  ? 25  PHE A CD2 1 
ATOM   223  C  CE1 . PHE A 1 25 ? 4.748   -13.386 2.702   1.00 28.37  ? 25  PHE A CE1 1 
ATOM   224  C  CE2 . PHE A 1 25 ? 2.697   -13.898 1.496   1.00 23.04  ? 25  PHE A CE2 1 
ATOM   225  C  CZ  . PHE A 1 25 ? 3.636   -12.958 1.957   1.00 30.36  ? 25  PHE A CZ  1 
ATOM   226  N  N   . GLY A 1 26 ? 2.914   -19.561 5.271   1.00 36.40  ? 26  GLY A N   1 
ATOM   227  C  CA  . GLY A 1 26 ? 2.887   -21.000 5.454   1.00 35.42  ? 26  GLY A CA  1 
ATOM   228  C  C   . GLY A 1 26 ? 4.057   -21.720 4.785   1.00 43.15  ? 26  GLY A C   1 
ATOM   229  O  O   . GLY A 1 26 ? 3.866   -22.782 4.216   1.00 47.74  ? 26  GLY A O   1 
ATOM   230  N  N   . LEU A 1 27 ? 5.262   -21.151 4.825   1.00 48.42  ? 27  LEU A N   1 
ATOM   231  C  CA  . LEU A 1 27 ? 6.425   -21.794 4.206   1.00 42.00  ? 27  LEU A CA  1 
ATOM   232  C  C   . LEU A 1 27 ? 7.053   -22.748 5.227   1.00 54.26  ? 27  LEU A C   1 
ATOM   233  O  O   . LEU A 1 27 ? 6.909   -22.574 6.451   1.00 53.79  ? 27  LEU A O   1 
ATOM   234  C  CB  . LEU A 1 27 ? 7.469   -20.748 3.766   1.00 40.94  ? 27  LEU A CB  1 
ATOM   235  C  CG  . LEU A 1 27 ? 7.039   -19.642 2.792   1.00 34.63  ? 27  LEU A CG  1 
ATOM   236  C  CD1 . LEU A 1 27 ? 8.216   -18.760 2.453   1.00 25.43  ? 27  LEU A CD1 1 
ATOM   237  C  CD2 . LEU A 1 27 ? 6.453   -20.256 1.542   1.00 31.35  ? 27  LEU A CD2 1 
ATOM   238  N  N   . ALA A 1 28 ? 7.752   -23.758 4.731   1.00 46.37  ? 28  ALA A N   1 
ATOM   239  C  CA  . ALA A 1 28 ? 8.362   -24.724 5.620   1.00 51.80  ? 28  ALA A CA  1 
ATOM   240  C  C   . ALA A 1 28 ? 9.530   -24.190 6.471   1.00 61.60  ? 28  ALA A C   1 
ATOM   241  O  O   . ALA A 1 28 ? 9.956   -23.043 6.333   1.00 63.03  ? 28  ALA A O   1 
ATOM   242  C  CB  . ALA A 1 28 ? 8.814   -25.922 4.810   1.00 57.29  ? 28  ALA A CB  1 
ATOM   243  N  N   . LYS A 1 29 ? 10.018  -25.068 7.347   1.00 69.70  ? 29  LYS A N   1 
ATOM   244  C  CA  . LYS A 1 29 ? 11.142  -24.858 8.266   1.00 73.41  ? 29  LYS A CA  1 
ATOM   245  C  C   . LYS A 1 29 ? 12.081  -23.698 7.952   1.00 73.34  ? 29  LYS A C   1 
ATOM   246  O  O   . LYS A 1 29 ? 11.931  -22.597 8.479   1.00 75.31  ? 29  LYS A O   1 
ATOM   247  C  CB  . LYS A 1 29 ? 11.953  -26.169 8.338   1.00 81.53  ? 29  LYS A CB  1 
ATOM   248  C  CG  . LYS A 1 29 ? 13.000  -26.285 9.453   1.00 87.21  ? 29  LYS A CG  1 
ATOM   249  C  CD  . LYS A 1 29 ? 13.595  -27.707 9.488   1.00 81.62  ? 29  LYS A CD  1 
ATOM   250  C  CE  . LYS A 1 29 ? 14.707  -27.829 10.529  1.00 92.11  ? 29  LYS A CE  1 
ATOM   251  N  NZ  . LYS A 1 29 ? 15.324  -29.190 10.605  1.00 83.55  ? 29  LYS A NZ  1 
ATOM   252  N  N   . ASP A 1 30 ? 13.062  -23.956 7.097   1.00 78.19  ? 30  ASP A N   1 
ATOM   253  C  CA  . ASP A 1 30 ? 14.039  -22.937 6.732   1.00 79.68  ? 30  ASP A CA  1 
ATOM   254  C  C   . ASP A 1 30 ? 14.057  -22.687 5.231   1.00 77.32  ? 30  ASP A C   1 
ATOM   255  O  O   . ASP A 1 30 ? 15.126  -22.626 4.624   1.00 83.54  ? 30  ASP A O   1 
ATOM   256  C  CB  . ASP A 1 30 ? 15.441  -23.373 7.179   1.00 87.11  ? 30  ASP A CB  1 
ATOM   257  C  CG  . ASP A 1 30 ? 15.474  -23.887 8.615   1.00 92.99  ? 30  ASP A CG  1 
ATOM   258  O  OD1 . ASP A 1 30 ? 15.105  -23.136 9.543   1.00 96.57  ? 30  ASP A OD1 1 
ATOM   259  O  OD2 . ASP A 1 30 ? 15.877  -25.054 8.811   1.00 101.61 ? 30  ASP A OD2 1 
ATOM   260  N  N   . LYS A 1 31 ? 12.883  -22.555 4.626   1.00 74.21  ? 31  LYS A N   1 
ATOM   261  C  CA  . LYS A 1 31 ? 12.827  -22.308 3.191   1.00 69.90  ? 31  LYS A CA  1 
ATOM   262  C  C   . LYS A 1 31 ? 13.352  -20.894 2.959   1.00 63.15  ? 31  LYS A C   1 
ATOM   263  O  O   . LYS A 1 31 ? 13.769  -20.545 1.851   1.00 61.26  ? 31  LYS A O   1 
ATOM   264  C  CB  . LYS A 1 31 ? 11.386  -22.449 2.672   1.00 64.36  ? 31  LYS A CB  1 
ATOM   265  C  CG  . LYS A 1 31 ? 11.198  -22.027 1.215   1.00 72.28  ? 31  LYS A CG  1 
ATOM   266  C  CD  . LYS A 1 31 ? 10.824  -23.171 0.273   1.00 70.44  ? 31  LYS A CD  1 
ATOM   267  C  CE  . LYS A 1 31 ? 10.706  -22.664 -1.169  1.00 65.14  ? 31  LYS A CE  1 
ATOM   268  N  NZ  . LYS A 1 31 ? 10.424  -23.747 -2.155  1.00 66.90  ? 31  LYS A NZ  1 
ATOM   269  N  N   . VAL A 1 32 ? 13.329  -20.092 4.023   1.00 52.95  ? 32  VAL A N   1 
ATOM   270  C  CA  . VAL A 1 32 ? 13.802  -18.708 3.981   1.00 54.46  ? 32  VAL A CA  1 
ATOM   271  C  C   . VAL A 1 32 ? 14.581  -18.436 5.285   1.00 53.27  ? 32  VAL A C   1 
ATOM   272  O  O   . VAL A 1 32 ? 13.992  -18.289 6.369   1.00 45.99  ? 32  VAL A O   1 
ATOM   273  C  CB  . VAL A 1 32 ? 12.601  -17.705 3.815   1.00 43.21  ? 32  VAL A CB  1 
ATOM   274  C  CG1 . VAL A 1 32 ? 13.107  -16.292 3.645   1.00 45.22  ? 32  VAL A CG1 1 
ATOM   275  C  CG2 . VAL A 1 32 ? 11.772  -18.065 2.596   1.00 48.01  ? 32  VAL A CG2 1 
ATOM   276  N  N   . ARG A 1 33 ? 15.909  -18.382 5.156   1.00 52.74  ? 33  ARG A N   1 
ATOM   277  C  CA  . ARG A 1 33 ? 16.819  -18.183 6.292   1.00 59.46  ? 33  ARG A CA  1 
ATOM   278  C  C   . ARG A 1 33 ? 17.719  -16.970 6.124   1.00 56.44  ? 33  ARG A C   1 
ATOM   279  O  O   . ARG A 1 33 ? 18.232  -16.422 7.089   1.00 55.03  ? 33  ARG A O   1 
ATOM   280  C  CB  . ARG A 1 33 ? 17.740  -19.391 6.456   1.00 69.22  ? 33  ARG A CB  1 
ATOM   281  C  CG  . ARG A 1 33 ? 17.249  -20.520 7.341   1.00 82.36  ? 33  ARG A CG  1 
ATOM   282  C  CD  . ARG A 1 33 ? 18.211  -21.691 7.187   1.00 77.49  ? 33  ARG A CD  1 
ATOM   283  N  NE  . ARG A 1 33 ? 18.360  -22.002 5.769   1.00 86.33  ? 33  ARG A NE  1 
ATOM   284  C  CZ  . ARG A 1 33 ? 19.305  -22.784 5.262   1.00 90.09  ? 33  ARG A CZ  1 
ATOM   285  N  NH1 . ARG A 1 33 ? 20.205  -23.353 6.057   1.00 91.16  ? 33  ARG A NH1 1 
ATOM   286  N  NH2 . ARG A 1 33 ? 19.354  -22.984 3.953   1.00 89.53  ? 33  ARG A NH2 1 
ATOM   287  N  N   . ASP A 1 34 ? 17.950  -16.578 4.889   1.00 52.05  ? 34  ASP A N   1 
ATOM   288  C  CA  . ASP A 1 34 ? 18.802  -15.438 4.653   1.00 48.11  ? 34  ASP A CA  1 
ATOM   289  C  C   . ASP A 1 34 ? 18.258  -14.747 3.443   1.00 32.46  ? 34  ASP A C   1 
ATOM   290  O  O   . ASP A 1 34 ? 17.270  -15.175 2.868   1.00 38.00  ? 34  ASP A O   1 
ATOM   291  C  CB  . ASP A 1 34 ? 20.233  -15.898 4.380   1.00 47.79  ? 34  ASP A CB  1 
ATOM   292  C  CG  . ASP A 1 34 ? 20.299  -16.964 3.294   1.00 55.07  ? 34  ASP A CG  1 
ATOM   293  O  OD1 . ASP A 1 34 ? 19.911  -16.683 2.140   1.00 54.15  ? 34  ASP A OD1 1 
ATOM   294  O  OD2 . ASP A 1 34 ? 20.732  -18.088 3.602   1.00 56.45  ? 34  ASP A OD2 1 
ATOM   295  N  N   . LEU A 1 35 ? 18.944  -13.693 3.053   1.00 34.71  ? 35  LEU A N   1 
ATOM   296  C  CA  . LEU A 1 35 ? 18.586  -12.901 1.906   1.00 33.60  ? 35  LEU A CA  1 
ATOM   297  C  C   . LEU A 1 35 ? 18.449  -13.665 0.584   1.00 31.77  ? 35  LEU A C   1 
ATOM   298  O  O   . LEU A 1 35 ? 17.510  -13.410 -0.196  1.00 31.78  ? 35  LEU A O   1 
ATOM   299  C  CB  . LEU A 1 35 ? 19.609  -11.769 1.750   1.00 34.53  ? 35  LEU A CB  1 
ATOM   300  C  CG  . LEU A 1 35 ? 19.603  -10.735 2.871   1.00 33.60  ? 35  LEU A CG  1 
ATOM   301  C  CD1 . LEU A 1 35 ? 20.735  -9.746  2.649   1.00 39.73  ? 35  LEU A CD1 1 
ATOM   302  C  CD2 . LEU A 1 35 ? 18.278  -10.006 2.898   1.00 31.36  ? 35  LEU A CD2 1 
ATOM   303  N  N   . ASP A 1 36 ? 19.374  -14.585 0.317   1.00 31.99  ? 36  ASP A N   1 
ATOM   304  C  CA  . ASP A 1 36 ? 19.341  -15.330 -0.950  1.00 37.94  ? 36  ASP A CA  1 
ATOM   305  C  C   . ASP A 1 36 ? 18.146  -16.259 -1.022  1.00 34.44  ? 36  ASP A C   1 
ATOM   306  O  O   . ASP A 1 36 ? 17.531  -16.397 -2.077  1.00 40.00  ? 36  ASP A O   1 
ATOM   307  C  CB  . ASP A 1 36 ? 20.631  -16.150 -1.188  1.00 48.55  ? 36  ASP A CB  1 
ATOM   308  C  CG  . ASP A 1 36 ? 21.888  -15.272 -1.348  1.00 55.47  ? 36  ASP A CG  1 
ATOM   309  O  OD1 . ASP A 1 36 ? 21.808  -14.200 -1.995  1.00 61.95  ? 36  ASP A OD1 1 
ATOM   310  O  OD2 . ASP A 1 36 ? 22.959  -15.665 -0.836  1.00 53.44  ? 36  ASP A OD2 1 
ATOM   311  N  N   . SER A 1 37 ? 17.811  -16.888 0.095   1.00 28.53  ? 37  SER A N   1 
ATOM   312  C  CA  . SER A 1 37 ? 16.673  -17.793 0.114   1.00 35.16  ? 37  SER A CA  1 
ATOM   313  C  C   . SER A 1 37 ? 15.347  -16.996 0.051   1.00 41.57  ? 37  SER A C   1 
ATOM   314  O  O   . SER A 1 37 ? 14.348  -17.477 -0.508  1.00 39.66  ? 37  SER A O   1 
ATOM   315  C  CB  . SER A 1 37 ? 16.730  -18.728 1.351   1.00 23.49  ? 37  SER A CB  1 
ATOM   316  O  OG  . SER A 1 37 ? 16.765  -18.044 2.599   1.00 40.16  ? 37  SER A OG  1 
ATOM   317  N  N   . LEU A 1 38 ? 15.348  -15.781 0.609   1.00 38.33  ? 38  LEU A N   1 
ATOM   318  C  CA  . LEU A 1 38 ? 14.164  -14.921 0.559   1.00 30.11  ? 38  LEU A CA  1 
ATOM   319  C  C   . LEU A 1 38 ? 14.013  -14.528 -0.887  1.00 24.88  ? 38  LEU A C   1 
ATOM   320  O  O   . LEU A 1 38 ? 12.909  -14.545 -1.420  1.00 29.05  ? 38  LEU A O   1 
ATOM   321  C  CB  . LEU A 1 38 ? 14.356  -13.630 1.367   1.00 31.55  ? 38  LEU A CB  1 
ATOM   322  C  CG  . LEU A 1 38 ? 13.102  -12.865 1.794   1.00 30.20  ? 38  LEU A CG  1 
ATOM   323  C  CD1 . LEU A 1 38 ? 13.425  -11.407 1.892   1.00 26.54  ? 38  LEU A CD1 1 
ATOM   324  C  CD2 . LEU A 1 38 ? 11.980  -13.080 0.828   1.00 37.33  ? 38  LEU A CD2 1 
ATOM   325  N  N   . TRP A 1 39 ? 15.127  -14.158 -1.523  1.00 18.01  ? 39  TRP A N   1 
ATOM   326  C  CA  . TRP A 1 39 ? 15.070  -13.753 -2.924  1.00 28.91  ? 39  TRP A CA  1 
ATOM   327  C  C   . TRP A 1 39 ? 14.587  -14.882 -3.856  1.00 30.08  ? 39  TRP A C   1 
ATOM   328  O  O   . TRP A 1 39 ? 13.832  -14.642 -4.785  1.00 31.39  ? 39  TRP A O   1 
ATOM   329  C  CB  . TRP A 1 39 ? 16.437  -13.242 -3.379  1.00 23.09  ? 39  TRP A CB  1 
ATOM   330  C  CG  . TRP A 1 39 ? 16.478  -12.783 -4.791  1.00 26.51  ? 39  TRP A CG  1 
ATOM   331  C  CD1 . TRP A 1 39 ? 17.170  -13.370 -5.824  1.00 26.58  ? 39  TRP A CD1 1 
ATOM   332  C  CD2 . TRP A 1 39 ? 15.860  -11.601 -5.345  1.00 29.95  ? 39  TRP A CD2 1 
ATOM   333  N  NE1 . TRP A 1 39 ? 17.025  -12.619 -6.979  1.00 33.78  ? 39  TRP A NE1 1 
ATOM   334  C  CE2 . TRP A 1 39 ? 16.232  -11.532 -6.713  1.00 25.54  ? 39  TRP A CE2 1 
ATOM   335  C  CE3 . TRP A 1 39 ? 15.031  -10.597 -4.818  1.00 33.49  ? 39  TRP A CE3 1 
ATOM   336  C  CZ2 . TRP A 1 39 ? 15.813  -10.499 -7.553  1.00 27.02  ? 39  TRP A CZ2 1 
ATOM   337  C  CZ3 . TRP A 1 39 ? 14.613  -9.576  -5.646  1.00 24.41  ? 39  TRP A CZ3 1 
ATOM   338  C  CH2 . TRP A 1 39 ? 15.006  -9.528  -7.005  1.00 30.13  ? 39  TRP A CH2 1 
ATOM   339  N  N   . ASP A 1 40 ? 15.019  -16.111 -3.618  1.00 32.14  ? 40  ASP A N   1 
ATOM   340  C  CA  . ASP A 1 40 ? 14.566  -17.202 -4.478  1.00 36.63  ? 40  ASP A CA  1 
ATOM   341  C  C   . ASP A 1 40 ? 13.061  -17.347 -4.423  1.00 24.81  ? 40  ASP A C   1 
ATOM   342  O  O   . ASP A 1 40 ? 12.410  -17.363 -5.456  1.00 27.12  ? 40  ASP A O   1 
ATOM   343  C  CB  . ASP A 1 40 ? 15.240  -18.517 -4.106  1.00 30.59  ? 40  ASP A CB  1 
ATOM   344  C  CG  . ASP A 1 40 ? 16.672  -18.579 -4.586  1.00 44.99  ? 40  ASP A CG  1 
ATOM   345  O  OD1 . ASP A 1 40 ? 16.918  -18.212 -5.769  1.00 45.75  ? 40  ASP A OD1 1 
ATOM   346  O  OD2 . ASP A 1 40 ? 17.542  -18.999 -3.784  1.00 46.40  ? 40  ASP A OD2 1 
ATOM   347  N  N   . VAL A 1 41 ? 12.517  -17.436 -3.215  1.00 18.39  ? 41  VAL A N   1 
ATOM   348  C  CA  . VAL A 1 41 ? 11.078  -17.530 -3.047  1.00 29.04  ? 41  VAL A CA  1 
ATOM   349  C  C   . VAL A 1 41 ? 10.327  -16.383 -3.707  1.00 30.86  ? 41  VAL A C   1 
ATOM   350  O  O   . VAL A 1 41 ? 9.197   -16.558 -4.134  1.00 43.12  ? 41  VAL A O   1 
ATOM   351  C  CB  . VAL A 1 41 ? 10.685  -17.513 -1.592  1.00 35.99  ? 41  VAL A CB  1 
ATOM   352  C  CG1 . VAL A 1 41 ? 9.164   -17.418 -1.471  1.00 34.78  ? 41  VAL A CG1 1 
ATOM   353  C  CG2 . VAL A 1 41 ? 11.195  -18.769 -0.914  1.00 35.71  ? 41  VAL A CG2 1 
ATOM   354  N  N   . LEU A 1 42 ? 10.938  -15.205 -3.778  1.00 30.85  ? 42  LEU A N   1 
ATOM   355  C  CA  . LEU A 1 42 ? 10.273  -14.056 -4.389  1.00 28.52  ? 42  LEU A CA  1 
ATOM   356  C  C   . LEU A 1 42 ? 10.377  -14.198 -5.884  1.00 25.97  ? 42  LEU A C   1 
ATOM   357  O  O   . LEU A 1 42 ? 9.568   -13.673 -6.632  1.00 32.33  ? 42  LEU A O   1 
ATOM   358  C  CB  . LEU A 1 42 ? 10.942  -12.719 -3.975  1.00 23.65  ? 42  LEU A CB  1 
ATOM   359  C  CG  . LEU A 1 42 ? 10.629  -12.097 -2.610  1.00 29.30  ? 42  LEU A CG  1 
ATOM   360  C  CD1 . LEU A 1 42 ? 11.595  -10.959 -2.295  1.00 27.36  ? 42  LEU A CD1 1 
ATOM   361  C  CD2 . LEU A 1 42 ? 9.220   -11.587 -2.606  1.00 27.30  ? 42  LEU A CD2 1 
HETATM 362  N  N   . MSE A 1 43 ? 11.379  -14.933 -6.321  1.00 32.35  ? 43  MSE A N   1 
HETATM 363  C  CA  . MSE A 1 43 ? 11.596  -15.095 -7.742  1.00 38.32  ? 43  MSE A CA  1 
HETATM 364  C  C   . MSE A 1 43 ? 10.962  -16.345 -8.348  1.00 37.89  ? 43  MSE A C   1 
HETATM 365  O  O   . MSE A 1 43 ? 10.655  -16.360 -9.534  1.00 41.07  ? 43  MSE A O   1 
HETATM 366  C  CB  . MSE A 1 43 ? 13.097  -15.097 -8.005  1.00 39.04  ? 43  MSE A CB  1 
HETATM 367  C  CG  . MSE A 1 43 ? 13.592  -14.132 -9.068  1.00 44.02  ? 43  MSE A CG  1 
HETATM 368  SE SE  . MSE A 1 43 ? 13.106  -12.265 -8.885  1.00 59.93  ? 43  MSE A SE  1 
HETATM 369  C  CE  . MSE A 1 43 ? 12.241  -12.008 -10.610 1.00 57.32  ? 43  MSE A CE  1 
ATOM   370  N  N   . ASN A 1 44 ? 10.708  -17.362 -7.534  1.00 35.64  ? 44  ASN A N   1 
ATOM   371  C  CA  . ASN A 1 44 ? 10.194  -18.615 -8.070  1.00 38.82  ? 44  ASN A CA  1 
ATOM   372  C  C   . ASN A 1 44 ? 8.713   -18.945 -8.033  1.00 38.83  ? 44  ASN A C   1 
ATOM   373  O  O   . ASN A 1 44 ? 8.338   -20.109 -7.946  1.00 41.30  ? 44  ASN A O   1 
ATOM   374  C  CB  . ASN A 1 44 ? 10.999  -19.771 -7.477  1.00 35.00  ? 44  ASN A CB  1 
ATOM   375  C  CG  . ASN A 1 44 ? 12.478  -19.662 -7.806  1.00 38.22  ? 44  ASN A CG  1 
ATOM   376  O  OD1 . ASN A 1 44 ? 12.865  -18.976 -8.756  1.00 49.79  ? 44  ASN A OD1 1 
ATOM   377  N  ND2 . ASN A 1 44 ? 13.311  -20.343 -7.035  1.00 45.58  ? 44  ASN A ND2 1 
ATOM   378  N  N   . ASP A 1 45 ? 7.886   -17.916 -8.125  1.00 26.95  ? 45  ASP A N   1 
ATOM   379  C  CA  . ASP A 1 45 ? 6.439   -18.045 -8.158  1.00 29.26  ? 45  ASP A CA  1 
ATOM   380  C  C   . ASP A 1 45 ? 5.809   -18.827 -7.030  1.00 30.89  ? 45  ASP A C   1 
ATOM   381  O  O   . ASP A 1 45 ? 4.738   -19.413 -7.191  1.00 34.81  ? 45  ASP A O   1 
ATOM   382  C  CB  . ASP A 1 45 ? 6.010   -18.667 -9.476  1.00 36.58  ? 45  ASP A CB  1 
ATOM   383  C  CG  . ASP A 1 45 ? 4.639   -18.211 -9.908  1.00 43.97  ? 45  ASP A CG  1 
ATOM   384  O  OD1 . ASP A 1 45 ? 3.930   -17.554 -9.114  1.00 46.17  ? 45  ASP A OD1 1 
ATOM   385  O  OD2 . ASP A 1 45 ? 4.272   -18.510 -11.053 1.00 45.66  ? 45  ASP A OD2 1 
ATOM   386  N  N   . VAL A 1 46 ? 6.458   -18.820 -5.880  1.00 21.59  ? 46  VAL A N   1 
ATOM   387  C  CA  . VAL A 1 46 ? 5.952   -19.557 -4.726  1.00 29.13  ? 46  VAL A CA  1 
ATOM   388  C  C   . VAL A 1 46 ? 4.856   -18.832 -3.933  1.00 35.73  ? 46  VAL A C   1 
ATOM   389  O  O   . VAL A 1 46 ? 3.970   -19.485 -3.355  1.00 39.04  ? 46  VAL A O   1 
ATOM   390  C  CB  . VAL A 1 46 ? 7.156   -19.939 -3.775  1.00 35.05  ? 46  VAL A CB  1 
ATOM   391  C  CG1 . VAL A 1 46 ? 6.673   -20.270 -2.350  1.00 17.09  ? 46  VAL A CG1 1 
ATOM   392  C  CG2 . VAL A 1 46 ? 7.909   -21.132 -4.371  1.00 26.46  ? 46  VAL A CG2 1 
ATOM   393  N  N   . LEU A 1 47 ? 4.904   -17.495 -3.926  1.00 28.89  ? 47  LEU A N   1 
ATOM   394  C  CA  . LEU A 1 47 ? 3.955   -16.689 -3.167  1.00 28.56  ? 47  LEU A CA  1 
ATOM   395  C  C   . LEU A 1 47 ? 2.622   -16.438 -3.852  1.00 29.65  ? 47  LEU A C   1 
ATOM   396  O  O   . LEU A 1 47 ? 2.505   -16.445 -5.066  1.00 24.66  ? 47  LEU A O   1 
ATOM   397  C  CB  . LEU A 1 47 ? 4.582   -15.339 -2.810  1.00 22.81  ? 47  LEU A CB  1 
ATOM   398  C  CG  . LEU A 1 47 ? 5.936   -15.458 -2.103  1.00 27.10  ? 47  LEU A CG  1 
ATOM   399  C  CD1 . LEU A 1 47 ? 6.620   -14.130 -2.115  1.00 22.98  ? 47  LEU A CD1 1 
ATOM   400  C  CD2 . LEU A 1 47 ? 5.769   -15.974 -0.705  1.00 15.46  ? 47  LEU A CD2 1 
ATOM   401  N  N   . PRO A 1 48 ? 1.593   -16.200 -3.055  1.00 31.40  ? 48  PRO A N   1 
ATOM   402  C  CA  . PRO A 1 48 ? 0.222   -15.931 -3.501  1.00 29.23  ? 48  PRO A CA  1 
ATOM   403  C  C   . PRO A 1 48 ? 0.113   -14.621 -4.282  1.00 24.52  ? 48  PRO A C   1 
ATOM   404  O  O   . PRO A 1 48 ? -0.553  -13.696 -3.851  1.00 34.71  ? 48  PRO A O   1 
ATOM   405  C  CB  . PRO A 1 48 ? -0.571  -15.856 -2.189  1.00 32.22  ? 48  PRO A CB  1 
ATOM   406  C  CG  . PRO A 1 48 ? 0.274   -16.578 -1.193  1.00 36.09  ? 48  PRO A CG  1 
ATOM   407  C  CD  . PRO A 1 48 ? 1.688   -16.257 -1.589  1.00 28.99  ? 48  PRO A CD  1 
ATOM   408  N  N   . LEU A 1 49 ? 0.783   -14.529 -5.416  1.00 27.17  ? 49  LEU A N   1 
ATOM   409  C  CA  . LEU A 1 49 ? 0.719   -13.331 -6.237  1.00 29.96  ? 49  LEU A CA  1 
ATOM   410  C  C   . LEU A 1 49 ? -0.613  -13.235 -6.989  1.00 36.05  ? 49  LEU A C   1 
ATOM   411  O  O   . LEU A 1 49 ? -1.210  -14.249 -7.336  1.00 42.74  ? 49  LEU A O   1 
ATOM   412  C  CB  . LEU A 1 49 ? 1.874   -13.338 -7.225  1.00 28.07  ? 49  LEU A CB  1 
ATOM   413  C  CG  . LEU A 1 49 ? 3.235   -13.203 -6.542  1.00 31.58  ? 49  LEU A CG  1 
ATOM   414  C  CD1 . LEU A 1 49 ? 4.308   -13.391 -7.584  1.00 41.01  ? 49  LEU A CD1 1 
ATOM   415  C  CD2 . LEU A 1 49 ? 3.365   -11.831 -5.861  1.00 31.26  ? 49  LEU A CD2 1 
ATOM   416  N  N   . PRO A 1 50 ? -1.105  -12.013 -7.239  1.00 38.54  ? 50  PRO A N   1 
ATOM   417  C  CA  . PRO A 1 50 ? -0.527  -10.716 -6.881  1.00 38.33  ? 50  PRO A CA  1 
ATOM   418  C  C   . PRO A 1 50 ? -0.764  -10.436 -5.401  1.00 34.30  ? 50  PRO A C   1 
ATOM   419  O  O   . PRO A 1 50 ? -1.810  -10.805 -4.850  1.00 34.54  ? 50  PRO A O   1 
ATOM   420  C  CB  . PRO A 1 50 ? -1.290  -9.726  -7.767  1.00 36.15  ? 50  PRO A CB  1 
ATOM   421  C  CG  . PRO A 1 50 ? -2.188  -10.610 -8.662  1.00 40.01  ? 50  PRO A CG  1 
ATOM   422  C  CD  . PRO A 1 50 ? -2.430  -11.818 -7.842  1.00 37.72  ? 50  PRO A CD  1 
ATOM   423  N  N   . LEU A 1 51 ? 0.210   -9.777  -4.770  1.00 26.42  ? 51  LEU A N   1 
ATOM   424  C  CA  . LEU A 1 51 ? 0.119   -9.459  -3.354  1.00 31.29  ? 51  LEU A CA  1 
ATOM   425  C  C   . LEU A 1 51 ? 0.828   -8.158  -2.990  1.00 28.73  ? 51  LEU A C   1 
ATOM   426  O  O   . LEU A 1 51 ? 1.540   -7.554  -3.790  1.00 30.67  ? 51  LEU A O   1 
ATOM   427  C  CB  . LEU A 1 51 ? 0.689   -10.623 -2.528  1.00 30.65  ? 51  LEU A CB  1 
ATOM   428  C  CG  . LEU A 1 51 ? 2.197   -10.921 -2.591  1.00 42.82  ? 51  LEU A CG  1 
ATOM   429  C  CD1 . LEU A 1 51 ? 2.963   -9.956  -1.687  1.00 39.32  ? 51  LEU A CD1 1 
ATOM   430  C  CD2 . LEU A 1 51 ? 2.454   -12.336 -2.103  1.00 42.73  ? 51  LEU A CD2 1 
ATOM   431  N  N   . GLU A 1 52 ? 0.602   -7.717  -1.769  1.00 33.05  ? 52  GLU A N   1 
ATOM   432  C  CA  . GLU A 1 52 ? 1.245   -6.517  -1.298  1.00 37.44  ? 52  GLU A CA  1 
ATOM   433  C  C   . GLU A 1 52 ? 1.864   -6.821  0.054   1.00 31.50  ? 52  GLU A C   1 
ATOM   434  O  O   . GLU A 1 52 ? 1.228   -7.454  0.894   1.00 23.26  ? 52  GLU A O   1 
ATOM   435  C  CB  . GLU A 1 52 ? 0.245   -5.369  -1.139  1.00 34.79  ? 52  GLU A CB  1 
ATOM   436  C  CG  . GLU A 1 52 ? 0.917   -4.104  -0.598  1.00 44.59  ? 52  GLU A CG  1 
ATOM   437  C  CD  . GLU A 1 52 ? -0.048  -2.952  -0.386  1.00 48.78  ? 52  GLU A CD  1 
ATOM   438  O  OE1 . GLU A 1 52 ? -0.874  -3.032  0.544   1.00 55.30  ? 52  GLU A OE1 1 
ATOM   439  O  OE2 . GLU A 1 52 ? 0.021   -1.970  -1.152  1.00 58.55  ? 52  GLU A OE2 1 
ATOM   440  N  N   . ILE A 1 53 ? 3.102   -6.364  0.247   1.00 33.71  ? 53  ILE A N   1 
ATOM   441  C  CA  . ILE A 1 53 ? 3.811   -6.543  1.514   1.00 29.89  ? 53  ILE A CA  1 
ATOM   442  C  C   . ILE A 1 53 ? 3.852   -5.165  2.189   1.00 27.71  ? 53  ILE A C   1 
ATOM   443  O  O   . ILE A 1 53 ? 4.374   -4.220  1.617   1.00 24.62  ? 53  ILE A O   1 
ATOM   444  C  CB  . ILE A 1 53 ? 5.296   -6.955  1.314   1.00 30.23  ? 53  ILE A CB  1 
ATOM   445  C  CG1 . ILE A 1 53 ? 5.432   -8.265  0.524   1.00 26.86  ? 53  ILE A CG1 1 
ATOM   446  C  CG2 . ILE A 1 53 ? 5.949   -7.070  2.661   1.00 20.07  ? 53  ILE A CG2 1 
ATOM   447  C  CD1 . ILE A 1 53 ? 4.998   -9.457  1.273   1.00 15.82  ? 53  ILE A CD1 1 
ATOM   448  N  N   . GLU A 1 54 ? 3.307   -5.051  3.392   1.00 23.94  ? 54  GLU A N   1 
ATOM   449  C  CA  . GLU A 1 54 ? 3.344   -3.783  4.099   1.00 31.59  ? 54  GLU A CA  1 
ATOM   450  C  C   . GLU A 1 54 ? 4.284   -3.839  5.291   1.00 19.99  ? 54  GLU A C   1 
ATOM   451  O  O   . GLU A 1 54 ? 4.128   -4.688  6.166   1.00 34.76  ? 54  GLU A O   1 
ATOM   452  C  CB  . GLU A 1 54 ? 1.959   -3.367  4.634   1.00 24.72  ? 54  GLU A CB  1 
ATOM   453  C  CG  . GLU A 1 54 ? 0.956   -2.913  3.601   1.00 50.12  ? 54  GLU A CG  1 
ATOM   454  C  CD  . GLU A 1 54 ? -0.294  -2.277  4.244   1.00 71.92  ? 54  GLU A CD  1 
ATOM   455  O  OE1 . GLU A 1 54 ? -0.728  -2.754  5.333   1.00 55.91  ? 54  GLU A OE1 1 
ATOM   456  O  OE2 . GLU A 1 54 ? -0.841  -1.310  3.649   1.00 67.19  ? 54  GLU A OE2 1 
ATOM   457  N  N   . PHE A 1 55 ? 5.260   -2.940  5.313   1.00 30.74  ? 55  PHE A N   1 
ATOM   458  C  CA  . PHE A 1 55 ? 6.177   -2.828  6.446   1.00 33.12  ? 55  PHE A CA  1 
ATOM   459  C  C   . PHE A 1 55 ? 5.638   -1.696  7.317   1.00 32.11  ? 55  PHE A C   1 
ATOM   460  O  O   . PHE A 1 55 ? 5.587   -0.542  6.900   1.00 33.66  ? 55  PHE A O   1 
ATOM   461  C  CB  . PHE A 1 55 ? 7.604   -2.530  5.978   1.00 31.56  ? 55  PHE A CB  1 
ATOM   462  C  CG  . PHE A 1 55 ? 8.412   -3.780  5.685   1.00 32.35  ? 55  PHE A CG  1 
ATOM   463  C  CD1 . PHE A 1 55 ? 9.767   -3.704  5.452   1.00 26.38  ? 55  PHE A CD1 1 
ATOM   464  C  CD2 . PHE A 1 55 ? 7.787   -5.025  5.559   1.00 27.69  ? 55  PHE A CD2 1 
ATOM   465  C  CE1 . PHE A 1 55 ? 10.500  -4.863  5.079   1.00 35.19  ? 55  PHE A CE1 1 
ATOM   466  C  CE2 . PHE A 1 55 ? 8.513   -6.179  5.186   1.00 28.99  ? 55  PHE A CE2 1 
ATOM   467  C  CZ  . PHE A 1 55 ? 9.861   -6.092  4.945   1.00 18.86  ? 55  PHE A CZ  1 
ATOM   468  N  N   . VAL A 1 56 ? 5.217   -2.039  8.527   1.00 34.60  ? 56  VAL A N   1 
ATOM   469  C  CA  . VAL A 1 56 ? 4.629   -1.062  9.433   1.00 39.28  ? 56  VAL A CA  1 
ATOM   470  C  C   . VAL A 1 56 ? 5.384   -0.808  10.756  1.00 36.76  ? 56  VAL A C   1 
ATOM   471  O  O   . VAL A 1 56 ? 6.036   -1.706  11.299  1.00 42.08  ? 56  VAL A O   1 
ATOM   472  C  CB  . VAL A 1 56 ? 3.163   -1.488  9.728   1.00 38.62  ? 56  VAL A CB  1 
ATOM   473  C  CG1 . VAL A 1 56 ? 2.730   -0.995  11.082  1.00 53.54  ? 56  VAL A CG1 1 
ATOM   474  C  CG2 . VAL A 1 56 ? 2.246   -0.936  8.663   1.00 37.39  ? 56  VAL A CG2 1 
ATOM   475  N  N   . HIS A 1 57 ? 5.261   0.419   11.262  1.00 39.30  ? 57  HIS A N   1 
ATOM   476  C  CA  . HIS A 1 57 ? 5.890   0.859   12.508  1.00 39.68  ? 57  HIS A CA  1 
ATOM   477  C  C   . HIS A 1 57 ? 7.392   0.833   12.425  1.00 44.09  ? 57  HIS A C   1 
ATOM   478  O  O   . HIS A 1 57 ? 8.073   0.508   13.404  1.00 44.11  ? 57  HIS A O   1 
ATOM   479  C  CB  . HIS A 1 57 ? 5.448   -0.010  13.687  1.00 48.39  ? 57  HIS A CB  1 
ATOM   480  C  CG  . HIS A 1 57 ? 4.001   0.127   14.014  1.00 44.78  ? 57  HIS A CG  1 
ATOM   481  N  ND1 . HIS A 1 57 ? 3.268   -0.890  14.581  1.00 40.73  ? 57  HIS A ND1 1 
ATOM   482  C  CD2 . HIS A 1 57 ? 3.129   1.137   13.774  1.00 43.26  ? 57  HIS A CD2 1 
ATOM   483  C  CE1 . HIS A 1 57 ? 2.003   -0.519  14.666  1.00 53.14  ? 57  HIS A CE1 1 
ATOM   484  N  NE2 . HIS A 1 57 ? 1.892   0.706   14.181  1.00 51.60  ? 57  HIS A NE2 1 
ATOM   485  N  N   . LEU A 1 58 ? 7.903   1.189   11.257  1.00 42.56  ? 58  LEU A N   1 
ATOM   486  C  CA  . LEU A 1 58 ? 9.332   1.194   11.047  1.00 46.12  ? 58  LEU A CA  1 
ATOM   487  C  C   . LEU A 1 58 ? 9.841   2.621   11.088  1.00 51.85  ? 58  LEU A C   1 
ATOM   488  O  O   . LEU A 1 58 ? 9.493   3.438   10.231  1.00 54.92  ? 58  LEU A O   1 
ATOM   489  C  CB  . LEU A 1 58 ? 9.650   0.560   9.700   1.00 39.86  ? 58  LEU A CB  1 
ATOM   490  C  CG  . LEU A 1 58 ? 11.010  -0.099  9.583   1.00 37.27  ? 58  LEU A CG  1 
ATOM   491  C  CD1 . LEU A 1 58 ? 11.216  -1.105  10.731  1.00 41.16  ? 58  LEU A CD1 1 
ATOM   492  C  CD2 . LEU A 1 58 ? 11.097  -0.772  8.220   1.00 45.56  ? 58  LEU A CD2 1 
ATOM   493  N  N   . GLY A 1 59 ? 10.658  2.925   12.090  1.00 54.87  ? 59  GLY A N   1 
ATOM   494  C  CA  . GLY A 1 59 ? 11.198  4.265   12.203  1.00 55.75  ? 59  GLY A CA  1 
ATOM   495  C  C   . GLY A 1 59 ? 12.613  4.368   11.678  1.00 55.49  ? 59  GLY A C   1 
ATOM   496  O  O   . GLY A 1 59 ? 13.220  3.375   11.272  1.00 56.33  ? 59  GLY A O   1 
ATOM   497  N  N   . GLU A 1 60 ? 13.123  5.591   11.695  1.00 57.24  ? 60  GLU A N   1 
ATOM   498  C  CA  . GLU A 1 60 ? 14.474  5.928   11.261  1.00 58.87  ? 60  GLU A CA  1 
ATOM   499  C  C   . GLU A 1 60 ? 15.546  4.858   11.377  1.00 55.41  ? 60  GLU A C   1 
ATOM   500  O  O   . GLU A 1 60 ? 15.995  4.297   10.387  1.00 55.24  ? 60  GLU A O   1 
ATOM   501  C  CB  . GLU A 1 60 ? 14.966  7.139   12.042  1.00 67.23  ? 60  GLU A CB  1 
ATOM   502  C  CG  . GLU A 1 60 ? 14.563  8.461   11.456  1.00 82.24  ? 60  GLU A CG  1 
ATOM   503  C  CD  . GLU A 1 60 ? 15.195  8.676   10.106  1.00 88.72  ? 60  GLU A CD  1 
ATOM   504  O  OE1 . GLU A 1 60 ? 15.008  9.771   9.524   1.00 92.13  ? 60  GLU A OE1 1 
ATOM   505  O  OE2 . GLU A 1 60 ? 15.881  7.740   9.633   1.00 95.02  ? 60  GLU A OE2 1 
ATOM   506  N  N   . LYS A 1 61 ? 15.973  4.610   12.605  1.00 48.42  ? 61  LYS A N   1 
ATOM   507  C  CA  . LYS A 1 61 ? 17.035  3.663   12.855  1.00 51.38  ? 61  LYS A CA  1 
ATOM   508  C  C   . LYS A 1 61 ? 16.712  2.252   12.398  1.00 51.01  ? 61  LYS A C   1 
ATOM   509  O  O   . LYS A 1 61 ? 17.533  1.576   11.765  1.00 52.20  ? 61  LYS A O   1 
ATOM   510  C  CB  . LYS A 1 61 ? 17.397  3.659   14.342  1.00 44.11  ? 61  LYS A CB  1 
ATOM   511  C  CG  . LYS A 1 61 ? 16.293  3.076   15.233  1.00 84.01  ? 61  LYS A CG  1 
ATOM   512  C  CD  . LYS A 1 61 ? 16.771  2.823   16.671  1.00 91.80  ? 61  LYS A CD  1 
ATOM   513  C  CE  . LYS A 1 61 ? 15.660  2.232   17.545  1.00 91.93  ? 61  LYS A CE  1 
ATOM   514  N  NZ  . LYS A 1 61 ? 16.077  2.048   18.972  1.00 87.97  ? 61  LYS A NZ  1 
ATOM   515  N  N   . THR A 1 62 ? 15.512  1.802   12.712  1.00 46.20  ? 62  THR A N   1 
ATOM   516  C  CA  . THR A 1 62 ? 15.133  0.457   12.341  1.00 46.44  ? 62  THR A CA  1 
ATOM   517  C  C   . THR A 1 62 ? 15.025  0.296   10.820  1.00 34.30  ? 62  THR A C   1 
ATOM   518  O  O   . THR A 1 62 ? 15.414  -0.734  10.271  1.00 41.78  ? 62  THR A O   1 
ATOM   519  C  CB  . THR A 1 62 ? 13.847  0.086   13.070  1.00 56.24  ? 62  THR A CB  1 
ATOM   520  O  OG1 . THR A 1 62 ? 13.998  0.452   14.451  1.00 49.45  ? 62  THR A OG1 1 
ATOM   521  C  CG2 . THR A 1 62 ? 13.597  -1.422  12.986  1.00 54.25  ? 62  THR A CG2 1 
ATOM   522  N  N   . ARG A 1 63 ? 14.513  1.310   10.141  1.00 31.43  ? 63  ARG A N   1 
ATOM   523  C  CA  . ARG A 1 63 ? 14.433  1.278   8.683   1.00 39.62  ? 63  ARG A CA  1 
ATOM   524  C  C   . ARG A 1 63 ? 15.876  1.040   8.169   1.00 43.01  ? 63  ARG A C   1 
ATOM   525  O  O   . ARG A 1 63 ? 16.119  0.202   7.286   1.00 35.77  ? 63  ARG A O   1 
ATOM   526  C  CB  . ARG A 1 63 ? 13.928  2.634   8.160   1.00 43.74  ? 63  ARG A CB  1 
ATOM   527  C  CG  . ARG A 1 63 ? 12.629  2.615   7.394   1.00 53.83  ? 63  ARG A CG  1 
ATOM   528  C  CD  . ARG A 1 63 ? 12.883  2.920   5.945   1.00 61.26  ? 63  ARG A CD  1 
ATOM   529  N  NE  . ARG A 1 63 ? 13.428  4.260   5.782   1.00 65.79  ? 63  ARG A NE  1 
ATOM   530  C  CZ  . ARG A 1 63 ? 13.967  4.718   4.653   1.00 72.88  ? 63  ARG A CZ  1 
ATOM   531  N  NH1 . ARG A 1 63 ? 14.038  3.933   3.578   1.00 57.85  ? 63  ARG A NH1 1 
ATOM   532  N  NH2 . ARG A 1 63 ? 14.425  5.969   4.593   1.00 64.27  ? 63  ARG A NH2 1 
ATOM   533  N  N   . ARG A 1 64 ? 16.819  1.792   8.744   1.00 34.93  ? 64  ARG A N   1 
ATOM   534  C  CA  . ARG A 1 64 ? 18.230  1.728   8.387   1.00 30.80  ? 64  ARG A CA  1 
ATOM   535  C  C   . ARG A 1 64 ? 18.829  0.348   8.696   1.00 29.85  ? 64  ARG A C   1 
ATOM   536  O  O   . ARG A 1 64 ? 19.532  -0.226  7.869   1.00 36.72  ? 64  ARG A O   1 
ATOM   537  C  CB  . ARG A 1 64 ? 18.994  2.819   9.142   1.00 41.46  ? 64  ARG A CB  1 
ATOM   538  C  CG  . ARG A 1 64 ? 20.366  3.140   8.595   1.00 34.71  ? 64  ARG A CG  1 
ATOM   539  C  CD  . ARG A 1 64 ? 21.303  3.781   9.660   1.00 37.58  ? 64  ARG A CD  1 
ATOM   540  N  NE  . ARG A 1 64 ? 20.772  4.978   10.307  1.00 36.12  ? 64  ARG A NE  1 
ATOM   541  C  CZ  . ARG A 1 64 ? 20.190  5.988   9.667   1.00 49.95  ? 64  ARG A CZ  1 
ATOM   542  N  NH1 . ARG A 1 64 ? 20.051  5.962   8.331   1.00 46.74  ? 64  ARG A NH1 1 
ATOM   543  N  NH2 . ARG A 1 64 ? 19.744  7.029   10.365  1.00 38.78  ? 64  ARG A NH2 1 
ATOM   544  N  N   . ARG A 1 65 ? 18.543  -0.201  9.871   1.00 34.65  ? 65  ARG A N   1 
ATOM   545  C  CA  . ARG A 1 65 ? 19.089  -1.505  10.207  1.00 31.63  ? 65  ARG A CA  1 
ATOM   546  C  C   . ARG A 1 65 ? 18.576  -2.575  9.265   1.00 37.38  ? 65  ARG A C   1 
ATOM   547  O  O   . ARG A 1 65 ? 19.310  -3.507  8.946   1.00 38.81  ? 65  ARG A O   1 
ATOM   548  C  CB  . ARG A 1 65 ? 18.731  -1.915  11.633  1.00 36.82  ? 65  ARG A CB  1 
ATOM   549  C  CG  . ARG A 1 65 ? 19.278  -3.324  12.021  1.00 48.76  ? 65  ARG A CG  1 
ATOM   550  C  CD  . ARG A 1 65 ? 18.542  -3.876  13.231  1.00 52.31  ? 65  ARG A CD  1 
ATOM   551  N  NE  . ARG A 1 65 ? 17.996  -2.765  14.005  1.00 64.42  ? 65  ARG A NE  1 
ATOM   552  C  CZ  . ARG A 1 65 ? 17.134  -2.892  15.005  1.00 69.07  ? 65  ARG A CZ  1 
ATOM   553  N  NH1 . ARG A 1 65 ? 16.720  -4.097  15.363  1.00 68.71  ? 65  ARG A NH1 1 
ATOM   554  N  NH2 . ARG A 1 65 ? 16.669  -1.809  15.623  1.00 67.91  ? 65  ARG A NH2 1 
ATOM   555  N  N   . PHE A 1 66 ? 17.320  -2.445  8.828   1.00 38.25  ? 66  PHE A N   1 
ATOM   556  C  CA  . PHE A 1 66 ? 16.685  -3.422  7.921   1.00 32.82  ? 66  PHE A CA  1 
ATOM   557  C  C   . PHE A 1 66 ? 16.742  -3.004  6.459   1.00 26.81  ? 66  PHE A C   1 
ATOM   558  O  O   . PHE A 1 66 ? 15.944  -3.465  5.645   1.00 33.50  ? 66  PHE A O   1 
ATOM   559  C  CB  . PHE A 1 66 ? 15.208  -3.657  8.318   1.00 31.67  ? 66  PHE A CB  1 
ATOM   560  C  CG  . PHE A 1 66 ? 15.038  -4.419  9.614   1.00 30.38  ? 66  PHE A CG  1 
ATOM   561  C  CD1 . PHE A 1 66 ? 14.622  -3.776  10.769  1.00 34.73  ? 66  PHE A CD1 1 
ATOM   562  C  CD2 . PHE A 1 66 ? 15.320  -5.776  9.678   1.00 31.57  ? 66  PHE A CD2 1 
ATOM   563  C  CE1 . PHE A 1 66 ? 14.495  -4.473  11.965  1.00 27.49  ? 66  PHE A CE1 1 
ATOM   564  C  CE2 . PHE A 1 66 ? 15.196  -6.484  10.870  1.00 42.18  ? 66  PHE A CE2 1 
ATOM   565  C  CZ  . PHE A 1 66 ? 14.783  -5.828  12.015  1.00 40.30  ? 66  PHE A CZ  1 
ATOM   566  N  N   . GLY A 1 67 ? 17.704  -2.148  6.132   1.00 28.48  ? 67  GLY A N   1 
ATOM   567  C  CA  . GLY A 1 67 ? 17.862  -1.640  4.776   1.00 17.52  ? 67  GLY A CA  1 
ATOM   568  C  C   . GLY A 1 67 ? 18.076  -2.656  3.678   1.00 25.60  ? 67  GLY A C   1 
ATOM   569  O  O   . GLY A 1 67 ? 17.663  -2.422  2.537   1.00 31.14  ? 67  GLY A O   1 
ATOM   570  N  N   . ALA A 1 68 ? 18.735  -3.766  3.999   1.00 28.22  ? 68  ALA A N   1 
ATOM   571  C  CA  . ALA A 1 68 ? 18.968  -4.815  3.012   1.00 28.62  ? 68  ALA A CA  1 
ATOM   572  C  C   . ALA A 1 68 ? 17.601  -5.379  2.617   1.00 27.38  ? 68  ALA A C   1 
ATOM   573  O  O   . ALA A 1 68 ? 17.309  -5.533  1.426   1.00 33.71  ? 68  ALA A O   1 
ATOM   574  C  CB  . ALA A 1 68 ? 19.880  -5.925  3.605   1.00 23.41  ? 68  ALA A CB  1 
ATOM   575  N  N   . LEU A 1 69 ? 16.756  -5.654  3.614   1.00 24.57  ? 69  LEU A N   1 
ATOM   576  C  CA  . LEU A 1 69 ? 15.399  -6.174  3.365   1.00 27.55  ? 69  LEU A CA  1 
ATOM   577  C  C   . LEU A 1 69 ? 14.554  -5.220  2.532   1.00 31.87  ? 69  LEU A C   1 
ATOM   578  O  O   . LEU A 1 69 ? 13.839  -5.638  1.607   1.00 37.02  ? 69  LEU A O   1 
ATOM   579  C  CB  . LEU A 1 69 ? 14.663  -6.418  4.671   1.00 30.08  ? 69  LEU A CB  1 
ATOM   580  C  CG  . LEU A 1 69 ? 14.791  -7.787  5.324   1.00 31.66  ? 69  LEU A CG  1 
ATOM   581  C  CD1 . LEU A 1 69 ? 13.743  -7.850  6.430   1.00 29.09  ? 69  LEU A CD1 1 
ATOM   582  C  CD2 . LEU A 1 69 ? 14.556  -8.908  4.288   1.00 30.14  ? 69  LEU A CD2 1 
ATOM   583  N  N   . ILE A 1 70 ? 14.622  -3.936  2.876   1.00 27.58  ? 70  ILE A N   1 
ATOM   584  C  CA  . ILE A 1 70 ? 13.871  -2.929  2.147   1.00 17.86  ? 70  ILE A CA  1 
ATOM   585  C  C   . ILE A 1 70 ? 14.406  -2.841  0.745   1.00 22.12  ? 70  ILE A C   1 
ATOM   586  O  O   . ILE A 1 70 ? 13.653  -2.623  -0.184  1.00 27.69  ? 70  ILE A O   1 
ATOM   587  C  CB  . ILE A 1 70 ? 13.970  -1.524  2.817   1.00 31.05  ? 70  ILE A CB  1 
ATOM   588  C  CG1 . ILE A 1 70 ? 13.247  -1.539  4.158   1.00 23.73  ? 70  ILE A CG1 1 
ATOM   589  C  CG2 . ILE A 1 70 ? 13.328  -0.449  1.922   1.00 27.07  ? 70  ILE A CG2 1 
ATOM   590  C  CD1 . ILE A 1 70 ? 13.296  -0.225  4.843   1.00 42.47  ? 70  ILE A CD1 1 
ATOM   591  N  N   . LEU A 1 71 ? 15.714  -3.020  0.576   1.00 32.34  ? 71  LEU A N   1 
ATOM   592  C  CA  . LEU A 1 71 ? 16.290  -2.949  -0.758  1.00 27.89  ? 71  LEU A CA  1 
ATOM   593  C  C   . LEU A 1 71 ? 15.803  -4.140  -1.576  1.00 25.86  ? 71  LEU A C   1 
ATOM   594  O  O   . LEU A 1 71 ? 15.376  -3.997  -2.713  1.00 33.97  ? 71  LEU A O   1 
ATOM   595  C  CB  . LEU A 1 71 ? 17.813  -2.968  -0.695  1.00 38.75  ? 71  LEU A CB  1 
ATOM   596  C  CG  . LEU A 1 71 ? 18.380  -2.511  -2.037  1.00 45.16  ? 71  LEU A CG  1 
ATOM   597  C  CD1 . LEU A 1 71 ? 18.050  -1.016  -2.203  1.00 51.97  ? 71  LEU A CD1 1 
ATOM   598  C  CD2 . LEU A 1 71 ? 19.868  -2.769  -2.123  1.00 42.10  ? 71  LEU A CD2 1 
ATOM   599  N  N   . LEU A 1 72 ? 15.869  -5.317  -0.975  1.00 26.73  ? 72  LEU A N   1 
ATOM   600  C  CA  . LEU A 1 72 ? 15.441  -6.543  -1.623  1.00 24.24  ? 72  LEU A CA  1 
ATOM   601  C  C   . LEU A 1 72 ? 13.995  -6.433  -2.096  1.00 23.51  ? 72  LEU A C   1 
ATOM   602  O  O   . LEU A 1 72 ? 13.691  -6.699  -3.254  1.00 30.03  ? 72  LEU A O   1 
ATOM   603  C  CB  . LEU A 1 72 ? 15.589  -7.716  -0.645  1.00 34.36  ? 72  LEU A CB  1 
ATOM   604  C  CG  . LEU A 1 72 ? 15.668  -9.098  -1.289  1.00 38.53  ? 72  LEU A CG  1 
ATOM   605  C  CD1 . LEU A 1 72 ? 16.973  -9.740  -0.885  1.00 39.53  ? 72  LEU A CD1 1 
ATOM   606  C  CD2 . LEU A 1 72 ? 14.507  -9.947  -0.869  1.00 41.62  ? 72  LEU A CD2 1 
ATOM   607  N  N   . PHE A 1 73 ? 13.105  -6.013  -1.212  1.00 21.77  ? 73  PHE A N   1 
ATOM   608  C  CA  . PHE A 1 73 ? 11.707  -5.878  -1.612  1.00 28.49  ? 73  PHE A CA  1 
ATOM   609  C  C   . PHE A 1 73 ? 11.390  -4.810  -2.672  1.00 29.49  ? 73  PHE A C   1 
ATOM   610  O  O   . PHE A 1 73 ? 10.442  -4.975  -3.434  1.00 39.69  ? 73  PHE A O   1 
ATOM   611  C  CB  . PHE A 1 73 ? 10.834  -5.681  -0.385  1.00 19.48  ? 73  PHE A CB  1 
ATOM   612  C  CG  . PHE A 1 73 ? 10.551  -6.950  0.344   1.00 14.64  ? 73  PHE A CG  1 
ATOM   613  C  CD1 . PHE A 1 73 ? 11.076  -7.176  1.609   1.00 20.22  ? 73  PHE A CD1 1 
ATOM   614  C  CD2 . PHE A 1 73 ? 9.739   -7.919  -0.229  1.00 22.00  ? 73  PHE A CD2 1 
ATOM   615  C  CE1 . PHE A 1 73 ? 10.794  -8.340  2.296   1.00 26.24  ? 73  PHE A CE1 1 
ATOM   616  C  CE2 . PHE A 1 73 ? 9.448   -9.091  0.440   1.00 20.70  ? 73  PHE A CE2 1 
ATOM   617  C  CZ  . PHE A 1 73 ? 9.976   -9.310  1.719   1.00 23.99  ? 73  PHE A CZ  1 
ATOM   618  N  N   . ASP A 1 74 ? 12.158  -3.726  -2.749  1.00 33.00  ? 74  ASP A N   1 
ATOM   619  C  CA  . ASP A 1 74 ? 11.891  -2.737  -3.798  1.00 33.51  ? 74  ASP A CA  1 
ATOM   620  C  C   . ASP A 1 74 ? 12.300  -3.347  -5.116  1.00 28.11  ? 74  ASP A C   1 
ATOM   621  O  O   . ASP A 1 74 ? 11.664  -3.132  -6.143  1.00 37.90  ? 74  ASP A O   1 
ATOM   622  C  CB  . ASP A 1 74 ? 12.685  -1.445  -3.608  1.00 39.01  ? 74  ASP A CB  1 
ATOM   623  C  CG  . ASP A 1 74 ? 12.149  -0.592  -2.471  1.00 59.69  ? 74  ASP A CG  1 
ATOM   624  O  OD1 . ASP A 1 74 ? 10.920  -0.340  -2.423  1.00 55.72  ? 74  ASP A OD1 1 
ATOM   625  O  OD2 . ASP A 1 74 ? 12.968  -0.161  -1.625  1.00 67.46  ? 74  ASP A OD2 1 
ATOM   626  N  N   . GLU A 1 75 ? 13.366  -4.124  -5.088  1.00 32.69  ? 75  GLU A N   1 
ATOM   627  C  CA  . GLU A 1 75 ? 13.837  -4.749  -6.307  1.00 37.29  ? 75  GLU A CA  1 
ATOM   628  C  C   . GLU A 1 75 ? 12.906  -5.856  -6.767  1.00 28.88  ? 75  GLU A C   1 
ATOM   629  O  O   . GLU A 1 75 ? 12.737  -6.044  -7.957  1.00 37.63  ? 75  GLU A O   1 
ATOM   630  C  CB  . GLU A 1 75 ? 15.258  -5.276  -6.100  1.00 52.14  ? 75  GLU A CB  1 
ATOM   631  C  CG  . GLU A 1 75 ? 16.188  -4.164  -5.643  1.00 69.81  ? 75  GLU A CG  1 
ATOM   632  C  CD  . GLU A 1 75 ? 17.611  -4.616  -5.397  1.00 77.64  ? 75  GLU A CD  1 
ATOM   633  O  OE1 . GLU A 1 75 ? 17.824  -5.581  -4.620  1.00 86.99  ? 75  GLU A OE1 1 
ATOM   634  O  OE2 . GLU A 1 75 ? 18.518  -3.985  -5.976  1.00 76.20  ? 75  GLU A OE2 1 
ATOM   635  N  N   . ALA A 1 76 ? 12.295  -6.579  -5.832  1.00 23.43  ? 76  ALA A N   1 
ATOM   636  C  CA  . ALA A 1 76 ? 11.389  -7.654  -6.208  1.00 25.35  ? 76  ALA A CA  1 
ATOM   637  C  C   . ALA A 1 76 ? 10.186  -7.017  -6.889  1.00 34.52  ? 76  ALA A C   1 
ATOM   638  O  O   . ALA A 1 76 ? 9.635   -7.551  -7.853  1.00 34.64  ? 76  ALA A O   1 
ATOM   639  C  CB  . ALA A 1 76 ? 10.942  -8.440  -4.970  1.00 25.78  ? 76  ALA A CB  1 
ATOM   640  N  N   . GLU A 1 77 ? 9.772   -5.871  -6.370  1.00 37.19  ? 77  GLU A N   1 
ATOM   641  C  CA  . GLU A 1 77 ? 8.646   -5.164  -6.939  1.00 41.51  ? 77  GLU A CA  1 
ATOM   642  C  C   . GLU A 1 77 ? 9.035   -4.688  -8.346  1.00 42.04  ? 77  GLU A C   1 
ATOM   643  O  O   . GLU A 1 77 ? 8.271   -4.854  -9.296  1.00 45.68  ? 77  GLU A O   1 
ATOM   644  C  CB  . GLU A 1 77 ? 8.246   -3.999  -6.023  1.00 34.30  ? 77  GLU A CB  1 
ATOM   645  C  CG  . GLU A 1 77 ? 7.245   -3.035  -6.640  1.00 32.41  ? 77  GLU A CG  1 
ATOM   646  C  CD  . GLU A 1 77 ? 6.532   -2.205  -5.596  1.00 43.04  ? 77  GLU A CD  1 
ATOM   647  O  OE1 . GLU A 1 77 ? 7.176   -1.784  -4.616  1.00 54.37  ? 77  GLU A OE1 1 
ATOM   648  O  OE2 . GLU A 1 77 ? 5.325   -1.967  -5.761  1.00 51.70  ? 77  GLU A OE2 1 
ATOM   649  N  N   . GLU A 1 78 ? 10.229  -4.121  -8.487  1.00 38.93  ? 78  GLU A N   1 
ATOM   650  C  CA  . GLU A 1 78 ? 10.691  -3.666  -9.796  1.00 42.48  ? 78  GLU A CA  1 
ATOM   651  C  C   . GLU A 1 78 ? 10.705  -4.874  -10.773 1.00 38.84  ? 78  GLU A C   1 
ATOM   652  O  O   . GLU A 1 78 ? 10.310  -4.754  -11.925 1.00 42.78  ? 78  GLU A O   1 
ATOM   653  C  CB  . GLU A 1 78 ? 12.097  -3.012  -9.661  1.00 43.50  ? 78  GLU A CB  1 
ATOM   654  C  CG  . GLU A 1 78 ? 12.103  -1.622  -8.916  1.00 65.67  ? 78  GLU A CG  1 
ATOM   655  C  CD  . GLU A 1 78 ? 13.502  -1.108  -8.400  1.00 80.87  ? 78  GLU A CD  1 
ATOM   656  O  OE1 . GLU A 1 78 ? 14.552  -1.343  -9.056  1.00 74.82  ? 78  GLU A OE1 1 
ATOM   657  O  OE2 . GLU A 1 78 ? 13.541  -0.432  -7.334  1.00 72.54  ? 78  GLU A OE2 1 
ATOM   658  N  N   . GLU A 1 79 ? 11.098  -6.048  -10.294 1.00 37.43  ? 79  GLU A N   1 
ATOM   659  C  CA  . GLU A 1 79 ? 11.174  -7.241  -11.145 1.00 46.57  ? 79  GLU A CA  1 
ATOM   660  C  C   . GLU A 1 79 ? 9.875   -7.979  -11.401 1.00 46.67  ? 79  GLU A C   1 
ATOM   661  O  O   . GLU A 1 79 ? 9.747   -8.672  -12.413 1.00 42.89  ? 79  GLU A O   1 
ATOM   662  C  CB  . GLU A 1 79 ? 12.166  -8.237  -10.556 1.00 40.38  ? 79  GLU A CB  1 
ATOM   663  C  CG  . GLU A 1 79 ? 13.563  -7.670  -10.408 1.00 60.68  ? 79  GLU A CG  1 
ATOM   664  C  CD  . GLU A 1 79 ? 14.466  -8.077  -11.547 1.00 68.51  ? 79  GLU A CD  1 
ATOM   665  O  OE1 . GLU A 1 79 ? 13.997  -8.051  -12.708 1.00 80.26  ? 79  GLU A OE1 1 
ATOM   666  O  OE2 . GLU A 1 79 ? 15.642  -8.417  -11.277 1.00 71.36  ? 79  GLU A OE2 1 
ATOM   667  N  N   . LEU A 1 80 ? 8.918   -7.842  -10.492 1.00 39.41  ? 80  LEU A N   1 
ATOM   668  C  CA  . LEU A 1 80 ? 7.661   -8.541  -10.636 1.00 34.63  ? 80  LEU A CA  1 
ATOM   669  C  C   . LEU A 1 80 ? 6.551   -7.701  -11.212 1.00 42.03  ? 80  LEU A C   1 
ATOM   670  O  O   . LEU A 1 80 ? 5.403   -7.814  -10.794 1.00 52.69  ? 80  LEU A O   1 
ATOM   671  C  CB  . LEU A 1 80 ? 7.233   -9.149  -9.296  1.00 37.55  ? 80  LEU A CB  1 
ATOM   672  C  CG  . LEU A 1 80 ? 8.174   -10.264 -8.829  1.00 38.61  ? 80  LEU A CG  1 
ATOM   673  C  CD1 . LEU A 1 80 ? 7.891   -10.669 -7.402  1.00 35.52  ? 80  LEU A CD1 1 
ATOM   674  C  CD2 . LEU A 1 80 ? 8.011   -11.435 -9.745  1.00 20.09  ? 80  LEU A CD2 1 
ATOM   675  N  N   . GLU A 1 81 ? 6.902   -6.842  -12.160 1.00 46.69  ? 81  GLU A N   1 
ATOM   676  C  CA  . GLU A 1 81 ? 5.917   -6.022  -12.856 1.00 54.89  ? 81  GLU A CA  1 
ATOM   677  C  C   . GLU A 1 81 ? 4.735   -5.650  -11.968 1.00 60.98  ? 81  GLU A C   1 
ATOM   678  O  O   . GLU A 1 81 ? 3.582   -5.954  -12.291 1.00 67.59  ? 81  GLU A O   1 
ATOM   679  C  CB  . GLU A 1 81 ? 5.380   -6.801  -14.064 1.00 56.16  ? 81  GLU A CB  1 
ATOM   680  C  CG  . GLU A 1 81 ? 6.380   -7.786  -14.666 1.00 65.87  ? 81  GLU A CG  1 
ATOM   681  C  CD  . GLU A 1 81 ? 6.866   -7.378  -16.046 1.00 65.71  ? 81  GLU A CD  1 
ATOM   682  O  OE1 . GLU A 1 81 ? 7.085   -6.168  -16.272 1.00 65.99  ? 81  GLU A OE1 1 
ATOM   683  O  OE2 . GLU A 1 81 ? 7.043   -8.275  -16.899 1.00 74.65  ? 81  GLU A OE2 1 
ATOM   684  N  N   . GLY A 1 82 ? 5.009   -5.015  -10.842 1.00 59.08  ? 82  GLY A N   1 
ATOM   685  C  CA  . GLY A 1 82 ? 3.920   -4.630  -9.976  1.00 51.68  ? 82  GLY A CA  1 
ATOM   686  C  C   . GLY A 1 82 ? 3.039   -5.752  -9.434  1.00 51.12  ? 82  GLY A C   1 
ATOM   687  O  O   . GLY A 1 82 ? 2.116   -5.445  -8.688  1.00 43.63  ? 82  GLY A O   1 
ATOM   688  N  N   . HIS A 1 83 ? 3.276   -7.018  -9.800  1.00 41.28  ? 83  HIS A N   1 
ATOM   689  C  CA  . HIS A 1 83 ? 2.474   -8.131  -9.241  1.00 46.88  ? 83  HIS A CA  1 
ATOM   690  C  C   . HIS A 1 83 ? 2.744   -8.225  -7.740  1.00 43.20  ? 83  HIS A C   1 
ATOM   691  O  O   . HIS A 1 83 ? 1.975   -8.815  -6.973  1.00 39.69  ? 83  HIS A O   1 
ATOM   692  C  CB  . HIS A 1 83 ? 2.835   -9.464  -9.892  1.00 55.75  ? 83  HIS A CB  1 
ATOM   693  C  CG  . HIS A 1 83 ? 2.117   -9.715  -11.177 1.00 74.33  ? 83  HIS A CG  1 
ATOM   694  N  ND1 . HIS A 1 83 ? 2.048   -8.775  -12.184 1.00 76.59  ? 83  HIS A ND1 1 
ATOM   695  C  CD2 . HIS A 1 83 ? 1.437   -10.798 -11.621 1.00 75.46  ? 83  HIS A CD2 1 
ATOM   696  C  CE1 . HIS A 1 83 ? 1.358   -9.270  -13.195 1.00 84.81  ? 83  HIS A CE1 1 
ATOM   697  N  NE2 . HIS A 1 83 ? 0.975   -10.496 -12.878 1.00 84.83  ? 83  HIS A NE2 1 
ATOM   698  N  N   . LEU A 1 84 ? 3.878   -7.675  -7.332  1.00 37.88  ? 84  LEU A N   1 
ATOM   699  C  CA  . LEU A 1 84 ? 4.209   -7.622  -5.930  1.00 32.59  ? 84  LEU A CA  1 
ATOM   700  C  C   . LEU A 1 84 ? 4.323   -6.154  -5.594  1.00 34.16  ? 84  LEU A C   1 
ATOM   701  O  O   . LEU A 1 84 ? 5.056   -5.397  -6.238  1.00 31.29  ? 84  LEU A O   1 
ATOM   702  C  CB  . LEU A 1 84 ? 5.536   -8.309  -5.609  1.00 25.40  ? 84  LEU A CB  1 
ATOM   703  C  CG  . LEU A 1 84 ? 5.849   -8.199  -4.113  1.00 31.49  ? 84  LEU A CG  1 
ATOM   704  C  CD1 . LEU A 1 84 ? 6.299   -9.540  -3.524  1.00 25.33  ? 84  LEU A CD1 1 
ATOM   705  C  CD2 . LEU A 1 84 ? 6.932   -7.168  -3.935  1.00 33.50  ? 84  LEU A CD2 1 
ATOM   706  N  N   . ARG A 1 85 ? 3.565   -5.743  -4.601  1.00 28.61  ? 85  ARG A N   1 
ATOM   707  C  CA  . ARG A 1 85 ? 3.647   -4.379  -4.167  1.00 35.23  ? 85  ARG A CA  1 
ATOM   708  C  C   . ARG A 1 85 ? 4.325   -4.357  -2.803  1.00 29.71  ? 85  ARG A C   1 
ATOM   709  O  O   . ARG A 1 85 ? 4.050   -5.211  -1.966  1.00 36.71  ? 85  ARG A O   1 
ATOM   710  C  CB  . ARG A 1 85 ? 2.248   -3.774  -4.088  1.00 32.11  ? 85  ARG A CB  1 
ATOM   711  C  CG  . ARG A 1 85 ? 1.841   -3.143  -5.385  1.00 39.39  ? 85  ARG A CG  1 
ATOM   712  C  CD  . ARG A 1 85 ? 0.387   -2.779  -5.348  1.00 49.48  ? 85  ARG A CD  1 
ATOM   713  N  NE  . ARG A 1 85 ? 0.058   -1.758  -6.336  1.00 60.18  ? 85  ARG A NE  1 
ATOM   714  C  CZ  . ARG A 1 85 ? 0.412   -1.797  -7.618  1.00 54.79  ? 85  ARG A CZ  1 
ATOM   715  N  NH1 . ARG A 1 85 ? 1.124   -2.804  -8.099  1.00 61.62  ? 85  ARG A NH1 1 
ATOM   716  N  NH2 . ARG A 1 85 ? 0.025   -0.826  -8.428  1.00 66.25  ? 85  ARG A NH2 1 
ATOM   717  N  N   . PHE A 1 86 ? 5.206   -3.380  -2.588  1.00 27.90  ? 86  PHE A N   1 
ATOM   718  C  CA  . PHE A 1 86 ? 5.901   -3.231  -1.321  1.00 25.76  ? 86  PHE A CA  1 
ATOM   719  C  C   . PHE A 1 86 ? 5.730   -1.818  -0.776  1.00 35.16  ? 86  PHE A C   1 
ATOM   720  O  O   . PHE A 1 86 ? 6.019   -0.849  -1.456  1.00 34.41  ? 86  PHE A O   1 
ATOM   721  C  CB  . PHE A 1 86 ? 7.393   -3.503  -1.500  1.00 21.70  ? 86  PHE A CB  1 
ATOM   722  C  CG  . PHE A 1 86 ? 8.204   -3.264  -0.256  1.00 30.31  ? 86  PHE A CG  1 
ATOM   723  C  CD1 . PHE A 1 86 ? 7.919   -3.955  0.917   1.00 24.70  ? 86  PHE A CD1 1 
ATOM   724  C  CD2 . PHE A 1 86 ? 9.276   -2.368  -0.261  1.00 24.34  ? 86  PHE A CD2 1 
ATOM   725  C  CE1 . PHE A 1 86 ? 8.696   -3.763  2.078   1.00 35.60  ? 86  PHE A CE1 1 
ATOM   726  C  CE2 . PHE A 1 86 ? 10.048  -2.171  0.883   1.00 35.12  ? 86  PHE A CE2 1 
ATOM   727  C  CZ  . PHE A 1 86 ? 9.762   -2.872  2.058   1.00 25.05  ? 86  PHE A CZ  1 
ATOM   728  N  N   . ASN A 1 87 ? 5.278   -1.680  0.459   1.00 37.84  ? 87  ASN A N   1 
ATOM   729  C  CA  . ASN A 1 87 ? 5.123   -0.334  1.006   1.00 36.53  ? 87  ASN A CA  1 
ATOM   730  C  C   . ASN A 1 87 ? 5.621   -0.261  2.428   1.00 31.85  ? 87  ASN A C   1 
ATOM   731  O  O   . ASN A 1 87 ? 5.349   -1.158  3.243   1.00 32.32  ? 87  ASN A O   1 
ATOM   732  C  CB  . ASN A 1 87 ? 3.639   0.105   1.014   1.00 39.59  ? 87  ASN A CB  1 
ATOM   733  C  CG  . ASN A 1 87 ? 3.155   0.609   -0.336  1.00 49.36  ? 87  ASN A CG  1 
ATOM   734  O  OD1 . ASN A 1 87 ? 3.668   1.598   -0.870  1.00 40.23  ? 87  ASN A OD1 1 
ATOM   735  N  ND2 . ASN A 1 87 ? 2.145   -0.059  -0.885  1.00 43.19  ? 87  ASN A ND2 1 
ATOM   736  N  N   . VAL A 1 88 ? 6.358   0.793   2.735   1.00 35.02  ? 88  VAL A N   1 
ATOM   737  C  CA  . VAL A 1 88 ? 6.781   0.998   4.105   1.00 44.70  ? 88  VAL A CA  1 
ATOM   738  C  C   . VAL A 1 88 ? 5.841   2.082   4.625   1.00 48.60  ? 88  VAL A C   1 
ATOM   739  O  O   . VAL A 1 88 ? 5.728   3.135   3.997   1.00 41.94  ? 88  VAL A O   1 
ATOM   740  C  CB  . VAL A 1 88 ? 8.232   1.491   4.216   1.00 50.95  ? 88  VAL A CB  1 
ATOM   741  C  CG1 . VAL A 1 88 ? 8.508   1.936   5.663   1.00 40.85  ? 88  VAL A CG1 1 
ATOM   742  C  CG2 . VAL A 1 88 ? 9.194   0.370   3.825   1.00 42.12  ? 88  VAL A CG2 1 
ATOM   743  N  N   . ARG A 1 89 ? 5.165   1.789   5.742   1.00 62.04  ? 89  ARG A N   1 
ATOM   744  C  CA  . ARG A 1 89 ? 4.195   2.659   6.452   1.00 68.48  ? 89  ARG A CA  1 
ATOM   745  C  C   . ARG A 1 89 ? 3.898   4.067   5.922   1.00 76.17  ? 89  ARG A C   1 
ATOM   746  O  O   . ARG A 1 89 ? 3.086   4.222   5.006   1.00 89.69  ? 89  ARG A O   1 
ATOM   747  C  CB  . ARG A 1 89 ? 4.580   2.739   7.946   1.00 66.43  ? 89  ARG A CB  1 
ATOM   748  C  CG  . ARG A 1 89 ? 3.769   3.719   8.787   1.00 68.20  ? 89  ARG A CG  1 
ATOM   749  C  CD  . ARG A 1 89 ? 3.632   3.288   10.255  1.00 48.48  ? 89  ARG A CD  1 
ATOM   750  N  NE  . ARG A 1 89 ? 2.553   2.317   10.462  1.00 65.56  ? 89  ARG A NE  1 
ATOM   751  C  CZ  . ARG A 1 89 ? 1.261   2.508   10.161  1.00 65.86  ? 89  ARG A CZ  1 
ATOM   752  N  NH1 . ARG A 1 89 ? 0.837   3.649   9.625   1.00 61.03  ? 89  ARG A NH1 1 
ATOM   753  N  NH2 . ARG A 1 89 ? 0.376   1.542   10.392  1.00 62.63  ? 89  ARG A NH2 1 
ATOM   754  N  N   . HIS A 1 90 ? 4.512   5.091   6.512   1.00 78.13  ? 90  HIS A N   1 
ATOM   755  C  CA  . HIS A 1 90 ? 4.283   6.470   6.072   1.00 87.81  ? 90  HIS A CA  1 
ATOM   756  C  C   . HIS A 1 90 ? 5.555   7.130   5.520   1.00 94.89  ? 90  HIS A C   1 
ATOM   757  O  O   . HIS A 1 90 ? 6.027   8.116   6.137   1.00 99.93  ? 90  HIS A O   1 
ATOM   758  C  CB  . HIS A 1 90 ? 3.741   7.335   7.221   1.00 92.24  ? 90  HIS A CB  1 
ATOM   759  C  CG  . HIS A 1 90 ? 2.379   6.944   7.701   1.00 92.60  ? 90  HIS A CG  1 
ATOM   760  N  ND1 . HIS A 1 90 ? 1.392   6.482   6.857   1.00 95.70  ? 90  HIS A ND1 1 
ATOM   761  C  CD2 . HIS A 1 90 ? 1.819   7.008   8.934   1.00 96.91  ? 90  HIS A CD2 1 
ATOM   762  C  CE1 . HIS A 1 90 ? 0.285   6.276   7.548   1.00 100.72 ? 90  HIS A CE1 1 
ATOM   763  N  NE2 . HIS A 1 90 ? 0.516   6.588   8.811   1.00 99.31  ? 90  HIS A NE2 1 
ATOM   764  O  OXT . HIS A 1 90 ? 6.073   6.662   4.480   1.00 99.92  ? 90  HIS A OXT 1 
HETATM 765  N  N   . MSE B 1 1  ? -7.965  -5.304  -0.630  1.00 46.80  ? 1   MSE B N   1 
HETATM 766  C  CA  . MSE B 1 1  ? -7.886  -6.439  -1.594  1.00 51.86  ? 1   MSE B CA  1 
HETATM 767  C  C   . MSE B 1 1  ? -7.918  -5.879  -3.015  1.00 49.47  ? 1   MSE B C   1 
HETATM 768  O  O   . MSE B 1 1  ? -7.229  -6.387  -3.892  1.00 59.82  ? 1   MSE B O   1 
HETATM 769  C  CB  . MSE B 1 1  ? -9.033  -7.429  -1.340  1.00 59.54  ? 1   MSE B CB  1 
HETATM 770  C  CG  . MSE B 1 1  ? -9.103  -7.969  0.112   1.00 68.07  ? 1   MSE B CG  1 
HETATM 771  SE SE  . MSE B 1 1  ? -7.703  -9.247  0.726   1.00 111.13 ? 1   MSE B SE  1 
HETATM 772  C  CE  . MSE B 1 1  ? -6.822  -8.239  2.146   1.00 76.72  ? 1   MSE B CE  1 
ATOM   773  N  N   . ASN B 1 2  ? -8.714  -4.834  -3.241  1.00 51.83  ? 2   ASN B N   1 
ATOM   774  C  CA  . ASN B 1 2  ? -8.768  -4.166  -4.549  1.00 44.67  ? 2   ASN B CA  1 
ATOM   775  C  C   . ASN B 1 2  ? -7.879  -2.940  -4.425  1.00 39.47  ? 2   ASN B C   1 
ATOM   776  O  O   . ASN B 1 2  ? -8.027  -2.171  -3.469  1.00 30.41  ? 2   ASN B O   1 
ATOM   777  C  CB  . ASN B 1 2  ? -10.181 -3.703  -4.897  1.00 45.55  ? 2   ASN B CB  1 
ATOM   778  C  CG  . ASN B 1 2  ? -11.097 -4.845  -5.217  1.00 61.69  ? 2   ASN B CG  1 
ATOM   779  O  OD1 . ASN B 1 2  ? -10.832 -5.619  -6.148  1.00 56.22  ? 2   ASN B OD1 1 
ATOM   780  N  ND2 . ASN B 1 2  ? -12.183 -4.976  -4.442  1.00 48.18  ? 2   ASN B ND2 1 
ATOM   781  N  N   . ILE B 1 3  ? -6.959  -2.775  -5.374  1.00 35.14  ? 3   ILE B N   1 
ATOM   782  C  CA  . ILE B 1 3  ? -6.040  -1.651  -5.366  1.00 36.84  ? 3   ILE B CA  1 
ATOM   783  C  C   . ILE B 1 3  ? -6.308  -0.684  -6.499  1.00 43.33  ? 3   ILE B C   1 
ATOM   784  O  O   . ILE B 1 3  ? -6.323  -1.066  -7.680  1.00 37.11  ? 3   ILE B O   1 
ATOM   785  C  CB  . ILE B 1 3  ? -4.546  -2.051  -5.515  1.00 43.32  ? 3   ILE B CB  1 
ATOM   786  C  CG1 . ILE B 1 3  ? -4.194  -3.279  -4.667  1.00 39.02  ? 3   ILE B CG1 1 
ATOM   787  C  CG2 . ILE B 1 3  ? -3.677  -0.871  -5.054  1.00 37.80  ? 3   ILE B CG2 1 
ATOM   788  C  CD1 . ILE B 1 3  ? -4.269  -3.051  -3.198  1.00 49.87  ? 3   ILE B CD1 1 
ATOM   789  N  N   . TYR B 1 4  ? -6.507  0.578   -6.127  1.00 37.85  ? 4   TYR B N   1 
ATOM   790  C  CA  . TYR B 1 4  ? -6.734  1.630   -7.110  1.00 40.93  ? 4   TYR B CA  1 
ATOM   791  C  C   . TYR B 1 4  ? -5.618  2.669   -7.057  1.00 35.43  ? 4   TYR B C   1 
ATOM   792  O  O   . TYR B 1 4  ? -5.187  3.095   -5.988  1.00 31.20  ? 4   TYR B O   1 
ATOM   793  C  CB  . TYR B 1 4  ? -8.087  2.271   -6.876  1.00 43.18  ? 4   TYR B CB  1 
ATOM   794  C  CG  . TYR B 1 4  ? -9.197  1.270   -7.027  1.00 37.46  ? 4   TYR B CG  1 
ATOM   795  C  CD1 . TYR B 1 4  ? -9.717  0.601   -5.917  1.00 29.39  ? 4   TYR B CD1 1 
ATOM   796  C  CD2 . TYR B 1 4  ? -9.723  0.982   -8.285  1.00 31.64  ? 4   TYR B CD2 1 
ATOM   797  C  CE1 . TYR B 1 4  ? -10.747 -0.335  -6.057  1.00 36.73  ? 4   TYR B CE1 1 
ATOM   798  C  CE2 . TYR B 1 4  ? -10.749 0.051   -8.436  1.00 36.34  ? 4   TYR B CE2 1 
ATOM   799  C  CZ  . TYR B 1 4  ? -11.255 -0.595  -7.323  1.00 29.50  ? 4   TYR B CZ  1 
ATOM   800  O  OH  . TYR B 1 4  ? -12.291 -1.476  -7.483  1.00 47.04  ? 4   TYR B OH  1 
ATOM   801  N  N   . THR B 1 5  ? -5.158  3.065   -8.230  1.00 38.88  ? 5   THR B N   1 
ATOM   802  C  CA  . THR B 1 5  ? -4.064  3.994   -8.330  1.00 39.67  ? 5   THR B CA  1 
ATOM   803  C  C   . THR B 1 5  ? -4.409  5.298   -9.002  1.00 40.60  ? 5   THR B C   1 
ATOM   804  O  O   . THR B 1 5  ? -4.921  5.321   -10.118 1.00 31.52  ? 5   THR B O   1 
ATOM   805  C  CB  . THR B 1 5  ? -2.892  3.367   -9.118  1.00 42.64  ? 5   THR B CB  1 
ATOM   806  O  OG1 . THR B 1 5  ? -2.445  2.191   -8.444  1.00 49.08  ? 5   THR B OG1 1 
ATOM   807  C  CG2 . THR B 1 5  ? -1.732  4.350   -9.232  1.00 38.89  ? 5   THR B CG2 1 
ATOM   808  N  N   . PHE B 1 6  ? -4.075  6.386   -8.315  1.00 42.96  ? 6   PHE B N   1 
ATOM   809  C  CA  . PHE B 1 6  ? -4.278  7.723   -8.829  1.00 35.83  ? 6   PHE B CA  1 
ATOM   810  C  C   . PHE B 1 6  ? -2.896  8.323   -9.057  1.00 36.01  ? 6   PHE B C   1 
ATOM   811  O  O   . PHE B 1 6  ? -2.146  8.619   -8.116  1.00 35.53  ? 6   PHE B O   1 
ATOM   812  C  CB  . PHE B 1 6  ? -5.099  8.548   -7.845  1.00 37.69  ? 6   PHE B CB  1 
ATOM   813  C  CG  . PHE B 1 6  ? -6.451  7.986   -7.604  1.00 38.07  ? 6   PHE B CG  1 
ATOM   814  C  CD1 . PHE B 1 6  ? -6.647  7.024   -6.613  1.00 23.72  ? 6   PHE B CD1 1 
ATOM   815  C  CD2 . PHE B 1 6  ? -7.517  8.355   -8.422  1.00 32.69  ? 6   PHE B CD2 1 
ATOM   816  C  CE1 . PHE B 1 6  ? -7.870  6.436   -6.443  1.00 30.43  ? 6   PHE B CE1 1 
ATOM   817  C  CE2 . PHE B 1 6  ? -8.747  7.781   -8.262  1.00 34.00  ? 6   PHE B CE2 1 
ATOM   818  C  CZ  . PHE B 1 6  ? -8.932  6.807   -7.265  1.00 37.39  ? 6   PHE B CZ  1 
ATOM   819  N  N   . ASP B 1 7  ? -2.569  8.469   -10.335 1.00 38.31  ? 7   ASP B N   1 
ATOM   820  C  CA  . ASP B 1 7  ? -1.285  8.984   -10.777 1.00 40.87  ? 7   ASP B CA  1 
ATOM   821  C  C   . ASP B 1 7  ? -1.304  10.485  -10.820 1.00 37.27  ? 7   ASP B C   1 
ATOM   822  O  O   . ASP B 1 7  ? -2.011  11.074  -11.646 1.00 34.49  ? 7   ASP B O   1 
ATOM   823  C  CB  . ASP B 1 7  ? -0.977  8.455   -12.175 1.00 47.72  ? 7   ASP B CB  1 
ATOM   824  C  CG  . ASP B 1 7  ? 0.495   8.494   -12.484 1.00 45.50  ? 7   ASP B CG  1 
ATOM   825  O  OD1 . ASP B 1 7  ? 1.158   9.448   -12.050 1.00 41.33  ? 7   ASP B OD1 1 
ATOM   826  O  OD2 . ASP B 1 7  ? 0.985   7.571   -13.156 1.00 63.12  ? 7   ASP B OD2 1 
ATOM   827  N  N   . PHE B 1 8  ? -0.500  11.115  -9.971  1.00 36.33  ? 8   PHE B N   1 
ATOM   828  C  CA  . PHE B 1 8  ? -0.510  12.567  -9.942  1.00 37.14  ? 8   PHE B CA  1 
ATOM   829  C  C   . PHE B 1 8  ? 0.267   13.318  -11.028 1.00 42.00  ? 8   PHE B C   1 
ATOM   830  O  O   . PHE B 1 8  ? 0.408   14.546  -10.986 1.00 44.72  ? 8   PHE B O   1 
ATOM   831  C  CB  . PHE B 1 8  ? -0.172  13.049  -8.525  1.00 34.10  ? 8   PHE B CB  1 
ATOM   832  C  CG  . PHE B 1 8  ? -1.360  13.031  -7.617  1.00 28.91  ? 8   PHE B CG  1 
ATOM   833  C  CD1 . PHE B 1 8  ? -1.830  11.827  -7.090  1.00 21.30  ? 8   PHE B CD1 1 
ATOM   834  C  CD2 . PHE B 1 8  ? -2.128  14.195  -7.438  1.00 28.68  ? 8   PHE B CD2 1 
ATOM   835  C  CE1 . PHE B 1 8  ? -3.043  11.765  -6.422  1.00 20.70  ? 8   PHE B CE1 1 
ATOM   836  C  CE2 . PHE B 1 8  ? -3.356  14.146  -6.761  1.00 30.89  ? 8   PHE B CE2 1 
ATOM   837  C  CZ  . PHE B 1 8  ? -3.817  12.927  -6.258  1.00 19.87  ? 8   PHE B CZ  1 
ATOM   838  N  N   . ASP B 1 9  ? 0.739   12.577  -12.025 1.00 43.78  ? 9   ASP B N   1 
ATOM   839  C  CA  . ASP B 1 9  ? 1.418   13.199  -13.150 1.00 50.40  ? 9   ASP B CA  1 
ATOM   840  C  C   . ASP B 1 9  ? 0.322   13.701  -14.073 1.00 53.39  ? 9   ASP B C   1 
ATOM   841  O  O   . ASP B 1 9  ? 0.542   14.613  -14.869 1.00 57.98  ? 9   ASP B O   1 
ATOM   842  C  CB  . ASP B 1 9  ? 2.274   12.195  -13.930 1.00 48.21  ? 9   ASP B CB  1 
ATOM   843  C  CG  . ASP B 1 9  ? 3.617   11.929  -13.273 1.00 50.79  ? 9   ASP B CG  1 
ATOM   844  O  OD1 . ASP B 1 9  ? 4.089   12.782  -12.479 1.00 43.20  ? 9   ASP B OD1 1 
ATOM   845  O  OD2 . ASP B 1 9  ? 4.207   10.868  -13.566 1.00 52.01  ? 9   ASP B OD2 1 
ATOM   846  N  N   . GLU B 1 10 ? -0.862  13.100  -13.948 1.00 50.40  ? 10  GLU B N   1 
ATOM   847  C  CA  . GLU B 1 10 ? -2.007  13.447  -14.792 1.00 52.00  ? 10  GLU B CA  1 
ATOM   848  C  C   . GLU B 1 10 ? -3.097  14.208  -14.059 1.00 50.38  ? 10  GLU B C   1 
ATOM   849  O  O   . GLU B 1 10 ? -4.069  14.656  -14.663 1.00 40.02  ? 10  GLU B O   1 
ATOM   850  C  CB  . GLU B 1 10 ? -2.617  12.173  -15.377 1.00 54.63  ? 10  GLU B CB  1 
ATOM   851  C  CG  . GLU B 1 10 ? -1.594  11.228  -15.993 1.00 65.95  ? 10  GLU B CG  1 
ATOM   852  C  CD  . GLU B 1 10 ? -2.235  9.998   -16.588 1.00 71.53  ? 10  GLU B CD  1 
ATOM   853  O  OE1 . GLU B 1 10 ? -3.045  9.355   -15.876 1.00 71.42  ? 10  GLU B OE1 1 
ATOM   854  O  OE2 . GLU B 1 10 ? -1.931  9.679   -17.761 1.00 80.31  ? 10  GLU B OE2 1 
ATOM   855  N  N   . ILE B 1 11 ? -2.935  14.336  -12.748 1.00 52.52  ? 11  ILE B N   1 
ATOM   856  C  CA  . ILE B 1 11 ? -3.910  15.023  -11.924 1.00 45.30  ? 11  ILE B CA  1 
ATOM   857  C  C   . ILE B 1 11 ? -3.369  16.371  -11.470 1.00 49.11  ? 11  ILE B C   1 
ATOM   858  O  O   . ILE B 1 11 ? -2.334  16.452  -10.805 1.00 51.46  ? 11  ILE B O   1 
ATOM   859  C  CB  . ILE B 1 11 ? -4.259  14.163  -10.718 1.00 44.65  ? 11  ILE B CB  1 
ATOM   860  C  CG1 . ILE B 1 11 ? -4.718  12.794  -11.217 1.00 38.77  ? 11  ILE B CG1 1 
ATOM   861  C  CG2 . ILE B 1 11 ? -5.324  14.829  -9.878  1.00 26.87  ? 11  ILE B CG2 1 
ATOM   862  C  CD1 . ILE B 1 11 ? -5.043  11.821  -10.095 1.00 37.97  ? 11  ILE B CD1 1 
ATOM   863  N  N   . GLU B 1 12 ? -4.077  17.427  -11.847 1.00 51.33  ? 12  GLU B N   1 
ATOM   864  C  CA  . GLU B 1 12 ? -3.679  18.782  -11.514 1.00 56.57  ? 12  GLU B CA  1 
ATOM   865  C  C   . GLU B 1 12 ? -4.617  19.428  -10.512 1.00 59.21  ? 12  GLU B C   1 
ATOM   866  O  O   . GLU B 1 12 ? -4.180  20.046  -9.554  1.00 60.52  ? 12  GLU B O   1 
ATOM   867  C  CB  . GLU B 1 12 ? -3.643  19.638  -12.780 1.00 62.39  ? 12  GLU B CB  1 
ATOM   868  C  CG  . GLU B 1 12 ? -2.427  19.428  -13.651 1.00 68.89  ? 12  GLU B CG  1 
ATOM   869  C  CD  . GLU B 1 12 ? -1.145  19.842  -12.946 1.00 79.02  ? 12  GLU B CD  1 
ATOM   870  O  OE1 . GLU B 1 12 ? -0.719  19.130  -12.009 1.00 84.28  ? 12  GLU B OE1 1 
ATOM   871  O  OE2 . GLU B 1 12 ? -0.569  20.887  -13.322 1.00 79.34  ? 12  GLU B OE2 1 
ATOM   872  N  N   . SER B 1 13 ? -5.913  19.280  -10.737 1.00 58.56  ? 13  SER B N   1 
ATOM   873  C  CA  . SER B 1 13 ? -6.889  19.890  -9.850  1.00 53.19  ? 13  SER B CA  1 
ATOM   874  C  C   . SER B 1 13 ? -7.612  18.884  -9.007  1.00 49.29  ? 13  SER B C   1 
ATOM   875  O  O   . SER B 1 13 ? -7.548  17.681  -9.248  1.00 48.90  ? 13  SER B O   1 
ATOM   876  C  CB  . SER B 1 13 ? -7.923  20.669  -10.654 1.00 47.37  ? 13  SER B CB  1 
ATOM   877  O  OG  . SER B 1 13 ? -8.463  19.872  -11.694 1.00 56.90  ? 13  SER B OG  1 
ATOM   878  N  N   . GLN B 1 14 ? -8.320  19.401  -8.017  1.00 42.27  ? 14  GLN B N   1 
ATOM   879  C  CA  . GLN B 1 14 ? -9.099  18.567  -7.140  1.00 44.85  ? 14  GLN B CA  1 
ATOM   880  C  C   . GLN B 1 14 ? -10.237 18.004  -7.971  1.00 39.28  ? 14  GLN B C   1 
ATOM   881  O  O   . GLN B 1 14 ? -10.693 16.896  -7.736  1.00 47.22  ? 14  GLN B O   1 
ATOM   882  C  CB  . GLN B 1 14 ? -9.612  19.398  -5.975  1.00 49.26  ? 14  GLN B CB  1 
ATOM   883  C  CG  . GLN B 1 14 ? -8.476  20.025  -5.172  1.00 62.95  ? 14  GLN B CG  1 
ATOM   884  C  CD  . GLN B 1 14 ? -8.539  19.666  -3.700  1.00 68.31  ? 14  GLN B CD  1 
ATOM   885  O  OE1 . GLN B 1 14 ? -9.547  19.918  -3.030  1.00 76.02  ? 14  GLN B OE1 1 
ATOM   886  N  NE2 . GLN B 1 14 ? -7.460  19.076  -3.184  1.00 68.18  ? 14  GLN B NE2 1 
ATOM   887  N  N   . GLU B 1 15 ? -10.667 18.776  -8.965  1.00 49.40  ? 15  GLU B N   1 
ATOM   888  C  CA  . GLU B 1 15 ? -11.738 18.369  -9.876  1.00 45.18  ? 15  GLU B CA  1 
ATOM   889  C  C   . GLU B 1 15 ? -11.217 17.283  -10.828 1.00 37.06  ? 15  GLU B C   1 
ATOM   890  O  O   . GLU B 1 15 ? -11.959 16.383  -11.208 1.00 40.11  ? 15  GLU B O   1 
ATOM   891  C  CB  . GLU B 1 15 ? -12.289 19.582  -10.654 1.00 51.24  ? 15  GLU B CB  1 
ATOM   892  C  CG  . GLU B 1 15 ? -11.376 20.823  -10.675 1.00 72.77  ? 15  GLU B CG  1 
ATOM   893  C  CD  . GLU B 1 15 ? -11.285 21.558  -9.321  1.00 79.10  ? 15  GLU B CD  1 
ATOM   894  O  OE1 . GLU B 1 15 ? -12.353 21.874  -8.737  1.00 82.34  ? 15  GLU B OE1 1 
ATOM   895  O  OE2 . GLU B 1 15 ? -10.150 21.833  -8.851  1.00 67.10  ? 15  GLU B OE2 1 
ATOM   896  N  N   . ASP B 1 16 ? -9.942  17.376  -11.204 1.00 34.02  ? 16  ASP B N   1 
ATOM   897  C  CA  . ASP B 1 16 ? -9.303  16.357  -12.040 1.00 33.76  ? 16  ASP B CA  1 
ATOM   898  C  C   . ASP B 1 16 ? -9.449  15.048  -11.267 1.00 37.06  ? 16  ASP B C   1 
ATOM   899  O  O   . ASP B 1 16 ? -9.781  14.012  -11.837 1.00 41.33  ? 16  ASP B O   1 
ATOM   900  C  CB  . ASP B 1 16 ? -7.794  16.605  -12.187 1.00 41.95  ? 16  ASP B CB  1 
ATOM   901  C  CG  . ASP B 1 16 ? -7.435  17.423  -13.393 1.00 43.83  ? 16  ASP B CG  1 
ATOM   902  O  OD1 . ASP B 1 16 ? -8.298  17.610  -14.279 1.00 55.53  ? 16  ASP B OD1 1 
ATOM   903  O  OD2 . ASP B 1 16 ? -6.268  17.873  -13.459 1.00 50.00  ? 16  ASP B OD2 1 
ATOM   904  N  N   . PHE B 1 17 ? -9.191  15.114  -9.958  1.00 29.81  ? 17  PHE B N   1 
ATOM   905  C  CA  . PHE B 1 17 ? -9.282  13.942  -9.105  1.00 27.60  ? 17  PHE B CA  1 
ATOM   906  C  C   . PHE B 1 17 ? -10.693 13.408  -8.906  1.00 37.08  ? 17  PHE B C   1 
ATOM   907  O  O   . PHE B 1 17 ? -10.904 12.180  -8.896  1.00 40.66  ? 17  PHE B O   1 
ATOM   908  C  CB  . PHE B 1 17 ? -8.672  14.222  -7.732  1.00 25.25  ? 17  PHE B CB  1 
ATOM   909  C  CG  . PHE B 1 17 ? -8.795  13.074  -6.785  1.00 24.73  ? 17  PHE B CG  1 
ATOM   910  C  CD1 . PHE B 1 17 ? -7.818  12.095  -6.731  1.00 25.95  ? 17  PHE B CD1 1 
ATOM   911  C  CD2 . PHE B 1 17 ? -9.901  12.961  -5.949  1.00 31.31  ? 17  PHE B CD2 1 
ATOM   912  C  CE1 . PHE B 1 17 ? -7.930  11.033  -5.863  1.00 21.93  ? 17  PHE B CE1 1 
ATOM   913  C  CE2 . PHE B 1 17 ? -10.027 11.889  -5.069  1.00 25.21  ? 17  PHE B CE2 1 
ATOM   914  C  CZ  . PHE B 1 17 ? -9.041  10.925  -5.025  1.00 27.07  ? 17  PHE B CZ  1 
ATOM   915  N  N   . TYR B 1 18 ? -11.659 14.303  -8.712  1.00 31.94  ? 18  TYR B N   1 
ATOM   916  C  CA  . TYR B 1 18 ? -13.042 13.851  -8.530  1.00 30.16  ? 18  TYR B CA  1 
ATOM   917  C  C   . TYR B 1 18 ? -13.528 13.095  -9.762  1.00 35.83  ? 18  TYR B C   1 
ATOM   918  O  O   . TYR B 1 18 ? -14.230 12.090  -9.632  1.00 31.00  ? 18  TYR B O   1 
ATOM   919  C  CB  . TYR B 1 18 ? -13.969 15.037  -8.247  1.00 25.62  ? 18  TYR B CB  1 
ATOM   920  C  CG  . TYR B 1 18 ? -13.656 15.737  -6.940  1.00 37.59  ? 18  TYR B CG  1 
ATOM   921  C  CD1 . TYR B 1 18 ? -13.612 17.133  -6.865  1.00 33.81  ? 18  TYR B CD1 1 
ATOM   922  C  CD2 . TYR B 1 18 ? -13.375 15.005  -5.781  1.00 22.68  ? 18  TYR B CD2 1 
ATOM   923  C  CE1 . TYR B 1 18 ? -13.293 17.779  -5.674  1.00 38.12  ? 18  TYR B CE1 1 
ATOM   924  C  CE2 . TYR B 1 18 ? -13.051 15.650  -4.584  1.00 24.81  ? 18  TYR B CE2 1 
ATOM   925  C  CZ  . TYR B 1 18 ? -13.015 17.030  -4.538  1.00 35.31  ? 18  TYR B CZ  1 
ATOM   926  O  OH  . TYR B 1 18 ? -12.719 17.663  -3.352  1.00 41.16  ? 18  TYR B OH  1 
ATOM   927  N  N   . ARG B 1 19 ? -13.144 13.559  -10.955 1.00 33.48  ? 19  ARG B N   1 
ATOM   928  C  CA  . ARG B 1 19 ? -13.576 12.896  -12.182 1.00 33.79  ? 19  ARG B CA  1 
ATOM   929  C  C   . ARG B 1 19 ? -12.908 11.540  -12.289 1.00 44.88  ? 19  ARG B C   1 
ATOM   930  O  O   . ARG B 1 19 ? -13.549 10.539  -12.606 1.00 48.67  ? 19  ARG B O   1 
ATOM   931  C  CB  . ARG B 1 19 ? -13.199 13.711  -13.412 1.00 43.53  ? 19  ARG B CB  1 
ATOM   932  C  CG  . ARG B 1 19 ? -13.757 15.107  -13.455 1.00 47.94  ? 19  ARG B CG  1 
ATOM   933  C  CD  . ARG B 1 19 ? -13.551 15.669  -14.847 1.00 73.87  ? 19  ARG B CD  1 
ATOM   934  N  NE  . ARG B 1 19 ? -14.043 17.035  -14.982 1.00 87.01  ? 19  ARG B NE  1 
ATOM   935  C  CZ  . ARG B 1 19 ? -14.187 17.660  -16.147 1.00 95.31  ? 19  ARG B CZ  1 
ATOM   936  N  NH1 . ARG B 1 19 ? -13.874 17.032  -17.275 1.00 97.36  ? 19  ARG B NH1 1 
ATOM   937  N  NH2 . ARG B 1 19 ? -14.645 18.908  -16.185 1.00 94.71  ? 19  ARG B NH2 1 
ATOM   938  N  N   . ASP B 1 20 ? -11.606 11.519  -12.029 1.00 44.55  ? 20  ASP B N   1 
ATOM   939  C  CA  . ASP B 1 20 ? -10.830 10.293  -12.102 1.00 33.76  ? 20  ASP B CA  1 
ATOM   940  C  C   . ASP B 1 20 ? -11.416 9.273   -11.116 1.00 36.94  ? 20  ASP B C   1 
ATOM   941  O  O   . ASP B 1 20 ? -11.615 8.097   -11.461 1.00 33.33  ? 20  ASP B O   1 
ATOM   942  C  CB  . ASP B 1 20 ? -9.366  10.605  -11.757 1.00 44.92  ? 20  ASP B CB  1 
ATOM   943  C  CG  . ASP B 1 20 ? -8.372  9.747   -12.531 1.00 60.71  ? 20  ASP B CG  1 
ATOM   944  O  OD1 . ASP B 1 20 ? -8.390  8.501   -12.381 1.00 64.66  ? 20  ASP B OD1 1 
ATOM   945  O  OD2 . ASP B 1 20 ? -7.561  10.325  -13.292 1.00 73.84  ? 20  ASP B OD2 1 
ATOM   946  N  N   . PHE B 1 21 ? -11.699 9.734   -9.898  1.00 33.87  ? 21  PHE B N   1 
ATOM   947  C  CA  . PHE B 1 21 ? -12.249 8.890   -8.838  1.00 24.22  ? 21  PHE B CA  1 
ATOM   948  C  C   . PHE B 1 21 ? -13.607 8.319   -9.283  1.00 33.41  ? 21  PHE B C   1 
ATOM   949  O  O   . PHE B 1 21 ? -13.871 7.132   -9.151  1.00 40.86  ? 21  PHE B O   1 
ATOM   950  C  CB  . PHE B 1 21 ? -12.411 9.726   -7.546  1.00 23.79  ? 21  PHE B CB  1 
ATOM   951  C  CG  . PHE B 1 21 ? -12.795 8.917   -6.333  1.00 21.83  ? 21  PHE B CG  1 
ATOM   952  C  CD1 . PHE B 1 21 ? -11.831 8.236   -5.590  1.00 22.94  ? 21  PHE B CD1 1 
ATOM   953  C  CD2 . PHE B 1 21 ? -14.128 8.768   -5.981  1.00 23.51  ? 21  PHE B CD2 1 
ATOM   954  C  CE1 . PHE B 1 21 ? -12.192 7.403   -4.515  1.00 13.28  ? 21  PHE B CE1 1 
ATOM   955  C  CE2 . PHE B 1 21 ? -14.505 7.947   -4.911  1.00 17.32  ? 21  PHE B CE2 1 
ATOM   956  C  CZ  . PHE B 1 21 ? -13.518 7.256   -4.177  1.00 25.85  ? 21  PHE B CZ  1 
ATOM   957  N  N   . SER B 1 22 ? -14.460 9.175   -9.827  1.00 34.56  ? 22  SER B N   1 
ATOM   958  C  CA  . SER B 1 22 ? -15.773 8.757   -10.285 1.00 31.79  ? 22  SER B CA  1 
ATOM   959  C  C   . SER B 1 22 ? -15.677 7.755   -11.419 1.00 29.54  ? 22  SER B C   1 
ATOM   960  O  O   . SER B 1 22 ? -16.439 6.796   -11.456 1.00 35.70  ? 22  SER B O   1 
ATOM   961  C  CB  . SER B 1 22 ? -16.606 9.971   -10.733 1.00 34.96  ? 22  SER B CB  1 
ATOM   962  O  OG  . SER B 1 22 ? -16.839 10.864  -9.650  1.00 31.59  ? 22  SER B OG  1 
ATOM   963  N  N   . GLN B 1 23 ? -14.764 7.978   -12.358 1.00 43.11  ? 23  GLN B N   1 
ATOM   964  C  CA  . GLN B 1 23 ? -14.595 7.040   -13.473 1.00 43.86  ? 23  GLN B CA  1 
ATOM   965  C  C   . GLN B 1 23 ? -14.088 5.699   -12.965 1.00 42.24  ? 23  GLN B C   1 
ATOM   966  O  O   . GLN B 1 23 ? -14.588 4.657   -13.347 1.00 46.86  ? 23  GLN B O   1 
ATOM   967  C  CB  . GLN B 1 23 ? -13.617 7.577   -14.511 1.00 46.13  ? 23  GLN B CB  1 
ATOM   968  C  CG  . GLN B 1 23 ? -14.184 8.683   -15.383 1.00 65.48  ? 23  GLN B CG  1 
ATOM   969  C  CD  . GLN B 1 23 ? -13.252 9.034   -16.532 1.00 74.14  ? 23  GLN B CD  1 
ATOM   970  O  OE1 . GLN B 1 23 ? -12.972 8.187   -17.391 1.00 72.88  ? 23  GLN B OE1 1 
ATOM   971  N  NE2 . GLN B 1 23 ? -12.759 10.280  -16.552 1.00 60.19  ? 23  GLN B NE2 1 
ATOM   972  N  N   . THR B 1 24 ? -13.097 5.739   -12.090 1.00 43.09  ? 24  THR B N   1 
ATOM   973  C  CA  . THR B 1 24 ? -12.536 4.534   -11.527 1.00 40.47  ? 24  THR B CA  1 
ATOM   974  C  C   . THR B 1 24 ? -13.623 3.663   -10.919 1.00 42.40  ? 24  THR B C   1 
ATOM   975  O  O   . THR B 1 24 ? -13.742 2.490   -11.253 1.00 45.07  ? 24  THR B O   1 
ATOM   976  C  CB  . THR B 1 24 ? -11.471 4.893   -10.467 1.00 40.10  ? 24  THR B CB  1 
ATOM   977  O  OG1 . THR B 1 24 ? -10.377 5.547   -11.128 1.00 34.54  ? 24  THR B OG1 1 
ATOM   978  C  CG2 . THR B 1 24 ? -10.972 3.640   -9.725  1.00 32.54  ? 24  THR B CG2 1 
ATOM   979  N  N   . PHE B 1 25 ? -14.429 4.223   -10.034 1.00 44.63  ? 25  PHE B N   1 
ATOM   980  C  CA  . PHE B 1 25 ? -15.486 3.421   -9.442  1.00 38.31  ? 25  PHE B CA  1 
ATOM   981  C  C   . PHE B 1 25 ? -16.811 3.445   -10.211 1.00 30.23  ? 25  PHE B C   1 
ATOM   982  O  O   . PHE B 1 25 ? -17.811 2.900   -9.743  1.00 39.10  ? 25  PHE B O   1 
ATOM   983  C  CB  . PHE B 1 25 ? -15.695 3.837   -7.987  1.00 44.82  ? 25  PHE B CB  1 
ATOM   984  C  CG  . PHE B 1 25 ? -14.507 3.571   -7.127  1.00 42.07  ? 25  PHE B CG  1 
ATOM   985  C  CD1 . PHE B 1 25 ? -13.522 4.543   -6.955  1.00 37.89  ? 25  PHE B CD1 1 
ATOM   986  C  CD2 . PHE B 1 25 ? -14.317 2.309   -6.572  1.00 37.37  ? 25  PHE B CD2 1 
ATOM   987  C  CE1 . PHE B 1 25 ? -12.358 4.258   -6.249  1.00 36.42  ? 25  PHE B CE1 1 
ATOM   988  C  CE2 . PHE B 1 25 ? -13.155 2.010   -5.859  1.00 42.17  ? 25  PHE B CE2 1 
ATOM   989  C  CZ  . PHE B 1 25 ? -12.171 2.989   -5.701  1.00 38.75  ? 25  PHE B CZ  1 
ATOM   990  N  N   . GLY B 1 26 ? -16.804 4.068   -11.392 1.00 39.61  ? 26  GLY B N   1 
ATOM   991  C  CA  . GLY B 1 26 ? -17.996 4.165   -12.244 1.00 42.33  ? 26  GLY B CA  1 
ATOM   992  C  C   . GLY B 1 26 ? -19.249 4.760   -11.596 1.00 46.72  ? 26  GLY B C   1 
ATOM   993  O  O   . GLY B 1 26 ? -20.365 4.269   -11.793 1.00 39.91  ? 26  GLY B O   1 
ATOM   994  N  N   . LEU B 1 27 ? -19.052 5.829   -10.833 1.00 40.45  ? 27  LEU B N   1 
ATOM   995  C  CA  . LEU B 1 27 ? -20.117 6.502   -10.108 1.00 38.99  ? 27  LEU B CA  1 
ATOM   996  C  C   . LEU B 1 27 ? -20.969 7.399   -11.015 1.00 39.02  ? 27  LEU B C   1 
ATOM   997  O  O   . LEU B 1 27 ? -20.512 7.868   -12.073 1.00 32.13  ? 27  LEU B O   1 
ATOM   998  C  CB  . LEU B 1 27 ? -19.499 7.337   -8.979  1.00 36.74  ? 27  LEU B CB  1 
ATOM   999  C  CG  . LEU B 1 27 ? -18.489 6.586   -8.110  1.00 35.01  ? 27  LEU B CG  1 
ATOM   1000 C  CD1 . LEU B 1 27 ? -17.879 7.543   -7.087  1.00 27.27  ? 27  LEU B CD1 1 
ATOM   1001 C  CD2 . LEU B 1 27 ? -19.184 5.396   -7.409  1.00 25.49  ? 27  LEU B CD2 1 
ATOM   1002 N  N   . ALA B 1 28 ? -22.208 7.634   -10.596 1.00 32.67  ? 28  ALA B N   1 
ATOM   1003 C  CA  . ALA B 1 28 ? -23.114 8.488   -11.366 1.00 32.54  ? 28  ALA B CA  1 
ATOM   1004 C  C   . ALA B 1 28 ? -22.594 9.937   -11.378 1.00 36.39  ? 28  ALA B C   1 
ATOM   1005 O  O   . ALA B 1 28 ? -21.738 10.325  -10.553 1.00 27.75  ? 28  ALA B O   1 
ATOM   1006 C  CB  . ALA B 1 28 ? -24.518 8.436   -10.751 1.00 34.13  ? 28  ALA B CB  1 
ATOM   1007 N  N   . LYS B 1 29 ? -23.113 10.722  -12.315 1.00 33.15  ? 29  LYS B N   1 
ATOM   1008 C  CA  . LYS B 1 29 ? -22.755 12.121  -12.443 1.00 32.84  ? 29  LYS B CA  1 
ATOM   1009 C  C   . LYS B 1 29 ? -23.043 12.853  -11.122 1.00 33.71  ? 29  LYS B C   1 
ATOM   1010 O  O   . LYS B 1 29 ? -24.065 12.625  -10.495 1.00 28.76  ? 29  LYS B O   1 
ATOM   1011 C  CB  . LYS B 1 29 ? -23.547 12.730  -13.596 1.00 37.57  ? 29  LYS B CB  1 
ATOM   1012 C  CG  . LYS B 1 29 ? -23.299 14.206  -13.825 1.00 49.50  ? 29  LYS B CG  1 
ATOM   1013 C  CD  . LYS B 1 29 ? -23.607 14.594  -15.262 1.00 45.96  ? 29  LYS B CD  1 
ATOM   1014 C  CE  . LYS B 1 29 ? -23.940 16.095  -15.391 1.00 67.82  ? 29  LYS B CE  1 
ATOM   1015 N  NZ  . LYS B 1 29 ? -22.932 17.039  -14.804 1.00 69.31  ? 29  LYS B NZ  1 
ATOM   1016 N  N   . ASP B 1 30 ? -22.113 13.709  -10.704 1.00 29.01  ? 30  ASP B N   1 
ATOM   1017 C  CA  . ASP B 1 30 ? -22.208 14.500  -9.472  1.00 28.95  ? 30  ASP B CA  1 
ATOM   1018 C  C   . ASP B 1 30 ? -22.144 13.742  -8.161  1.00 29.09  ? 30  ASP B C   1 
ATOM   1019 O  O   . ASP B 1 30 ? -22.200 14.350  -7.096  1.00 36.78  ? 30  ASP B O   1 
ATOM   1020 C  CB  . ASP B 1 30 ? -23.473 15.377  -9.445  1.00 28.59  ? 30  ASP B CB  1 
ATOM   1021 C  CG  . ASP B 1 30 ? -23.534 16.373  -10.605 1.00 35.39  ? 30  ASP B CG  1 
ATOM   1022 O  OD1 . ASP B 1 30 ? -22.473 16.876  -11.036 1.00 32.48  ? 30  ASP B OD1 1 
ATOM   1023 O  OD2 . ASP B 1 30 ? -24.654 16.666  -11.077 1.00 30.67  ? 30  ASP B OD2 1 
ATOM   1024 N  N   . LYS B 1 31 ? -22.048 12.427  -8.207  1.00 23.11  ? 31  LYS B N   1 
ATOM   1025 C  CA  . LYS B 1 31 ? -21.974 11.673  -6.959  1.00 32.10  ? 31  LYS B CA  1 
ATOM   1026 C  C   . LYS B 1 31 ? -20.739 12.118  -6.109  1.00 34.80  ? 31  LYS B C   1 
ATOM   1027 O  O   . LYS B 1 31 ? -20.785 12.102  -4.874  1.00 30.91  ? 31  LYS B O   1 
ATOM   1028 C  CB  . LYS B 1 31 ? -21.918 10.176  -7.268  1.00 26.78  ? 31  LYS B CB  1 
ATOM   1029 C  CG  . LYS B 1 31 ? -21.986 9.278   -6.052  1.00 26.69  ? 31  LYS B CG  1 
ATOM   1030 C  CD  . LYS B 1 31 ? -23.342 9.328   -5.354  1.00 25.80  ? 31  LYS B CD  1 
ATOM   1031 C  CE  . LYS B 1 31 ? -23.481 8.163   -4.399  1.00 30.71  ? 31  LYS B CE  1 
ATOM   1032 N  NZ  . LYS B 1 31 ? -24.766 8.105   -3.656  1.00 30.02  ? 31  LYS B NZ  1 
ATOM   1033 N  N   . VAL B 1 32 ? -19.648 12.506  -6.772  1.00 22.73  ? 32  VAL B N   1 
ATOM   1034 C  CA  . VAL B 1 32 ? -18.445 12.978  -6.086  1.00 27.54  ? 32  VAL B CA  1 
ATOM   1035 C  C   . VAL B 1 32 ? -18.007 14.174  -6.894  1.00 34.13  ? 32  VAL B C   1 
ATOM   1036 O  O   . VAL B 1 32 ? -17.587 14.045  -8.039  1.00 33.31  ? 32  VAL B O   1 
ATOM   1037 C  CB  . VAL B 1 32 ? -17.309 11.935  -6.072  1.00 34.35  ? 32  VAL B CB  1 
ATOM   1038 C  CG1 . VAL B 1 32 ? -16.055 12.565  -5.554  1.00 33.50  ? 32  VAL B CG1 1 
ATOM   1039 C  CG2 . VAL B 1 32 ? -17.684 10.734  -5.182  1.00 26.17  ? 32  VAL B CG2 1 
ATOM   1040 N  N   . ARG B 1 33 ? -18.136 15.351  -6.300  1.00 41.40  ? 33  ARG B N   1 
ATOM   1041 C  CA  . ARG B 1 33 ? -17.800 16.595  -6.978  1.00 34.03  ? 33  ARG B CA  1 
ATOM   1042 C  C   . ARG B 1 33 ? -17.110 17.537  -5.989  1.00 37.15  ? 33  ARG B C   1 
ATOM   1043 O  O   . ARG B 1 33 ? -16.671 18.615  -6.363  1.00 40.51  ? 33  ARG B O   1 
ATOM   1044 C  CB  . ARG B 1 33 ? -19.086 17.220  -7.546  1.00 30.59  ? 33  ARG B CB  1 
ATOM   1045 C  CG  . ARG B 1 33 ? -20.236 17.280  -6.539  1.00 32.74  ? 33  ARG B CG  1 
ATOM   1046 C  CD  . ARG B 1 33 ? -21.443 18.010  -7.106  1.00 57.94  ? 33  ARG B CD  1 
ATOM   1047 N  NE  . ARG B 1 33 ? -21.070 19.290  -7.707  1.00 70.51  ? 33  ARG B NE  1 
ATOM   1048 C  CZ  . ARG B 1 33 ? -21.870 20.035  -8.476  1.00 75.75  ? 33  ARG B CZ  1 
ATOM   1049 N  NH1 . ARG B 1 33 ? -23.104 19.639  -8.752  1.00 73.62  ? 33  ARG B NH1 1 
ATOM   1050 N  NH2 . ARG B 1 33 ? -21.436 21.182  -8.979  1.00 73.95  ? 33  ARG B NH2 1 
ATOM   1051 N  N   . ASP B 1 34 ? -17.037 17.121  -4.722  1.00 36.86  ? 34  ASP B N   1 
ATOM   1052 C  CA  . ASP B 1 34 ? -16.374 17.888  -3.674  1.00 31.51  ? 34  ASP B CA  1 
ATOM   1053 C  C   . ASP B 1 34 ? -16.008 17.016  -2.477  1.00 20.87  ? 34  ASP B C   1 
ATOM   1054 O  O   . ASP B 1 34 ? -16.255 15.825  -2.472  1.00 38.22  ? 34  ASP B O   1 
ATOM   1055 C  CB  . ASP B 1 34 ? -17.222 19.079  -3.218  1.00 30.74  ? 34  ASP B CB  1 
ATOM   1056 C  CG  . ASP B 1 34 ? -18.539 18.662  -2.580  1.00 36.14  ? 34  ASP B CG  1 
ATOM   1057 O  OD1 . ASP B 1 34 ? -18.667 17.526  -2.088  1.00 32.66  ? 34  ASP B OD1 1 
ATOM   1058 O  OD2 . ASP B 1 34 ? -19.454 19.501  -2.552  1.00 48.19  ? 34  ASP B OD2 1 
ATOM   1059 N  N   . LEU B 1 35 ? -15.414 17.621  -1.458  1.00 29.29  ? 35  LEU B N   1 
ATOM   1060 C  CA  . LEU B 1 35 ? -14.961 16.897  -0.282  1.00 27.37  ? 35  LEU B CA  1 
ATOM   1061 C  C   . LEU B 1 35 ? -16.097 16.253  0.474   1.00 30.46  ? 35  LEU B C   1 
ATOM   1062 O  O   . LEU B 1 35 ? -15.995 15.100  0.897   1.00 40.75  ? 35  LEU B O   1 
ATOM   1063 C  CB  . LEU B 1 35 ? -14.166 17.831  0.660   1.00 25.09  ? 35  LEU B CB  1 
ATOM   1064 C  CG  . LEU B 1 35 ? -12.795 18.289  0.147   1.00 30.89  ? 35  LEU B CG  1 
ATOM   1065 C  CD1 . LEU B 1 35 ? -12.177 19.353  1.043   1.00 29.94  ? 35  LEU B CD1 1 
ATOM   1066 C  CD2 . LEU B 1 35 ? -11.887 17.099  0.094   1.00 31.89  ? 35  LEU B CD2 1 
ATOM   1067 N  N   . ASP B 1 36 ? -17.178 16.993  0.659   1.00 29.48  ? 36  ASP B N   1 
ATOM   1068 C  CA  . ASP B 1 36 ? -18.319 16.455  1.393   1.00 34.39  ? 36  ASP B CA  1 
ATOM   1069 C  C   . ASP B 1 36 ? -18.918 15.228  0.734   1.00 26.05  ? 36  ASP B C   1 
ATOM   1070 O  O   . ASP B 1 36 ? -19.163 14.221  1.396   1.00 33.35  ? 36  ASP B O   1 
ATOM   1071 C  CB  . ASP B 1 36 ? -19.401 17.527  1.582   1.00 42.11  ? 36  ASP B CB  1 
ATOM   1072 C  CG  . ASP B 1 36 ? -19.053 18.526  2.673   1.00 40.83  ? 36  ASP B CG  1 
ATOM   1073 O  OD1 . ASP B 1 36 ? -18.293 18.162  3.603   1.00 51.88  ? 36  ASP B OD1 1 
ATOM   1074 O  OD2 . ASP B 1 36 ? -19.557 19.667  2.605   1.00 54.10  ? 36  ASP B OD2 1 
ATOM   1075 N  N   . SER B 1 37 ? -19.135 15.309  -0.571  1.00 22.34  ? 37  SER B N   1 
ATOM   1076 C  CA  . SER B 1 37 ? -19.706 14.186  -1.301  1.00 29.30  ? 37  SER B CA  1 
ATOM   1077 C  C   . SER B 1 37 ? -18.714 13.033  -1.353  1.00 31.42  ? 37  SER B C   1 
ATOM   1078 O  O   . SER B 1 37 ? -19.103 11.869  -1.278  1.00 35.22  ? 37  SER B O   1 
ATOM   1079 C  CB  . SER B 1 37 ? -20.121 14.604  -2.714  1.00 16.93  ? 37  SER B CB  1 
ATOM   1080 O  OG  . SER B 1 37 ? -19.049 15.177  -3.425  1.00 34.05  ? 37  SER B OG  1 
ATOM   1081 N  N   . LEU B 1 38 ? -17.434 13.360  -1.475  1.00 32.73  ? 38  LEU B N   1 
ATOM   1082 C  CA  . LEU B 1 38 ? -16.419 12.323  -1.494  1.00 33.82  ? 38  LEU B CA  1 
ATOM   1083 C  C   . LEU B 1 38 ? -16.574 11.617  -0.171  1.00 30.04  ? 38  LEU B C   1 
ATOM   1084 O  O   . LEU B 1 38 ? -16.644 10.401  -0.121  1.00 31.73  ? 38  LEU B O   1 
ATOM   1085 C  CB  . LEU B 1 38 ? -15.011 12.911  -1.528  1.00 35.25  ? 38  LEU B CB  1 
ATOM   1086 C  CG  . LEU B 1 38 ? -13.932 12.037  -2.176  1.00 38.16  ? 38  LEU B CG  1 
ATOM   1087 C  CD1 . LEU B 1 38 ? -12.573 12.443  -1.663  1.00 22.66  ? 38  LEU B CD1 1 
ATOM   1088 C  CD2 . LEU B 1 38 ? -14.172 10.576  -1.922  1.00 32.08  ? 38  LEU B CD2 1 
ATOM   1089 N  N   . TRP B 1 39 ? -16.634 12.392  0.909   1.00 21.24  ? 39  TRP B N   1 
ATOM   1090 C  CA  . TRP B 1 39 ? -16.743 11.804  2.236   1.00 27.27  ? 39  TRP B CA  1 
ATOM   1091 C  C   . TRP B 1 39 ? -17.948 10.904  2.456   1.00 26.52  ? 39  TRP B C   1 
ATOM   1092 O  O   . TRP B 1 39 ? -17.821 9.859   3.081   1.00 31.04  ? 39  TRP B O   1 
ATOM   1093 C  CB  . TRP B 1 39 ? -16.716 12.889  3.320   1.00 28.27  ? 39  TRP B CB  1 
ATOM   1094 C  CG  . TRP B 1 39 ? -16.810 12.339  4.714   1.00 33.17  ? 39  TRP B CG  1 
ATOM   1095 C  CD1 . TRP B 1 39 ? -17.895 12.403  5.575   1.00 27.19  ? 39  TRP B CD1 1 
ATOM   1096 C  CD2 . TRP B 1 39 ? -15.773 11.646  5.432   1.00 35.49  ? 39  TRP B CD2 1 
ATOM   1097 N  NE1 . TRP B 1 39 ? -17.581 11.795  6.787   1.00 29.87  ? 39  TRP B NE1 1 
ATOM   1098 C  CE2 . TRP B 1 39 ? -16.291 11.328  6.728   1.00 32.30  ? 39  TRP B CE2 1 
ATOM   1099 C  CE3 . TRP B 1 39 ? -14.460 11.267  5.114   1.00 25.31  ? 39  TRP B CE3 1 
ATOM   1100 C  CZ2 . TRP B 1 39 ? -15.536 10.659  7.691   1.00 32.22  ? 39  TRP B CZ2 1 
ATOM   1101 C  CZ3 . TRP B 1 39 ? -13.705 10.595  6.074   1.00 29.55  ? 39  TRP B CZ3 1 
ATOM   1102 C  CH2 . TRP B 1 39 ? -14.246 10.300  7.349   1.00 38.17  ? 39  TRP B CH2 1 
ATOM   1103 N  N   . ASP B 1 40 ? -19.119 11.295  1.963   1.00 30.38  ? 40  ASP B N   1 
ATOM   1104 C  CA  . ASP B 1 40 ? -20.287 10.446  2.155   1.00 26.56  ? 40  ASP B CA  1 
ATOM   1105 C  C   . ASP B 1 40 ? -20.137 9.136   1.368   1.00 27.62  ? 40  ASP B C   1 
ATOM   1106 O  O   . ASP B 1 40 ? -20.613 8.084   1.786   1.00 29.51  ? 40  ASP B O   1 
ATOM   1107 C  CB  . ASP B 1 40 ? -21.575 11.180  1.731   1.00 37.12  ? 40  ASP B CB  1 
ATOM   1108 C  CG  . ASP B 1 40 ? -21.795 12.515  2.493   1.00 53.41  ? 40  ASP B CG  1 
ATOM   1109 O  OD1 . ASP B 1 40 ? -21.729 12.539  3.746   1.00 46.50  ? 40  ASP B OD1 1 
ATOM   1110 O  OD2 . ASP B 1 40 ? -22.047 13.549  1.831   1.00 56.60  ? 40  ASP B OD2 1 
ATOM   1111 N  N   . VAL B 1 41 ? -19.486 9.190   0.219   1.00 25.05  ? 41  VAL B N   1 
ATOM   1112 C  CA  . VAL B 1 41 ? -19.307 7.979   -0.559  1.00 35.40  ? 41  VAL B CA  1 
ATOM   1113 C  C   . VAL B 1 41 ? -18.440 6.999   0.221   1.00 36.84  ? 41  VAL B C   1 
ATOM   1114 O  O   . VAL B 1 41 ? -18.793 5.830   0.348   1.00 44.82  ? 41  VAL B O   1 
ATOM   1115 C  CB  . VAL B 1 41 ? -18.635 8.255   -1.913  1.00 36.25  ? 41  VAL B CB  1 
ATOM   1116 C  CG1 . VAL B 1 41 ? -18.015 6.975   -2.458  1.00 37.83  ? 41  VAL B CG1 1 
ATOM   1117 C  CG2 . VAL B 1 41 ? -19.652 8.792   -2.884  1.00 42.58  ? 41  VAL B CG2 1 
ATOM   1118 N  N   . LEU B 1 42 ? -17.321 7.491   0.750   1.00 36.07  ? 42  LEU B N   1 
ATOM   1119 C  CA  . LEU B 1 42 ? -16.378 6.658   1.497   1.00 38.25  ? 42  LEU B CA  1 
ATOM   1120 C  C   . LEU B 1 42 ? -17.036 6.124   2.736   1.00 41.47  ? 42  LEU B C   1 
ATOM   1121 O  O   . LEU B 1 42 ? -16.691 5.057   3.248   1.00 45.44  ? 42  LEU B O   1 
ATOM   1122 C  CB  . LEU B 1 42 ? -15.147 7.469   1.925   1.00 28.76  ? 42  LEU B CB  1 
ATOM   1123 C  CG  . LEU B 1 42 ? -14.227 8.061   0.857   1.00 27.69  ? 42  LEU B CG  1 
ATOM   1124 C  CD1 . LEU B 1 42 ? -13.285 9.029   1.493   1.00 17.88  ? 42  LEU B CD1 1 
ATOM   1125 C  CD2 . LEU B 1 42 ? -13.456 6.968   0.194   1.00 31.80  ? 42  LEU B CD2 1 
HETATM 1126 N  N   . MSE B 1 43 ? -18.002 6.887   3.206   1.00 42.64  ? 43  MSE B N   1 
HETATM 1127 C  CA  . MSE B 1 43 ? -18.708 6.573   4.429   1.00 51.36  ? 43  MSE B CA  1 
HETATM 1128 C  C   . MSE B 1 43 ? -19.898 5.611   4.290   1.00 56.88  ? 43  MSE B C   1 
HETATM 1129 O  O   . MSE B 1 43 ? -20.380 5.089   5.297   1.00 52.70  ? 43  MSE B O   1 
HETATM 1130 C  CB  . MSE B 1 43 ? -19.171 7.900   5.047   1.00 50.47  ? 43  MSE B CB  1 
HETATM 1131 C  CG  . MSE B 1 43 ? -18.895 8.092   6.530   1.00 52.57  ? 43  MSE B CG  1 
HETATM 1132 SE SE  . MSE B 1 43 ? -17.104 7.627   7.049   1.00 67.87  ? 43  MSE B SE  1 
HETATM 1133 C  CE  . MSE B 1 43 ? -17.489 5.841   7.738   1.00 73.14  ? 43  MSE B CE  1 
ATOM   1134 N  N   . ASN B 1 44 ? -20.351 5.330   3.069   1.00 58.62  ? 44  ASN B N   1 
ATOM   1135 C  CA  . ASN B 1 44 ? -21.551 4.499   2.946   1.00 63.14  ? 44  ASN B CA  1 
ATOM   1136 C  C   . ASN B 1 44 ? -21.619 3.253   2.087   1.00 63.33  ? 44  ASN B C   1 
ATOM   1137 O  O   . ASN B 1 44 ? -22.646 3.010   1.440   1.00 64.73  ? 44  ASN B O   1 
ATOM   1138 C  CB  . ASN B 1 44 ? -22.740 5.404   2.587   1.00 65.00  ? 44  ASN B CB  1 
ATOM   1139 C  CG  . ASN B 1 44 ? -23.097 6.366   3.718   1.00 66.24  ? 44  ASN B CG  1 
ATOM   1140 O  OD1 . ASN B 1 44 ? -23.575 5.946   4.777   1.00 66.64  ? 44  ASN B OD1 1 
ATOM   1141 N  ND2 . ASN B 1 44 ? -22.853 7.657   3.503   1.00 56.21  ? 44  ASN B ND2 1 
ATOM   1142 N  N   . ASP B 1 45 ? -20.545 2.467   2.091   1.00 61.55  ? 45  ASP B N   1 
ATOM   1143 C  CA  . ASP B 1 45 ? -20.485 1.195   1.362   1.00 59.85  ? 45  ASP B CA  1 
ATOM   1144 C  C   . ASP B 1 45 ? -20.991 1.179   -0.063  1.00 51.85  ? 45  ASP B C   1 
ATOM   1145 O  O   . ASP B 1 45 ? -21.687 0.256   -0.450  1.00 51.76  ? 45  ASP B O   1 
ATOM   1146 C  CB  . ASP B 1 45 ? -21.264 0.129   2.125   1.00 71.27  ? 45  ASP B CB  1 
ATOM   1147 C  CG  . ASP B 1 45 ? -21.096 0.253   3.619   1.00 84.40  ? 45  ASP B CG  1 
ATOM   1148 O  OD1 . ASP B 1 45 ? -19.982 -0.032  4.119   1.00 88.05  ? 45  ASP B OD1 1 
ATOM   1149 O  OD2 . ASP B 1 45 ? -22.078 0.649   4.289   1.00 86.64  ? 45  ASP B OD2 1 
ATOM   1150 N  N   . VAL B 1 46 ? -20.647 2.184   -0.849  1.00 51.61  ? 46  VAL B N   1 
ATOM   1151 C  CA  . VAL B 1 46 ? -21.079 2.217   -2.235  1.00 55.63  ? 46  VAL B CA  1 
ATOM   1152 C  C   . VAL B 1 46 ? -19.865 1.750   -2.997  1.00 47.89  ? 46  VAL B C   1 
ATOM   1153 O  O   . VAL B 1 46 ? -19.939 1.378   -4.164  1.00 48.88  ? 46  VAL B O   1 
ATOM   1154 C  CB  . VAL B 1 46 ? -21.436 3.651   -2.686  1.00 62.06  ? 46  VAL B CB  1 
ATOM   1155 C  CG1 . VAL B 1 46 ? -22.278 3.606   -3.957  1.00 56.46  ? 46  VAL B CG1 1 
ATOM   1156 C  CG2 . VAL B 1 46 ? -22.173 4.371   -1.562  1.00 66.60  ? 46  VAL B CG2 1 
ATOM   1157 N  N   . LEU B 1 47 ? -18.733 1.787   -2.308  1.00 47.86  ? 47  LEU B N   1 
ATOM   1158 C  CA  . LEU B 1 47 ? -17.474 1.360   -2.894  1.00 49.86  ? 47  LEU B CA  1 
ATOM   1159 C  C   . LEU B 1 47 ? -17.219 -0.121  -2.612  1.00 45.05  ? 47  LEU B C   1 
ATOM   1160 O  O   . LEU B 1 47 ? -17.579 -0.641  -1.551  1.00 46.43  ? 47  LEU B O   1 
ATOM   1161 C  CB  . LEU B 1 47 ? -16.311 2.204   -2.348  1.00 39.38  ? 47  LEU B CB  1 
ATOM   1162 C  CG  . LEU B 1 47 ? -16.431 3.707   -2.598  1.00 38.13  ? 47  LEU B CG  1 
ATOM   1163 C  CD1 . LEU B 1 47 ? -15.111 4.366   -2.286  1.00 27.47  ? 47  LEU B CD1 1 
ATOM   1164 C  CD2 . LEU B 1 47 ? -16.825 3.970   -4.049  1.00 26.14  ? 47  LEU B CD2 1 
ATOM   1165 N  N   . PRO B 1 48 ? -16.594 -0.816  -3.570  1.00 45.83  ? 48  PRO B N   1 
ATOM   1166 C  CA  . PRO B 1 48 ? -16.252 -2.240  -3.500  1.00 43.55  ? 48  PRO B CA  1 
ATOM   1167 C  C   . PRO B 1 48 ? -15.267 -2.548  -2.375  1.00 47.36  ? 48  PRO B C   1 
ATOM   1168 O  O   . PRO B 1 48 ? -14.218 -3.124  -2.618  1.00 50.87  ? 48  PRO B O   1 
ATOM   1169 C  CB  . PRO B 1 48 ? -15.621 -2.526  -4.864  1.00 51.94  ? 48  PRO B CB  1 
ATOM   1170 C  CG  . PRO B 1 48 ? -16.118 -1.422  -5.752  1.00 55.80  ? 48  PRO B CG  1 
ATOM   1171 C  CD  . PRO B 1 48 ? -16.123 -0.227  -4.835  1.00 47.62  ? 48  PRO B CD  1 
ATOM   1172 N  N   . LEU B 1 49 ? -15.591 -2.143  -1.156  1.00 42.94  ? 49  LEU B N   1 
ATOM   1173 C  CA  . LEU B 1 49 ? -14.728 -2.415  -0.024  1.00 44.86  ? 49  LEU B CA  1 
ATOM   1174 C  C   . LEU B 1 49 ? -14.632 -3.932  0.158   1.00 55.43  ? 49  LEU B C   1 
ATOM   1175 O  O   . LEU B 1 49 ? -15.587 -4.653  -0.159  1.00 56.49  ? 49  LEU B O   1 
ATOM   1176 C  CB  . LEU B 1 49 ? -15.319 -1.783  1.233   1.00 39.10  ? 49  LEU B CB  1 
ATOM   1177 C  CG  . LEU B 1 49 ? -15.327 -0.259  1.278   1.00 42.64  ? 49  LEU B CG  1 
ATOM   1178 C  CD1 . LEU B 1 49 ? -16.009 0.202   2.556   1.00 44.21  ? 49  LEU B CD1 1 
ATOM   1179 C  CD2 . LEU B 1 49 ? -13.910 0.250   1.231   1.00 47.58  ? 49  LEU B CD2 1 
ATOM   1180 N  N   . PRO B 1 50 ? -13.477 -4.450  0.642   1.00 59.29  ? 50  PRO B N   1 
ATOM   1181 C  CA  . PRO B 1 50 ? -12.214 -3.806  1.052   1.00 53.49  ? 50  PRO B CA  1 
ATOM   1182 C  C   . PRO B 1 50 ? -11.379 -3.377  -0.148  1.00 45.62  ? 50  PRO B C   1 
ATOM   1183 O  O   . PRO B 1 50 ? -11.276 -4.113  -1.133  1.00 35.64  ? 50  PRO B O   1 
ATOM   1184 C  CB  . PRO B 1 50 ? -11.507 -4.902  1.848   1.00 57.09  ? 50  PRO B CB  1 
ATOM   1185 C  CG  . PRO B 1 50 ? -12.657 -5.724  2.391   1.00 60.22  ? 50  PRO B CG  1 
ATOM   1186 C  CD  . PRO B 1 50 ? -13.524 -5.828  1.165   1.00 56.11  ? 50  PRO B CD  1 
ATOM   1187 N  N   . LEU B 1 51 ? -10.787 -2.186  -0.074  1.00 42.20  ? 51  LEU B N   1 
ATOM   1188 C  CA  . LEU B 1 51 ? -9.975  -1.721  -1.183  1.00 36.46  ? 51  LEU B CA  1 
ATOM   1189 C  C   . LEU B 1 51 ? -8.855  -0.818  -0.722  1.00 30.07  ? 51  LEU B C   1 
ATOM   1190 O  O   . LEU B 1 51 ? -8.782  -0.442  0.429   1.00 29.33  ? 51  LEU B O   1 
ATOM   1191 C  CB  . LEU B 1 51 ? -10.842 -1.018  -2.255  1.00 42.90  ? 51  LEU B CB  1 
ATOM   1192 C  CG  . LEU B 1 51 ? -11.397 0.416   -2.179  1.00 42.24  ? 51  LEU B CG  1 
ATOM   1193 C  CD1 . LEU B 1 51 ? -12.902 0.349   -2.170  1.00 34.53  ? 51  LEU B CD1 1 
ATOM   1194 C  CD2 . LEU B 1 51 ? -10.888 1.158   -0.969  1.00 37.48  ? 51  LEU B CD2 1 
ATOM   1195 N  N   . GLU B 1 52 ? -7.973  -0.471  -1.641  1.00 30.83  ? 52  GLU B N   1 
ATOM   1196 C  CA  . GLU B 1 52 ? -6.867  0.374   -1.296  1.00 28.90  ? 52  GLU B CA  1 
ATOM   1197 C  C   . GLU B 1 52 ? -6.723  1.471   -2.328  1.00 33.65  ? 52  GLU B C   1 
ATOM   1198 O  O   . GLU B 1 52 ? -6.823  1.217   -3.542  1.00 34.22  ? 52  GLU B O   1 
ATOM   1199 C  CB  . GLU B 1 52 ? -5.574  -0.440  -1.228  1.00 31.67  ? 52  GLU B CB  1 
ATOM   1200 C  CG  . GLU B 1 52 ? -4.351  0.462   -1.155  1.00 41.29  ? 52  GLU B CG  1 
ATOM   1201 C  CD  . GLU B 1 52 ? -3.028  -0.277  -1.061  1.00 46.77  ? 52  GLU B CD  1 
ATOM   1202 O  OE1 . GLU B 1 52 ? -2.834  -1.040  -0.096  1.00 48.84  ? 52  GLU B OE1 1 
ATOM   1203 O  OE2 . GLU B 1 52 ? -2.178  -0.072  -1.948  1.00 48.10  ? 52  GLU B OE2 1 
ATOM   1204 N  N   . ILE B 1 53 ? -6.505  2.691   -1.836  1.00 31.32  ? 53  ILE B N   1 
ATOM   1205 C  CA  . ILE B 1 53 ? -6.312  3.864   -2.681  1.00 24.79  ? 53  ILE B CA  1 
ATOM   1206 C  C   . ILE B 1 53 ? -4.822  4.201   -2.632  1.00 29.44  ? 53  ILE B C   1 
ATOM   1207 O  O   . ILE B 1 53 ? -4.287  4.443   -1.561  1.00 23.33  ? 53  ILE B O   1 
ATOM   1208 C  CB  . ILE B 1 53 ? -7.049  5.098   -2.124  1.00 27.63  ? 53  ILE B CB  1 
ATOM   1209 C  CG1 . ILE B 1 53 ? -8.543  4.801   -1.927  1.00 34.24  ? 53  ILE B CG1 1 
ATOM   1210 C  CG2 . ILE B 1 53 ? -6.806  6.281   -3.017  1.00 26.18  ? 53  ILE B CG2 1 
ATOM   1211 C  CD1 . ILE B 1 53 ? -9.318  4.587   -3.193  1.00 35.84  ? 53  ILE B CD1 1 
ATOM   1212 N  N   . GLU B 1 54 ? -4.169  4.231   -3.789  1.00 27.37  ? 54  GLU B N   1 
ATOM   1213 C  CA  . GLU B 1 54 ? -2.744  4.558   -3.898  1.00 27.79  ? 54  GLU B CA  1 
ATOM   1214 C  C   . GLU B 1 54 ? -2.584  5.880   -4.630  1.00 30.84  ? 54  GLU B C   1 
ATOM   1215 O  O   . GLU B 1 54 ? -3.156  6.056   -5.701  1.00 36.50  ? 54  GLU B O   1 
ATOM   1216 C  CB  . GLU B 1 54 ? -2.004  3.506   -4.741  1.00 35.08  ? 54  GLU B CB  1 
ATOM   1217 C  CG  . GLU B 1 54 ? -1.303  2.378   -4.006  1.00 37.19  ? 54  GLU B CG  1 
ATOM   1218 C  CD  . GLU B 1 54 ? -0.623  1.386   -4.982  1.00 59.00  ? 54  GLU B CD  1 
ATOM   1219 O  OE1 . GLU B 1 54 ? -0.586  1.659   -6.213  1.00 42.83  ? 54  GLU B OE1 1 
ATOM   1220 O  OE2 . GLU B 1 54 ? -0.128  0.329   -4.512  1.00 60.26  ? 54  GLU B OE2 1 
ATOM   1221 N  N   . PHE B 1 55 ? -1.817  6.802   -4.065  1.00 31.14  ? 55  PHE B N   1 
ATOM   1222 C  CA  . PHE B 1 55 ? -1.542  8.078   -4.728  1.00 28.48  ? 55  PHE B CA  1 
ATOM   1223 C  C   . PHE B 1 55 ? -0.072  7.988   -5.180  1.00 32.96  ? 55  PHE B C   1 
ATOM   1224 O  O   . PHE B 1 55 ? 0.801   7.707   -4.345  1.00 30.06  ? 55  PHE B O   1 
ATOM   1225 C  CB  . PHE B 1 55 ? -1.686  9.253   -3.745  1.00 29.01  ? 55  PHE B CB  1 
ATOM   1226 C  CG  . PHE B 1 55 ? -3.111  9.735   -3.533  1.00 28.85  ? 55  PHE B CG  1 
ATOM   1227 C  CD1 . PHE B 1 55 ? -3.353  10.911  -2.818  1.00 36.31  ? 55  PHE B CD1 1 
ATOM   1228 C  CD2 . PHE B 1 55 ? -4.194  9.024   -4.017  1.00 22.77  ? 55  PHE B CD2 1 
ATOM   1229 C  CE1 . PHE B 1 55 ? -4.657  11.376  -2.590  1.00 25.55  ? 55  PHE B CE1 1 
ATOM   1230 C  CE2 . PHE B 1 55 ? -5.501  9.478   -3.794  1.00 30.05  ? 55  PHE B CE2 1 
ATOM   1231 C  CZ  . PHE B 1 55 ? -5.724  10.653  -3.081  1.00 35.68  ? 55  PHE B CZ  1 
ATOM   1232 N  N   . VAL B 1 56 ? 0.225   8.212   -6.463  1.00 29.94  ? 56  VAL B N   1 
ATOM   1233 C  CA  . VAL B 1 56 ? 1.623   8.105   -6.920  1.00 34.03  ? 56  VAL B CA  1 
ATOM   1234 C  C   . VAL B 1 56 ? 2.151   9.350   -7.639  1.00 33.53  ? 56  VAL B C   1 
ATOM   1235 O  O   . VAL B 1 56 ? 1.374   10.146  -8.167  1.00 34.79  ? 56  VAL B O   1 
ATOM   1236 C  CB  . VAL B 1 56 ? 1.838   6.841   -7.856  1.00 35.07  ? 56  VAL B CB  1 
ATOM   1237 C  CG1 . VAL B 1 56 ? 1.314   5.582   -7.177  1.00 24.82  ? 56  VAL B CG1 1 
ATOM   1238 C  CG2 . VAL B 1 56 ? 1.131   7.020   -9.175  1.00 31.15  ? 56  VAL B CG2 1 
ATOM   1239 N  N   . HIS B 1 57 ? 3.472   9.514   -7.640  1.00 33.70  ? 57  HIS B N   1 
ATOM   1240 C  CA  . HIS B 1 57 ? 4.140   10.657  -8.294  1.00 43.32  ? 57  HIS B CA  1 
ATOM   1241 C  C   . HIS B 1 57 ? 3.625   11.976  -7.749  1.00 46.36  ? 57  HIS B C   1 
ATOM   1242 O  O   . HIS B 1 57 ? 3.280   12.915  -8.490  1.00 49.28  ? 57  HIS B O   1 
ATOM   1243 C  CB  . HIS B 1 57 ? 3.953   10.614  -9.817  1.00 41.28  ? 57  HIS B CB  1 
ATOM   1244 C  CG  . HIS B 1 57 ? 4.321   9.300   -10.420 1.00 44.57  ? 57  HIS B CG  1 
ATOM   1245 N  ND1 . HIS B 1 57 ? 3.505   8.638   -11.309 1.00 50.13  ? 57  HIS B ND1 1 
ATOM   1246 C  CD2 . HIS B 1 57 ? 5.355   8.462   -10.160 1.00 35.68  ? 57  HIS B CD2 1 
ATOM   1247 C  CE1 . HIS B 1 57 ? 4.009   7.443   -11.561 1.00 50.45  ? 57  HIS B CE1 1 
ATOM   1248 N  NE2 . HIS B 1 57 ? 5.131   7.310   -10.875 1.00 53.11  ? 57  HIS B NE2 1 
ATOM   1249 N  N   . LEU B 1 58 ? 3.624   12.030  -6.426  1.00 44.09  ? 58  LEU B N   1 
ATOM   1250 C  CA  . LEU B 1 58 ? 3.151   13.171  -5.687  1.00 49.17  ? 58  LEU B CA  1 
ATOM   1251 C  C   . LEU B 1 58 ? 4.339   13.822  -4.989  1.00 49.69  ? 58  LEU B C   1 
ATOM   1252 O  O   . LEU B 1 58 ? 4.946   13.229  -4.110  1.00 53.41  ? 58  LEU B O   1 
ATOM   1253 C  CB  . LEU B 1 58 ? 2.116   12.675  -4.672  1.00 47.20  ? 58  LEU B CB  1 
ATOM   1254 C  CG  . LEU B 1 58 ? 1.136   13.652  -4.052  1.00 47.46  ? 58  LEU B CG  1 
ATOM   1255 C  CD1 . LEU B 1 58 ? 0.390   14.378  -5.151  1.00 45.31  ? 58  LEU B CD1 1 
ATOM   1256 C  CD2 . LEU B 1 58 ? 0.179   12.905  -3.137  1.00 36.35  ? 58  LEU B CD2 1 
ATOM   1257 N  N   . GLY B 1 59 ? 4.680   15.040  -5.395  1.00 53.01  ? 59  GLY B N   1 
ATOM   1258 C  CA  . GLY B 1 59 ? 5.792   15.737  -4.771  1.00 47.63  ? 59  GLY B CA  1 
ATOM   1259 C  C   . GLY B 1 59 ? 5.380   16.730  -3.689  1.00 54.71  ? 59  GLY B C   1 
ATOM   1260 O  O   . GLY B 1 59 ? 4.197   17.040  -3.508  1.00 53.94  ? 59  GLY B O   1 
ATOM   1261 N  N   . GLU B 1 60 ? 6.376   17.225  -2.964  1.00 50.60  ? 60  GLU B N   1 
ATOM   1262 C  CA  . GLU B 1 60 ? 6.176   18.187  -1.893  1.00 50.64  ? 60  GLU B CA  1 
ATOM   1263 C  C   . GLU B 1 60 ? 5.133   19.268  -2.191  1.00 48.58  ? 60  GLU B C   1 
ATOM   1264 O  O   . GLU B 1 60 ? 4.174   19.444  -1.445  1.00 54.28  ? 60  GLU B O   1 
ATOM   1265 C  CB  . GLU B 1 60 ? 7.517   18.844  -1.571  1.00 60.70  ? 60  GLU B CB  1 
ATOM   1266 C  CG  . GLU B 1 60 ? 7.494   19.793  -0.384  1.00 85.34  ? 60  GLU B CG  1 
ATOM   1267 C  CD  . GLU B 1 60 ? 8.656   20.783  -0.412  1.00 95.84  ? 60  GLU B CD  1 
ATOM   1268 O  OE1 . GLU B 1 60 ? 8.684   21.640  -1.331  1.00 94.03  ? 60  GLU B OE1 1 
ATOM   1269 O  OE2 . GLU B 1 60 ? 9.538   20.700  0.477   1.00 95.66  ? 60  GLU B OE2 1 
ATOM   1270 N  N   . LYS B 1 61 ? 5.305   20.007  -3.274  1.00 47.10  ? 61  LYS B N   1 
ATOM   1271 C  CA  . LYS B 1 61 ? 4.344   21.058  -3.572  1.00 47.05  ? 61  LYS B CA  1 
ATOM   1272 C  C   . LYS B 1 61 ? 2.909   20.535  -3.774  1.00 44.34  ? 61  LYS B C   1 
ATOM   1273 O  O   . LYS B 1 61 ? 1.965   21.043  -3.162  1.00 52.37  ? 61  LYS B O   1 
ATOM   1274 C  CB  . LYS B 1 61 ? 4.792   21.864  -4.804  1.00 41.82  ? 61  LYS B CB  1 
ATOM   1275 C  CG  . LYS B 1 61 ? 6.159   22.569  -4.676  1.00 60.94  ? 61  LYS B CG  1 
ATOM   1276 C  CD  . LYS B 1 61 ? 6.111   23.839  -3.811  1.00 66.78  ? 61  LYS B CD  1 
ATOM   1277 C  CE  . LYS B 1 61 ? 7.452   24.591  -3.799  1.00 68.55  ? 61  LYS B CE  1 
ATOM   1278 N  NZ  . LYS B 1 61 ? 7.514   25.704  -2.768  1.00 64.61  ? 61  LYS B NZ  1 
ATOM   1279 N  N   . THR B 1 62 ? 2.743   19.523  -4.620  1.00 41.32  ? 62  THR B N   1 
ATOM   1280 C  CA  . THR B 1 62 ? 1.422   18.972  -4.915  1.00 38.62  ? 62  THR B CA  1 
ATOM   1281 C  C   . THR B 1 62 ? 0.823   18.254  -3.701  1.00 36.96  ? 62  THR B C   1 
ATOM   1282 O  O   . THR B 1 62 ? -0.372  18.370  -3.415  1.00 36.70  ? 62  THR B O   1 
ATOM   1283 C  CB  . THR B 1 62 ? 1.495   18.032  -6.158  1.00 49.34  ? 62  THR B CB  1 
ATOM   1284 O  OG1 . THR B 1 62 ? 2.385   16.942  -5.900  1.00 46.86  ? 62  THR B OG1 1 
ATOM   1285 C  CG2 . THR B 1 62 ? 2.042   18.804  -7.366  1.00 39.01  ? 62  THR B CG2 1 
ATOM   1286 N  N   . ARG B 1 63 ? 1.664   17.530  -2.980  1.00 32.34  ? 63  ARG B N   1 
ATOM   1287 C  CA  . ARG B 1 63 ? 1.245   16.846  -1.764  1.00 40.04  ? 63  ARG B CA  1 
ATOM   1288 C  C   . ARG B 1 63 ? 0.602   17.904  -0.862  1.00 43.92  ? 63  ARG B C   1 
ATOM   1289 O  O   . ARG B 1 63 ? -0.447  17.692  -0.252  1.00 37.08  ? 63  ARG B O   1 
ATOM   1290 C  CB  . ARG B 1 63 ? 2.474   16.281  -1.066  1.00 42.76  ? 63  ARG B CB  1 
ATOM   1291 C  CG  . ARG B 1 63 ? 2.447   14.811  -0.827  1.00 56.55  ? 63  ARG B CG  1 
ATOM   1292 C  CD  . ARG B 1 63 ? 1.976   14.556  0.571   1.00 65.57  ? 63  ARG B CD  1 
ATOM   1293 N  NE  . ARG B 1 63 ? 2.995   14.947  1.532   1.00 73.05  ? 63  ARG B NE  1 
ATOM   1294 C  CZ  . ARG B 1 63 ? 2.826   14.941  2.850   1.00 74.29  ? 63  ARG B CZ  1 
ATOM   1295 N  NH1 . ARG B 1 63 ? 1.666   14.563  3.378   1.00 57.27  ? 63  ARG B NH1 1 
ATOM   1296 N  NH2 . ARG B 1 63 ? 3.829   15.302  3.640   1.00 79.45  ? 63  ARG B NH2 1 
ATOM   1297 N  N   . ARG B 1 64 ? 1.248   19.060  -0.806  1.00 37.32  ? 64  ARG B N   1 
ATOM   1298 C  CA  . ARG B 1 64 ? 0.784   20.157  0.015   1.00 36.81  ? 64  ARG B CA  1 
ATOM   1299 C  C   . ARG B 1 64 ? -0.528  20.695  -0.547  1.00 38.58  ? 64  ARG B C   1 
ATOM   1300 O  O   . ARG B 1 64 ? -1.463  20.994  0.202   1.00 29.83  ? 64  ARG B O   1 
ATOM   1301 C  CB  . ARG B 1 64 ? 1.846   21.269  0.024   1.00 43.69  ? 64  ARG B CB  1 
ATOM   1302 C  CG  . ARG B 1 64 ? 1.623   22.404  1.014   1.00 39.34  ? 64  ARG B CG  1 
ATOM   1303 C  CD  . ARG B 1 64 ? 2.511   23.642  0.745   1.00 35.61  ? 64  ARG B CD  1 
ATOM   1304 N  NE  . ARG B 1 64 ? 3.956   23.396  0.567   1.00 36.10  ? 64  ARG B NE  1 
ATOM   1305 C  CZ  . ARG B 1 64 ? 4.694   22.603  1.343   1.00 37.97  ? 64  ARG B CZ  1 
ATOM   1306 N  NH1 . ARG B 1 64 ? 4.139   21.946  2.364   1.00 59.15  ? 64  ARG B NH1 1 
ATOM   1307 N  NH2 . ARG B 1 64 ? 5.995   22.478  1.122   1.00 37.41  ? 64  ARG B NH2 1 
ATOM   1308 N  N   . ARG B 1 65 ? -0.608  20.811  -1.867  1.00 27.34  ? 65  ARG B N   1 
ATOM   1309 C  CA  . ARG B 1 65 ? -1.817  21.360  -2.445  1.00 30.14  ? 65  ARG B CA  1 
ATOM   1310 C  C   . ARG B 1 65 ? -3.018  20.471  -2.246  1.00 33.23  ? 65  ARG B C   1 
ATOM   1311 O  O   . ARG B 1 65 ? -4.128  20.967  -2.132  1.00 35.72  ? 65  ARG B O   1 
ATOM   1312 C  CB  . ARG B 1 65 ? -1.653  21.625  -3.933  1.00 39.14  ? 65  ARG B CB  1 
ATOM   1313 C  CG  . ARG B 1 65 ? -2.631  22.661  -4.451  1.00 44.16  ? 65  ARG B CG  1 
ATOM   1314 C  CD  . ARG B 1 65 ? -2.820  22.519  -5.933  1.00 57.81  ? 65  ARG B CD  1 
ATOM   1315 N  NE  . ARG B 1 65 ? -1.659  21.914  -6.577  1.00 54.99  ? 65  ARG B NE  1 
ATOM   1316 C  CZ  . ARG B 1 65 ? -1.645  21.510  -7.847  1.00 70.75  ? 65  ARG B CZ  1 
ATOM   1317 N  NH1 . ARG B 1 65 ? -2.725  21.656  -8.600  1.00 62.52  ? 65  ARG B NH1 1 
ATOM   1318 N  NH2 . ARG B 1 65 ? -0.560  20.940  -8.366  1.00 75.87  ? 65  ARG B NH2 1 
ATOM   1319 N  N   . PHE B 1 66 ? -2.786  19.160  -2.205  1.00 38.90  ? 66  PHE B N   1 
ATOM   1320 C  CA  . PHE B 1 66 ? -3.862  18.177  -2.037  1.00 39.23  ? 66  PHE B CA  1 
ATOM   1321 C  C   . PHE B 1 66 ? -3.992  17.731  -0.590  1.00 34.55  ? 66  PHE B C   1 
ATOM   1322 O  O   . PHE B 1 66 ? -4.494  16.649  -0.292  1.00 39.75  ? 66  PHE B O   1 
ATOM   1323 C  CB  . PHE B 1 66 ? -3.624  16.957  -2.957  1.00 27.79  ? 66  PHE B CB  1 
ATOM   1324 C  CG  . PHE B 1 66 ? -3.838  17.261  -4.435  1.00 33.50  ? 66  PHE B CG  1 
ATOM   1325 C  CD1 . PHE B 1 66 ? -2.774  17.604  -5.255  1.00 27.68  ? 66  PHE B CD1 1 
ATOM   1326 C  CD2 . PHE B 1 66 ? -5.125  17.236  -4.991  1.00 30.91  ? 66  PHE B CD2 1 
ATOM   1327 C  CE1 . PHE B 1 66 ? -2.980  17.925  -6.622  1.00 35.28  ? 66  PHE B CE1 1 
ATOM   1328 C  CE2 . PHE B 1 66 ? -5.344  17.553  -6.337  1.00 33.84  ? 66  PHE B CE2 1 
ATOM   1329 C  CZ  . PHE B 1 66 ? -4.267  17.899  -7.154  1.00 41.01  ? 66  PHE B CZ  1 
ATOM   1330 N  N   . GLY B 1 67 ? -3.564  18.595  0.313   1.00 29.88  ? 67  GLY B N   1 
ATOM   1331 C  CA  . GLY B 1 67 ? -3.626  18.249  1.712   1.00 26.67  ? 67  GLY B CA  1 
ATOM   1332 C  C   . GLY B 1 67 ? -5.017  17.933  2.197   1.00 26.71  ? 67  GLY B C   1 
ATOM   1333 O  O   . GLY B 1 67 ? -5.163  17.108  3.070   1.00 28.35  ? 67  GLY B O   1 
ATOM   1334 N  N   . ALA B 1 68 ? -6.038  18.593  1.660   1.00 27.03  ? 68  ALA B N   1 
ATOM   1335 C  CA  . ALA B 1 68 ? -7.404  18.302  2.103   1.00 26.64  ? 68  ALA B CA  1 
ATOM   1336 C  C   . ALA B 1 68 ? -7.747  16.849  1.753   1.00 29.97  ? 68  ALA B C   1 
ATOM   1337 O  O   . ALA B 1 68 ? -8.270  16.110  2.576   1.00 37.05  ? 68  ALA B O   1 
ATOM   1338 C  CB  . ALA B 1 68 ? -8.412  19.261  1.446   1.00 25.04  ? 68  ALA B CB  1 
ATOM   1339 N  N   . LEU B 1 69 ? -7.439  16.429  0.535   1.00 31.42  ? 69  LEU B N   1 
ATOM   1340 C  CA  . LEU B 1 69 ? -7.730  15.050  0.145   1.00 32.03  ? 69  LEU B CA  1 
ATOM   1341 C  C   . LEU B 1 69 ? -6.900  14.059  0.939   1.00 29.48  ? 69  LEU B C   1 
ATOM   1342 O  O   . LEU B 1 69 ? -7.385  13.000  1.316   1.00 37.19  ? 69  LEU B O   1 
ATOM   1343 C  CB  . LEU B 1 69 ? -7.453  14.827  -1.331  1.00 29.89  ? 69  LEU B CB  1 
ATOM   1344 C  CG  . LEU B 1 69 ? -8.449  15.270  -2.393  1.00 38.96  ? 69  LEU B CG  1 
ATOM   1345 C  CD1 . LEU B 1 69 ? -7.943  14.743  -3.739  1.00 42.08  ? 69  LEU B CD1 1 
ATOM   1346 C  CD2 . LEU B 1 69 ? -9.841  14.719  -2.097  1.00 41.22  ? 69  LEU B CD2 1 
ATOM   1347 N  N   . ILE B 1 70 ? -5.640  14.389  1.184   1.00 30.69  ? 70  ILE B N   1 
ATOM   1348 C  CA  . ILE B 1 70 ? -4.808  13.485  1.941   1.00 27.90  ? 70  ILE B CA  1 
ATOM   1349 C  C   . ILE B 1 70 ? -5.363  13.289  3.341   1.00 27.58  ? 70  ILE B C   1 
ATOM   1350 O  O   . ILE B 1 70 ? -5.470  12.167  3.813   1.00 31.91  ? 70  ILE B O   1 
ATOM   1351 C  CB  . ILE B 1 70 ? -3.373  13.986  1.997   1.00 38.30  ? 70  ILE B CB  1 
ATOM   1352 C  CG1 . ILE B 1 70 ? -2.730  13.765  0.624   1.00 27.41  ? 70  ILE B CG1 1 
ATOM   1353 C  CG2 . ILE B 1 70 ? -2.579  13.235  3.080   1.00 28.93  ? 70  ILE B CG2 1 
ATOM   1354 C  CD1 . ILE B 1 70 ? -1.355  14.323  0.526   1.00 43.89  ? 70  ILE B CD1 1 
ATOM   1355 N  N   . LEU B 1 71 ? -5.737  14.375  4.000   1.00 29.44  ? 71  LEU B N   1 
ATOM   1356 C  CA  . LEU B 1 71 ? -6.303  14.274  5.343   1.00 25.37  ? 71  LEU B CA  1 
ATOM   1357 C  C   . LEU B 1 71 ? -7.609  13.468  5.349   1.00 24.98  ? 71  LEU B C   1 
ATOM   1358 O  O   . LEU B 1 71 ? -7.841  12.643  6.231   1.00 32.49  ? 71  LEU B O   1 
ATOM   1359 C  CB  . LEU B 1 71 ? -6.593  15.667  5.897   1.00 29.98  ? 71  LEU B CB  1 
ATOM   1360 C  CG  . LEU B 1 71 ? -6.755  15.787  7.409   1.00 40.07  ? 71  LEU B CG  1 
ATOM   1361 C  CD1 . LEU B 1 71 ? -5.356  15.693  8.031   1.00 37.17  ? 71  LEU B CD1 1 
ATOM   1362 C  CD2 . LEU B 1 71 ? -7.414  17.109  7.777   1.00 32.50  ? 71  LEU B CD2 1 
ATOM   1363 N  N   . LEU B 1 72 ? -8.469  13.719  4.366   1.00 29.94  ? 72  LEU B N   1 
ATOM   1364 C  CA  . LEU B 1 72 ? -9.754  13.040  4.292   1.00 29.78  ? 72  LEU B CA  1 
ATOM   1365 C  C   . LEU B 1 72 ? -9.629  11.522  4.131   1.00 25.04  ? 72  LEU B C   1 
ATOM   1366 O  O   . LEU B 1 72 ? -10.357 10.778  4.761   1.00 33.22  ? 72  LEU B O   1 
ATOM   1367 C  CB  . LEU B 1 72 ? -10.615 13.656  3.172   1.00 30.37  ? 72  LEU B CB  1 
ATOM   1368 C  CG  . LEU B 1 72 ? -11.896 12.870  2.840   1.00 36.31  ? 72  LEU B CG  1 
ATOM   1369 C  CD1 . LEU B 1 72 ? -12.985 13.768  2.279   1.00 30.67  ? 72  LEU B CD1 1 
ATOM   1370 C  CD2 . LEU B 1 72 ? -11.536 11.795  1.847   1.00 29.61  ? 72  LEU B CD2 1 
ATOM   1371 N  N   . PHE B 1 73 ? -8.719  11.066  3.283   1.00 25.75  ? 73  PHE B N   1 
ATOM   1372 C  CA  . PHE B 1 73 ? -8.537  9.647   3.126   1.00 29.21  ? 73  PHE B CA  1 
ATOM   1373 C  C   . PHE B 1 73 ? -7.838  9.043   4.343   1.00 34.43  ? 73  PHE B C   1 
ATOM   1374 O  O   . PHE B 1 73 ? -8.124  7.908   4.695   1.00 39.24  ? 73  PHE B O   1 
ATOM   1375 C  CB  . PHE B 1 73 ? -7.754  9.335   1.866   1.00 29.16  ? 73  PHE B CB  1 
ATOM   1376 C  CG  . PHE B 1 73 ? -8.601  9.303   0.619   1.00 37.62  ? 73  PHE B CG  1 
ATOM   1377 C  CD1 . PHE B 1 73 ? -8.593  10.367  -0.272  1.00 27.53  ? 73  PHE B CD1 1 
ATOM   1378 C  CD2 . PHE B 1 73 ? -9.401  8.199   0.334   1.00 27.90  ? 73  PHE B CD2 1 
ATOM   1379 C  CE1 . PHE B 1 73 ? -9.361  10.338  -1.431  1.00 26.76  ? 73  PHE B CE1 1 
ATOM   1380 C  CE2 . PHE B 1 73 ? -10.179 8.158   -0.823  1.00 36.17  ? 73  PHE B CE2 1 
ATOM   1381 C  CZ  . PHE B 1 73 ? -10.160 9.230   -1.707  1.00 23.91  ? 73  PHE B CZ  1 
ATOM   1382 N  N   . ASP B 1 74 ? -6.936  9.779   4.996   1.00 30.88  ? 74  ASP B N   1 
ATOM   1383 C  CA  . ASP B 1 74 ? -6.297  9.214   6.180   1.00 40.61  ? 74  ASP B CA  1 
ATOM   1384 C  C   . ASP B 1 74 ? -7.369  8.973   7.239   1.00 33.49  ? 74  ASP B C   1 
ATOM   1385 O  O   . ASP B 1 74 ? -7.379  7.928   7.894   1.00 31.94  ? 74  ASP B O   1 
ATOM   1386 C  CB  . ASP B 1 74 ? -5.198  10.133  6.754   1.00 41.88  ? 74  ASP B CB  1 
ATOM   1387 C  CG  . ASP B 1 74 ? -3.938  10.160  5.882   1.00 58.95  ? 74  ASP B CG  1 
ATOM   1388 O  OD1 . ASP B 1 74 ? -3.466  9.083   5.456   1.00 56.33  ? 74  ASP B OD1 1 
ATOM   1389 O  OD2 . ASP B 1 74 ? -3.408  11.262  5.623   1.00 55.59  ? 74  ASP B OD2 1 
ATOM   1390 N  N   . GLU B 1 75 ? -8.276  9.937   7.386   1.00 32.51  ? 75  GLU B N   1 
ATOM   1391 C  CA  . GLU B 1 75 ? -9.348  9.838   8.358   1.00 33.77  ? 75  GLU B CA  1 
ATOM   1392 C  C   . GLU B 1 75 ? -10.334 8.736   8.000   1.00 36.43  ? 75  GLU B C   1 
ATOM   1393 O  O   . GLU B 1 75 ? -10.866 8.088   8.882   1.00 40.01  ? 75  GLU B O   1 
ATOM   1394 C  CB  . GLU B 1 75 ? -10.034 11.185  8.494   1.00 37.88  ? 75  GLU B CB  1 
ATOM   1395 C  CG  . GLU B 1 75 ? -9.019  12.240  8.899   1.00 60.19  ? 75  GLU B CG  1 
ATOM   1396 C  CD  . GLU B 1 75 ? -9.600  13.631  9.058   1.00 65.33  ? 75  GLU B CD  1 
ATOM   1397 O  OE1 . GLU B 1 75 ? -10.210 14.146  8.089   1.00 78.14  ? 75  GLU B OE1 1 
ATOM   1398 O  OE2 . GLU B 1 75 ? -9.433  14.214  10.153  1.00 53.54  ? 75  GLU B OE2 1 
ATOM   1399 N  N   . ALA B 1 76 ? -10.550 8.492   6.713   1.00 37.66  ? 76  ALA B N   1 
ATOM   1400 C  CA  . ALA B 1 76 ? -11.459 7.424   6.292   1.00 35.10  ? 76  ALA B CA  1 
ATOM   1401 C  C   . ALA B 1 76 ? -10.828 6.045   6.539   1.00 39.42  ? 76  ALA B C   1 
ATOM   1402 O  O   . ALA B 1 76 ? -11.521 5.063   6.796   1.00 40.14  ? 76  ALA B O   1 
ATOM   1403 C  CB  . ALA B 1 76 ? -11.820 7.590   4.804   1.00 23.71  ? 76  ALA B CB  1 
ATOM   1404 N  N   . GLU B 1 77 ? -9.509  5.957   6.454   1.00 38.08  ? 77  GLU B N   1 
ATOM   1405 C  CA  . GLU B 1 77 ? -8.882  4.674   6.703   1.00 45.79  ? 77  GLU B CA  1 
ATOM   1406 C  C   . GLU B 1 77 ? -9.072  4.374   8.185   1.00 45.02  ? 77  GLU B C   1 
ATOM   1407 O  O   . GLU B 1 77 ? -9.255  3.223   8.580   1.00 49.60  ? 77  GLU B O   1 
ATOM   1408 C  CB  . GLU B 1 77 ? -7.385  4.697   6.332   1.00 38.01  ? 77  GLU B CB  1 
ATOM   1409 C  CG  . GLU B 1 77 ? -6.643  3.377   6.673   1.00 41.72  ? 77  GLU B CG  1 
ATOM   1410 C  CD  . GLU B 1 77 ? -5.275  3.259   6.004   1.00 37.64  ? 77  GLU B CD  1 
ATOM   1411 O  OE1 . GLU B 1 77 ? -4.642  4.294   5.748   1.00 57.53  ? 77  GLU B OE1 1 
ATOM   1412 O  OE2 . GLU B 1 77 ? -4.821  2.134   5.745   1.00 46.18  ? 77  GLU B OE2 1 
ATOM   1413 N  N   . GLU B 1 78 ? -9.053  5.429   8.992   1.00 44.41  ? 78  GLU B N   1 
ATOM   1414 C  CA  . GLU B 1 78 ? -9.218  5.324   10.435  1.00 50.17  ? 78  GLU B CA  1 
ATOM   1415 C  C   . GLU B 1 78 ? -10.647 4.979   10.871  1.00 49.71  ? 78  GLU B C   1 
ATOM   1416 O  O   . GLU B 1 78 ? -10.847 4.263   11.856  1.00 54.10  ? 78  GLU B O   1 
ATOM   1417 C  CB  . GLU B 1 78 ? -8.799  6.639   11.080  1.00 66.97  ? 78  GLU B CB  1 
ATOM   1418 C  CG  . GLU B 1 78 ? -8.924  6.682   12.602  1.00 80.17  ? 78  GLU B CG  1 
ATOM   1419 C  CD  . GLU B 1 78 ? -7.788  5.964   13.298  1.00 82.30  ? 78  GLU B CD  1 
ATOM   1420 O  OE1 . GLU B 1 78 ? -6.676  5.949   12.730  1.00 81.26  ? 78  GLU B OE1 1 
ATOM   1421 O  OE2 . GLU B 1 78 ? -8.002  5.436   14.413  1.00 84.80  ? 78  GLU B OE2 1 
ATOM   1422 N  N   . GLU B 1 79 ? -11.635 5.495   10.144  1.00 51.50  ? 79  GLU B N   1 
ATOM   1423 C  CA  . GLU B 1 79 ? -13.044 5.253   10.456  1.00 46.05  ? 79  GLU B CA  1 
ATOM   1424 C  C   . GLU B 1 79 ? -13.444 3.912   9.890   1.00 43.91  ? 79  GLU B C   1 
ATOM   1425 O  O   . GLU B 1 79 ? -14.296 3.233   10.449  1.00 51.26  ? 79  GLU B O   1 
ATOM   1426 C  CB  . GLU B 1 79 ? -13.954 6.316   9.814   1.00 42.86  ? 79  GLU B CB  1 
ATOM   1427 C  CG  . GLU B 1 79 ? -13.585 7.760   10.112  1.00 67.70  ? 79  GLU B CG  1 
ATOM   1428 C  CD  . GLU B 1 79 ? -14.194 8.279   11.393  1.00 72.93  ? 79  GLU B CD  1 
ATOM   1429 O  OE1 . GLU B 1 79 ? -14.196 7.526   12.392  1.00 87.23  ? 79  GLU B OE1 1 
ATOM   1430 O  OE2 . GLU B 1 79 ? -14.658 9.443   11.399  1.00 68.82  ? 79  GLU B OE2 1 
ATOM   1431 N  N   . LEU B 1 80 ? -12.844 3.543   8.766   1.00 41.01  ? 80  LEU B N   1 
ATOM   1432 C  CA  . LEU B 1 80 ? -13.181 2.289   8.112   1.00 44.49  ? 80  LEU B CA  1 
ATOM   1433 C  C   . LEU B 1 80 ? -12.368 1.107   8.573   1.00 49.74  ? 80  LEU B C   1 
ATOM   1434 O  O   . LEU B 1 80 ? -12.216 0.125   7.848   1.00 56.28  ? 80  LEU B O   1 
ATOM   1435 C  CB  . LEU B 1 80 ? -13.072 2.438   6.606   1.00 43.23  ? 80  LEU B CB  1 
ATOM   1436 C  CG  . LEU B 1 80 ? -14.020 3.532   6.144   1.00 53.79  ? 80  LEU B CG  1 
ATOM   1437 C  CD1 . LEU B 1 80 ? -13.803 3.797   4.681   1.00 54.68  ? 80  LEU B CD1 1 
ATOM   1438 C  CD2 . LEU B 1 80 ? -15.459 3.097   6.423   1.00 53.85  ? 80  LEU B CD2 1 
ATOM   1439 N  N   . GLU B 1 81 ? -11.850 1.212   9.791   1.00 58.13  ? 81  GLU B N   1 
ATOM   1440 C  CA  . GLU B 1 81 ? -11.096 0.130   10.399  1.00 67.21  ? 81  GLU B CA  1 
ATOM   1441 C  C   . GLU B 1 81 ? -10.353 -0.695  9.357   1.00 67.94  ? 81  GLU B C   1 
ATOM   1442 O  O   . GLU B 1 81 ? -10.651 -1.869  9.143   1.00 70.81  ? 81  GLU B O   1 
ATOM   1443 C  CB  . GLU B 1 81 ? -12.060 -0.754  11.192  1.00 69.43  ? 81  GLU B CB  1 
ATOM   1444 C  CG  . GLU B 1 81 ? -13.389 -0.996  10.457  1.00 83.39  ? 81  GLU B CG  1 
ATOM   1445 C  CD  . GLU B 1 81 ? -14.447 -1.685  11.313  1.00 92.44  ? 81  GLU B CD  1 
ATOM   1446 O  OE1 . GLU B 1 81 ? -14.717 -1.183  12.428  1.00 93.18  ? 81  GLU B OE1 1 
ATOM   1447 O  OE2 . GLU B 1 81 ? -15.012 -2.716  10.865  1.00 89.40  ? 81  GLU B OE2 1 
ATOM   1448 N  N   . GLY B 1 82 ? -9.400  -0.059  8.690   1.00 66.25  ? 82  GLY B N   1 
ATOM   1449 C  CA  . GLY B 1 82 ? -8.617  -0.757  7.692   1.00 56.25  ? 82  GLY B CA  1 
ATOM   1450 C  C   . GLY B 1 82 ? -9.351  -1.338  6.502   1.00 53.89  ? 82  GLY B C   1 
ATOM   1451 O  O   . GLY B 1 82 ? -8.689  -1.743  5.557   1.00 52.52  ? 82  GLY B O   1 
ATOM   1452 N  N   . HIS B 1 83 ? -10.684 -1.408  6.519   1.00 50.79  ? 83  HIS B N   1 
ATOM   1453 C  CA  . HIS B 1 83 ? -11.396 -1.947  5.357   1.00 47.60  ? 83  HIS B CA  1 
ATOM   1454 C  C   . HIS B 1 83 ? -11.057 -1.138  4.103   1.00 45.13  ? 83  HIS B C   1 
ATOM   1455 O  O   . HIS B 1 83 ? -11.255 -1.583  2.967   1.00 37.97  ? 83  HIS B O   1 
ATOM   1456 C  CB  . HIS B 1 83 ? -12.890 -1.977  5.629   1.00 60.54  ? 83  HIS B CB  1 
ATOM   1457 C  CG  . HIS B 1 83 ? -13.309 -3.147  6.464   1.00 73.68  ? 83  HIS B CG  1 
ATOM   1458 N  ND1 . HIS B 1 83 ? -14.469 -3.162  7.208   1.00 77.77  ? 83  HIS B ND1 1 
ATOM   1459 C  CD2 . HIS B 1 83 ? -12.715 -4.348  6.669   1.00 73.61  ? 83  HIS B CD2 1 
ATOM   1460 C  CE1 . HIS B 1 83 ? -14.571 -4.319  7.839   1.00 79.01  ? 83  HIS B CE1 1 
ATOM   1461 N  NE2 . HIS B 1 83 ? -13.520 -5.057  7.528   1.00 76.91  ? 83  HIS B NE2 1 
ATOM   1462 N  N   . LEU B 1 84 ? -10.535 0.063   4.329   1.00 39.84  ? 84  LEU B N   1 
ATOM   1463 C  CA  . LEU B 1 84 ? -10.064 0.917   3.256   1.00 38.69  ? 84  LEU B CA  1 
ATOM   1464 C  C   . LEU B 1 84 ? -8.633  1.300   3.676   1.00 37.96  ? 84  LEU B C   1 
ATOM   1465 O  O   . LEU B 1 84 ? -8.358  1.680   4.828   1.00 31.66  ? 84  LEU B O   1 
ATOM   1466 C  CB  . LEU B 1 84 ? -10.949 2.168   3.073   1.00 37.93  ? 84  LEU B CB  1 
ATOM   1467 C  CG  . LEU B 1 84 ? -10.368 3.222   2.104   1.00 46.93  ? 84  LEU B CG  1 
ATOM   1468 C  CD1 . LEU B 1 84 ? -11.394 3.731   1.126   1.00 44.72  ? 84  LEU B CD1 1 
ATOM   1469 C  CD2 . LEU B 1 84 ? -9.831  4.379   2.908   1.00 41.98  ? 84  LEU B CD2 1 
ATOM   1470 N  N   . ARG B 1 85 ? -7.720  1.167   2.738   1.00 29.25  ? 85  ARG B N   1 
ATOM   1471 C  CA  . ARG B 1 85 ? -6.340  1.475   3.000   1.00 35.46  ? 85  ARG B CA  1 
ATOM   1472 C  C   . ARG B 1 85 ? -5.970  2.585   2.086   1.00 30.55  ? 85  ARG B C   1 
ATOM   1473 O  O   . ARG B 1 85 ? -6.429  2.634   0.943   1.00 33.39  ? 85  ARG B O   1 
ATOM   1474 C  CB  . ARG B 1 85 ? -5.452  0.269   2.717   1.00 41.90  ? 85  ARG B CB  1 
ATOM   1475 C  CG  . ARG B 1 85 ? -5.134  -0.562  3.941   1.00 57.22  ? 85  ARG B CG  1 
ATOM   1476 C  CD  . ARG B 1 85 ? -4.490  -1.873  3.525   1.00 60.82  ? 85  ARG B CD  1 
ATOM   1477 N  NE  . ARG B 1 85 ? -3.750  -2.522  4.607   1.00 65.92  ? 85  ARG B NE  1 
ATOM   1478 C  CZ  . ARG B 1 85 ? -4.227  -2.747  5.826   1.00 61.07  ? 85  ARG B CZ  1 
ATOM   1479 N  NH1 . ARG B 1 85 ? -5.455  -2.373  6.152   1.00 61.86  ? 85  ARG B NH1 1 
ATOM   1480 N  NH2 . ARG B 1 85 ? -3.468  -3.364  6.722   1.00 68.68  ? 85  ARG B NH2 1 
ATOM   1481 N  N   . PHE B 1 86 ? -5.128  3.475   2.598   1.00 34.19  ? 86  PHE B N   1 
ATOM   1482 C  CA  . PHE B 1 86 ? -4.686  4.627   1.842   1.00 34.91  ? 86  PHE B CA  1 
ATOM   1483 C  C   . PHE B 1 86 ? -3.185  4.821   1.982   1.00 37.42  ? 86  PHE B C   1 
ATOM   1484 O  O   . PHE B 1 86 ? -2.668  4.981   3.098   1.00 32.16  ? 86  PHE B O   1 
ATOM   1485 C  CB  . PHE B 1 86 ? -5.419  5.886   2.330   1.00 27.44  ? 86  PHE B CB  1 
ATOM   1486 C  CG  . PHE B 1 86 ? -4.935  7.153   1.686   1.00 28.70  ? 86  PHE B CG  1 
ATOM   1487 C  CD1 . PHE B 1 86 ? -5.039  7.333   0.300   1.00 34.14  ? 86  PHE B CD1 1 
ATOM   1488 C  CD2 . PHE B 1 86 ? -4.336  8.142   2.443   1.00 27.59  ? 86  PHE B CD2 1 
ATOM   1489 C  CE1 . PHE B 1 86 ? -4.545  8.478   -0.317  1.00 30.83  ? 86  PHE B CE1 1 
ATOM   1490 C  CE2 . PHE B 1 86 ? -3.837  9.300   1.835   1.00 28.55  ? 86  PHE B CE2 1 
ATOM   1491 C  CZ  . PHE B 1 86 ? -3.944  9.464   0.445   1.00 34.95  ? 86  PHE B CZ  1 
ATOM   1492 N  N   . ASN B 1 87 ? -2.491  4.822   0.848   1.00 36.98  ? 87  ASN B N   1 
ATOM   1493 C  CA  . ASN B 1 87 ? -1.036  5.010   0.837   1.00 37.63  ? 87  ASN B CA  1 
ATOM   1494 C  C   . ASN B 1 87 ? -0.574  6.017   -0.199  1.00 28.76  ? 87  ASN B C   1 
ATOM   1495 O  O   . ASN B 1 87 ? -1.010  5.994   -1.363  1.00 38.17  ? 87  ASN B O   1 
ATOM   1496 C  CB  . ASN B 1 87 ? -0.276  3.698   0.510   1.00 47.13  ? 87  ASN B CB  1 
ATOM   1497 C  CG  . ASN B 1 87 ? -0.339  2.666   1.618   1.00 51.06  ? 87  ASN B CG  1 
ATOM   1498 O  OD1 . ASN B 1 87 ? -0.051  2.961   2.784   1.00 55.32  ? 87  ASN B OD1 1 
ATOM   1499 N  ND2 . ASN B 1 87 ? -0.698  1.429   1.248   1.00 53.33  ? 87  ASN B ND2 1 
ATOM   1500 N  N   . VAL B 1 88 ? 0.327   6.887   0.234   1.00 32.46  ? 88  VAL B N   1 
ATOM   1501 C  CA  . VAL B 1 88 ? 0.970   7.849   -0.640  1.00 46.54  ? 88  VAL B CA  1 
ATOM   1502 C  C   . VAL B 1 88 ? 2.292   7.120   -0.824  1.00 48.28  ? 88  VAL B C   1 
ATOM   1503 O  O   . VAL B 1 88 ? 3.134   7.107   0.070   1.00 54.33  ? 88  VAL B O   1 
ATOM   1504 C  CB  . VAL B 1 88 ? 1.205   9.173   0.066   1.00 49.01  ? 88  VAL B CB  1 
ATOM   1505 C  CG1 . VAL B 1 88 ? 1.975   10.124  -0.864  1.00 49.16  ? 88  VAL B CG1 1 
ATOM   1506 C  CG2 . VAL B 1 88 ? -0.126  9.757   0.462   1.00 41.89  ? 88  VAL B CG2 1 
ATOM   1507 N  N   . ARG B 1 89 ? 2.443   6.499   -1.988  1.00 57.01  ? 89  ARG B N   1 
ATOM   1508 C  CA  . ARG B 1 89 ? 3.595   5.671   -2.318  1.00 61.45  ? 89  ARG B CA  1 
ATOM   1509 C  C   . ARG B 1 89 ? 5.027   6.200   -2.235  1.00 68.78  ? 89  ARG B C   1 
ATOM   1510 O  O   . ARG B 1 89 ? 5.310   7.356   -2.536  1.00 66.39  ? 89  ARG B O   1 
ATOM   1511 C  CB  . ARG B 1 89 ? 3.341   5.023   -3.678  1.00 61.81  ? 89  ARG B CB  1 
ATOM   1512 C  CG  . ARG B 1 89 ? 2.120   4.099   -3.655  1.00 64.40  ? 89  ARG B CG  1 
ATOM   1513 C  CD  . ARG B 1 89 ? 2.496   2.695   -3.203  1.00 61.90  ? 89  ARG B CD  1 
ATOM   1514 N  NE  . ARG B 1 89 ? 3.154   1.994   -4.295  1.00 61.72  ? 89  ARG B NE  1 
ATOM   1515 C  CZ  . ARG B 1 89 ? 3.885   0.898   -4.166  1.00 50.13  ? 89  ARG B CZ  1 
ATOM   1516 N  NH1 . ARG B 1 89 ? 4.070   0.350   -2.977  1.00 65.52  ? 89  ARG B NH1 1 
ATOM   1517 N  NH2 . ARG B 1 89 ? 4.429   0.353   -5.234  1.00 61.90  ? 89  ARG B NH2 1 
ATOM   1518 N  N   . HIS B 1 90 ? 5.902   5.273   -1.833  1.00 78.99  ? 90  HIS B N   1 
ATOM   1519 C  CA  . HIS B 1 90 ? 7.344   5.422   -1.604  1.00 83.61  ? 90  HIS B CA  1 
ATOM   1520 C  C   . HIS B 1 90 ? 7.661   6.338   -0.417  1.00 89.15  ? 90  HIS B C   1 
ATOM   1521 O  O   . HIS B 1 90 ? 6.934   7.335   -0.210  1.00 90.05  ? 90  HIS B O   1 
ATOM   1522 C  CB  . HIS B 1 90 ? 8.092   5.905   -2.853  1.00 73.86  ? 90  HIS B CB  1 
ATOM   1523 C  CG  . HIS B 1 90 ? 9.564   5.605   -2.812  1.00 89.19  ? 90  HIS B CG  1 
ATOM   1524 N  ND1 . HIS B 1 90 ? 10.158  4.661   -3.624  1.00 91.65  ? 90  HIS B ND1 1 
ATOM   1525 C  CD2 . HIS B 1 90 ? 10.555  6.094   -2.024  1.00 89.19  ? 90  HIS B CD2 1 
ATOM   1526 C  CE1 . HIS B 1 90 ? 11.447  4.581   -3.339  1.00 87.26  ? 90  HIS B CE1 1 
ATOM   1527 N  NE2 . HIS B 1 90 ? 11.715  5.440   -2.372  1.00 88.39  ? 90  HIS B NE2 1 
ATOM   1528 O  OXT . HIS B 1 90 ? 8.640   6.031   0.308   1.00 95.03  ? 90  HIS B OXT 1 
HETATM 1529 O  O   . HOH C 2 .  ? 3.250   -22.212 -3.661  1.00 30.75  ? 91  HOH A O   1 
HETATM 1530 O  O   . HOH C 2 .  ? 19.911  1.169   12.856  1.00 34.99  ? 92  HOH A O   1 
HETATM 1531 O  O   . HOH C 2 .  ? 23.299  -12.470 -0.438  1.00 37.54  ? 93  HOH A O   1 
HETATM 1532 O  O   . HOH C 2 .  ? 19.912  -4.921  7.150   1.00 34.71  ? 94  HOH A O   1 
HETATM 1533 O  O   . HOH C 2 .  ? -1.249  -15.574 6.696   1.00 40.51  ? 95  HOH A O   1 
HETATM 1534 O  O   . HOH C 2 .  ? 7.495   -14.965 -8.106  1.00 33.11  ? 96  HOH A O   1 
HETATM 1535 O  O   . HOH C 2 .  ? 2.840   -10.922 10.332  1.00 41.32  ? 97  HOH A O   1 
HETATM 1536 O  O   . HOH C 2 .  ? 21.688  -0.833  13.355  1.00 42.22  ? 98  HOH A O   1 
HETATM 1537 O  O   . HOH C 2 .  ? 4.246   -9.121  11.605  1.00 34.90  ? 99  HOH A O   1 
HETATM 1538 O  O   . HOH C 2 .  ? 17.712  -30.403 10.949  1.00 40.30  ? 100 HOH A O   1 
HETATM 1539 O  O   . HOH C 2 .  ? 11.012  4.164   3.053   1.00 59.09  ? 101 HOH A O   1 
HETATM 1540 O  O   . HOH C 2 .  ? 13.922  6.102   14.988  1.00 49.23  ? 102 HOH A O   1 
HETATM 1541 O  O   . HOH C 2 .  ? 15.558  -17.992 -8.852  1.00 54.85  ? 103 HOH A O   1 
HETATM 1542 O  O   . HOH C 2 .  ? 7.643   -23.957 1.499   1.00 44.58  ? 104 HOH A O   1 
HETATM 1543 O  O   . HOH C 2 .  ? 18.314  7.511   6.871   1.00 56.06  ? 105 HOH A O   1 
HETATM 1544 O  O   . HOH D 2 .  ? -1.458  20.542  2.988   1.00 31.84  ? 91  HOH B O   1 
HETATM 1545 O  O   . HOH D 2 .  ? -9.802  17.168  4.802   1.00 34.08  ? 92  HOH B O   1 
HETATM 1546 O  O   . HOH D 2 .  ? -18.033 3.245   0.102   1.00 34.24  ? 93  HOH B O   1 
HETATM 1547 O  O   . HOH D 2 .  ? -19.578 13.739  -11.864 1.00 34.12  ? 94  HOH B O   1 
HETATM 1548 O  O   . HOH D 2 .  ? 5.188   7.627   -5.990  1.00 34.97  ? 95  HOH B O   1 
HETATM 1549 O  O   . HOH D 2 .  ? -17.489 14.401  -10.432 1.00 46.65  ? 96  HOH B O   1 
HETATM 1550 O  O   . HOH D 2 .  ? -19.707 22.185  4.022   1.00 45.49  ? 97  HOH B O   1 
HETATM 1551 O  O   . HOH D 2 .  ? 0.205   17.299  -10.553 1.00 45.46  ? 98  HOH B O   1 
HETATM 1552 O  O   . HOH D 2 .  ? -3.055  6.292   5.878   1.00 36.62  ? 99  HOH B O   1 
HETATM 1553 O  O   . HOH D 2 .  ? -10.239 20.955  -13.787 1.00 51.41  ? 100 HOH B O   1 
HETATM 1554 O  O   . HOH D 2 .  ? -14.177 20.829  -1.992  1.00 48.20  ? 101 HOH B O   1 
HETATM 1555 O  O   . HOH D 2 .  ? -17.641 19.791  0.240   1.00 37.92  ? 102 HOH B O   1 
HETATM 1556 O  O   . HOH D 2 .  ? -22.111 11.442  -2.455  1.00 40.74  ? 103 HOH B O   1 
HETATM 1557 O  O   . HOH D 2 .  ? -8.157  -2.523  -10.195 1.00 56.90  ? 104 HOH B O   1 
HETATM 1558 O  O   . HOH D 2 .  ? -1.437  1.795   5.366   1.00 36.53  ? 105 HOH B O   1 
HETATM 1559 O  O   . HOH D 2 .  ? -6.179  20.280  -0.455  1.00 48.82  ? 106 HOH B O   1 
HETATM 1560 O  O   . HOH D 2 .  ? 3.069   15.971  -9.013  1.00 42.92  ? 107 HOH B O   1 
HETATM 1561 O  O   . HOH D 2 .  ? -19.434 11.844  -9.694  1.00 38.84  ? 108 HOH B O   1 
HETATM 1562 O  O   . HOH D 2 .  ? -4.659  8.402   -12.674 1.00 47.31  ? 109 HOH B O   1 
# 
